data_8QJ7
#
_entry.id   8QJ7
#
_cell.length_a   1.00
_cell.length_b   1.00
_cell.length_c   1.00
_cell.angle_alpha   90.00
_cell.angle_beta   90.00
_cell.angle_gamma   90.00
#
_symmetry.space_group_name_H-M   'P 1'
#
loop_
_entity.id
_entity.type
_entity.pdbx_description
1 polymer 'DNA primase small subunit'
2 polymer 'DNA polymerase alpha catalytic subunit'
3 polymer 'DNA polymerase alpha subunit B'
4 polymer 'DNA primase large subunit'
5 non-polymer 'ZINC ION'
6 non-polymer 'MANGANESE (II) ION'
7 non-polymer "ADENOSINE-5'-TRIPHOSPHATE"
8 non-polymer 'IRON/SULFUR CLUSTER'
#
loop_
_entity_poly.entity_id
_entity_poly.type
_entity_poly.pdbx_seq_one_letter_code
_entity_poly.pdbx_strand_id
1 'polypeptide(L)'
;METFDPTELPELLKLYYRRLFPYSQYYRWLNYGGVIKNYFQHREFSFTLKDDIYIRYQSFNNQSDLEKEMQKMNPYKIDI
GAVYSHRPNQHNTVKLGAFQAQEKELVFDIDMTDYDDVRRCCSSADICPKCWTLMTMAIRIIDRALKEDFGFKHRLWVYS
GRRGVHCWVCDESVRKLSSAVRSGIVEYLSLVKGGQDVKKKVHLSEKIHPFIRKSINIIKKYFEEYALVNQDILENKESW
DKILALVPETIHDELQQSFQKSHNSLQRWEHLKKVASRYQNNIKNDKYGPWLEWEIMLQYCFPRLDINVSKGINHLLKSP
FSVHPKTGRISVPIDLQKVDQFDPFTVPTISFICRELDAISTNEEEKEENEAESDVKHRTRDYKKTSLAPYVKVFEHFLE
NLDKSRKGELLKKSDLQKDF
;
C
2 'polypeptide(L)'
;MAPVHGDDSLSDSGSFVSSRARREKKSKKGRQEALERLKKAKAGEKYKYEVEDFTGVYEEVDEEQYSKLVQARQDDDWIV
DDDGIGYVEDGREIFDDDLEDDALDADEKGKDGKARNKDKRNVKKLAVTKPNNIKSMFIACAGKKTADKAVDLSKDGLLG
DILQDLNTETPQITPPPVMILKKKRSIGASPNPFSVHTATAVPSGKIASPVSRKEPPLTPVPLKRAEFAGDDVQVESTEE
EQESGAMEFEDGDFDEPMEVEEVDLEPMAAKAWDKESEPAEEVKQEADSGKGTVSYLGSFLPDVSCWDIDQEGDSSFSVQ
EVQVDSSHLPLVKGADEEQVFHFYWLDAYEDQYNQPGVVFLFGKVWIESAETHVSCCVMVKNIERTLYFLPREMKIDLNT
GKETGTPISMKDVYEEFDEKIATKYKIMKFKSKPVEKNYAFEIPDVPEKSEYLEVKYSAEMPQLPQDLKGETFSHVFGTN
TSSLELFLMNRKIKGPCWLEVKSPQLLNQPVSWCKVEAMALKPDLVNVIKDVSPPPLVVMAFSMKTMQNAKNHQNEIIAM
AALVHHSFALDKAAPKPPFQSHFCVVSKPKDCIFPYAFKEVIEKKNVKVEVAATERTLLGFFLAKVHKIDPDIIVGHNIY
GFELEVLLQRINVCKAPHWSKIGRLKRSNMPKLGGRSGFGERNATCGRMICDVEISAKELIRCKSYHLSELVQQILKTER
VVIPMENIQNMYSESSQLLYLLEHTWKDAKFILQIMCELNVLPLALQITNIAGNIMSRTLMGGRSERNEFLLLHAFYENN
YIVPDKQIFRKPQQKLGDEDEEIDGDTNKYKKGRKKAAYAGGLVLDPKVGFYDKFILLLDFNSLYPSIIQEFNICFTTVQ
RVASEAQKVTEDGEQEQIPELPDPSLEMGILPREIRKLVERRKQVKQLMKQQDLNPDLILQYDIRQKALKLTANSMYGCL
GFSYSRFYAKPLAALVTYKGREILMHTKEMVQKMNLEVIYGDTDSIMINTNSTNLEEVFKLGNKVKSEVNKLYKLLEIDI
DGVFKSLLLLKKKKYAALVVEPTSDGNYVTKQELKGLDIVRRDWCDLAKDTGNFVIGQILSDQSRDTIVENIQKRLIEIG
ENVLNGSVPVSQFEINKALTKDPQDYPDKKSLPHVHVALWINSQGGRKVKAGDTVSYVICQDGSNLTASQRAYAPEQLQK
QDNLTIDTQYYLAQQIHPVVARICEPIDGIDAVLIATWLGLDPTQFRVHHYHKDEENDALLGGPAQLTDEEKYRDCERFK
CPCPTCGTENIYDNVFDGSGTDMEPSLYRCSNIDCKASPLTFTVQLSNKLIMDIRRFIKKYYDGWLICEEPTCRNRTRHL
PLQFSRTGPLCPACMKATLQPEYSDKSLYTQLCFYRYIFDAECALEKLTTDHEKDKLKKQFFTPKVLQDYRKLKNTAEQF
LSRSGYSEVNLSKLFAGCAVKS
;
A
3 'polypeptide(L)'
;MSASAQQLAEELQIFGLDCEEALIEKLVELCVQYGQNEEGMVGELIAFCTSTHKVGLTSEILNSFEHEFLSKRLSKARHS
TCKDSGHAGARDIVSIQELIEVEEEEEILLNSYTTPSKGSQKRAISTPETPLTKRSVSTRSPHQLLSPSSFSPSATPSQK
YNSRSNRGEVVTSFGLAQGVSWSGRGGAGNISLKVLGCPEALTGSYKSMFQKLPDIREVLTCKIEELGSELKEHYKIEAF
TPLLAPAQEPVTLLGQIGCDSNGKLNNKSVILEGDREHSSGAQIPVDLSELKEYSLFPGQVVIMEGINTTGRKLVATKLY
EGVPLPFYQPTEEDADFEQSMVLVACGPYTTSDSITYDPLLDLIAVINHDRPDVCILFGPFLDAKHEQVENCLLTSPFED
IFKQCLRTIIEGTRSSGSHLVFVPSLRDVHHEPVYPQPPFSYSDLSREDKKQVQFVSEPCSLSINGVIFGLTSTDLLFHL
GAEEISSSSGTSDRFSRILKHILTQRSYYPLYPPQEDMAIDYESFYVYAQLPVTPDVLIIPSELRYFVKDVLGCVCVNPG
RLTKGQVGGTFARLYLRRPAADGAERQSPCIAVQVVRI
;
B
4 'polypeptide(L)'
;MEFSGRKWRKLRLAGDQRNASYPHCLQFYLQPPSENISLIEFENLAIDRVKLLKSVENLGVSYVKGTEQYQSKLESELRK
LKFSYRENLEDEYEPRRRDHISHFILRLAYCQSEELRRWFIQQEMDLLRFRFSILPKDKIQDFLKDSQLQFEAISDEEKT
LREQEIVASSPSLSGLKLGFESIYKIPFADALDLFRGRKVYLEDGFAYVPLKDIVAIILNEFRAKLSKALALTARSLPAV
QSDERLQPLLNHLSHSYTGQDYSTQGNVGKISLDQIDLLSTKSFPPCMRQLHKALRENHHLRHGGRMQYGLFLKGIGLTL
EQALQFWKQEFIKGKMDPDKFDKGYSYNIRHSFGKEGKRTDYTPFSCLKIILSNPPSQGDYHGCPFRHSDPELLKQKLQS
YKISPGGISQILDLVKGTHYQVACQKYFEMIHNVDDCGFSLNHPNQFFCESQRILNGGKDIKKEPIQPETPQPKPSVQKT
KDASSALASLNSSLEMDMEGLEDYFSEDS
;
D
#
loop_
_chem_comp.id
_chem_comp.type
_chem_comp.name
_chem_comp.formula
ATP non-polymer ADENOSINE-5'-TRIPHOSPHATE 'C10 H16 N5 O13 P3'
MN non-polymer 'MANGANESE (II) ION' 'Mn 2'
SF4 non-polymer 'IRON/SULFUR CLUSTER' 'Fe4 S4'
ZN non-polymer 'ZINC ION' 'Zn 2'
#
# COMPACT_ATOMS: atom_id res chain seq x y z
N THR A 3 64.98 -7.83 22.02
CA THR A 3 64.85 -6.90 20.91
C THR A 3 65.59 -7.41 19.68
N PHE A 4 65.72 -6.55 18.67
CA PHE A 4 66.44 -6.91 17.46
C PHE A 4 66.71 -5.63 16.67
N ASP A 5 67.92 -5.53 16.15
CA ASP A 5 68.35 -4.31 15.46
C ASP A 5 67.50 -4.10 14.22
N PRO A 6 66.81 -2.96 14.09
CA PRO A 6 66.01 -2.72 12.88
C PRO A 6 66.84 -2.29 11.67
N THR A 7 68.02 -1.70 11.87
CA THR A 7 68.85 -1.36 10.73
C THR A 7 69.18 -2.60 9.91
N GLU A 8 69.38 -3.73 10.57
CA GLU A 8 69.60 -5.00 9.90
C GLU A 8 68.31 -5.75 9.61
N LEU A 9 67.17 -5.28 10.10
CA LEU A 9 65.92 -6.00 9.84
C LEU A 9 65.63 -6.14 8.36
N PRO A 10 65.61 -5.08 7.55
CA PRO A 10 65.26 -5.28 6.13
C PRO A 10 66.05 -6.38 5.47
N GLU A 11 67.38 -6.23 5.39
CA GLU A 11 68.20 -7.27 4.79
C GLU A 11 67.83 -8.64 5.34
N LEU A 12 68.05 -8.84 6.64
CA LEU A 12 67.68 -10.12 7.24
C LEU A 12 66.23 -10.46 6.94
N LEU A 13 65.30 -9.53 7.19
CA LEU A 13 63.92 -9.80 6.86
C LEU A 13 63.80 -10.20 5.40
N LYS A 14 64.36 -9.40 4.49
CA LYS A 14 64.44 -9.80 3.10
C LYS A 14 64.89 -11.25 3.00
N LEU A 15 66.10 -11.53 3.47
CA LEU A 15 66.58 -12.91 3.52
C LEU A 15 65.50 -13.83 4.08
N TYR A 16 65.05 -13.55 5.31
CA TYR A 16 63.96 -14.32 5.88
C TYR A 16 62.82 -14.46 4.89
N TYR A 17 62.20 -13.33 4.53
CA TYR A 17 61.01 -13.39 3.70
C TYR A 17 61.31 -13.94 2.33
N ARG A 18 62.59 -14.03 1.96
CA ARG A 18 62.95 -14.59 0.67
C ARG A 18 63.05 -16.11 0.73
N ARG A 19 63.53 -16.66 1.85
CA ARG A 19 63.97 -18.05 1.84
C ARG A 19 63.63 -18.85 3.10
N LEU A 20 62.72 -18.37 3.95
CA LEU A 20 62.46 -19.08 5.21
C LEU A 20 60.96 -19.26 5.48
N PHE A 21 60.12 -18.49 4.81
CA PHE A 21 58.68 -18.64 5.01
C PHE A 21 58.18 -19.90 4.29
N PRO A 22 57.36 -20.72 4.95
CA PRO A 22 56.88 -21.98 4.31
C PRO A 22 55.69 -21.76 3.38
N TYR A 23 55.98 -21.29 2.17
CA TYR A 23 54.91 -20.87 1.26
C TYR A 23 53.98 -22.02 0.91
N SER A 24 54.53 -23.19 0.61
CA SER A 24 53.69 -24.33 0.24
C SER A 24 52.80 -24.74 1.40
N GLN A 25 53.38 -24.92 2.58
CA GLN A 25 52.59 -25.32 3.75
C GLN A 25 51.63 -24.20 4.16
N TYR A 26 52.06 -22.94 4.03
CA TYR A 26 51.17 -21.84 4.35
C TYR A 26 49.94 -21.84 3.44
N TYR A 27 50.15 -22.04 2.15
CA TYR A 27 49.03 -22.14 1.22
C TYR A 27 48.13 -23.31 1.57
N ARG A 28 48.73 -24.48 1.83
CA ARG A 28 47.92 -25.65 2.16
C ARG A 28 47.05 -25.36 3.38
N TRP A 29 47.65 -24.81 4.43
CA TRP A 29 46.89 -24.49 5.65
C TRP A 29 45.77 -23.51 5.34
N LEU A 30 46.12 -22.30 4.89
CA LEU A 30 45.12 -21.26 4.73
C LEU A 30 44.08 -21.61 3.68
N ASN A 31 44.34 -22.56 2.79
CA ASN A 31 43.33 -23.02 1.86
C ASN A 31 42.52 -24.18 2.40
N TYR A 32 43.03 -24.89 3.41
CA TYR A 32 42.28 -25.96 4.06
C TYR A 32 41.74 -26.95 3.04
N GLY A 33 42.62 -27.37 2.13
CA GLY A 33 42.27 -28.29 1.08
C GLY A 33 41.66 -27.66 -0.15
N GLY A 34 41.44 -26.35 -0.15
CA GLY A 34 40.82 -25.70 -1.30
C GLY A 34 39.47 -26.28 -1.65
N VAL A 35 38.65 -26.57 -0.63
CA VAL A 35 37.35 -27.20 -0.87
C VAL A 35 36.24 -26.17 -1.07
N ILE A 36 36.48 -24.90 -0.72
CA ILE A 36 35.49 -23.84 -0.86
C ILE A 36 35.97 -22.88 -1.94
N LYS A 37 35.06 -22.47 -2.82
CA LYS A 37 35.43 -21.59 -3.91
C LYS A 37 35.87 -20.24 -3.38
N ASN A 38 36.98 -19.73 -3.93
CA ASN A 38 37.55 -18.44 -3.55
C ASN A 38 37.95 -18.37 -2.09
N TYR A 39 38.00 -19.51 -1.39
CA TYR A 39 38.35 -19.49 0.02
C TYR A 39 39.71 -18.87 0.24
N PHE A 40 40.72 -19.34 -0.50
CA PHE A 40 42.04 -18.72 -0.42
C PHE A 40 42.02 -17.30 -0.97
N GLN A 41 41.29 -17.06 -2.05
CA GLN A 41 41.25 -15.72 -2.65
C GLN A 41 40.55 -14.71 -1.77
N HIS A 42 39.60 -15.14 -0.94
CA HIS A 42 38.80 -14.24 -0.13
C HIS A 42 39.39 -13.99 1.25
N ARG A 43 40.45 -14.68 1.62
CA ARG A 43 41.07 -14.51 2.93
C ARG A 43 41.64 -13.10 3.05
N GLU A 44 41.43 -12.46 4.19
CA GLU A 44 42.06 -11.18 4.44
C GLU A 44 43.43 -11.37 5.06
N PHE A 45 44.42 -10.65 4.52
CA PHE A 45 45.75 -10.59 5.08
C PHE A 45 46.05 -9.15 5.47
N SER A 46 46.76 -8.97 6.58
CA SER A 46 47.13 -7.65 7.06
C SER A 46 48.65 -7.57 7.14
N PHE A 47 49.21 -6.46 6.69
CA PHE A 47 50.64 -6.25 6.69
C PHE A 47 50.97 -4.97 7.43
N THR A 48 51.79 -5.09 8.47
CA THR A 48 52.33 -3.94 9.17
C THR A 48 53.76 -3.71 8.68
N LEU A 49 53.97 -2.59 8.01
CA LEU A 49 55.23 -2.24 7.38
C LEU A 49 56.05 -1.36 8.30
N LYS A 50 57.13 -0.79 7.76
CA LYS A 50 58.03 0.04 8.55
C LYS A 50 57.30 1.27 9.08
N ASP A 51 57.68 1.69 10.28
CA ASP A 51 57.09 2.85 10.94
C ASP A 51 55.67 2.60 11.42
N ASP A 52 55.32 1.34 11.62
CA ASP A 52 54.02 0.92 12.14
C ASP A 52 52.86 1.23 11.20
N ILE A 53 53.15 1.66 9.97
CA ILE A 53 52.08 1.87 9.00
C ILE A 53 51.59 0.51 8.52
N TYR A 54 50.30 0.25 8.72
CA TYR A 54 49.72 -1.05 8.45
C TYR A 54 48.57 -0.90 7.45
N ILE A 55 48.45 -1.88 6.57
CA ILE A 55 47.40 -1.93 5.57
C ILE A 55 46.51 -3.12 5.89
N ARG A 56 45.24 -2.99 5.49
CA ARG A 56 44.24 -4.01 5.79
C ARG A 56 43.55 -4.41 4.50
N TYR A 57 42.78 -5.49 4.57
CA TYR A 57 42.00 -6.00 3.44
C TYR A 57 42.90 -6.37 2.27
N GLN A 58 44.12 -6.81 2.57
CA GLN A 58 45.04 -7.32 1.56
C GLN A 58 44.72 -8.78 1.29
N SER A 59 44.86 -9.19 0.03
CA SER A 59 44.59 -10.57 -0.35
C SER A 59 45.42 -10.91 -1.59
N PHE A 60 45.35 -12.18 -2.00
CA PHE A 60 46.16 -12.69 -3.10
C PHE A 60 45.38 -13.74 -3.88
N ASN A 61 45.91 -14.06 -5.06
CA ASN A 61 45.24 -15.02 -5.93
C ASN A 61 45.71 -16.45 -5.68
N ASN A 62 47.02 -16.65 -5.62
CA ASN A 62 47.58 -17.99 -5.46
C ASN A 62 48.92 -17.88 -4.73
N GLN A 63 49.58 -19.02 -4.57
CA GLN A 63 50.86 -19.04 -3.85
C GLN A 63 51.91 -18.20 -4.57
N SER A 64 51.94 -18.27 -5.90
CA SER A 64 52.92 -17.48 -6.65
C SER A 64 52.67 -15.99 -6.48
N ASP A 65 51.40 -15.57 -6.50
CA ASP A 65 51.09 -14.16 -6.29
C ASP A 65 51.49 -13.72 -4.89
N LEU A 66 51.23 -14.57 -3.89
CA LEU A 66 51.65 -14.25 -2.53
C LEU A 66 53.17 -14.09 -2.46
N GLU A 67 53.90 -15.01 -3.07
CA GLU A 67 55.35 -14.92 -3.08
C GLU A 67 55.81 -13.62 -3.72
N LYS A 68 55.25 -13.30 -4.89
CA LYS A 68 55.65 -12.09 -5.60
C LYS A 68 55.42 -10.86 -4.74
N GLU A 69 54.19 -10.69 -4.23
CA GLU A 69 53.87 -9.47 -3.49
C GLU A 69 54.66 -9.40 -2.19
N MET A 70 54.80 -10.53 -1.49
CA MET A 70 55.48 -10.53 -0.20
C MET A 70 56.96 -10.27 -0.35
N GLN A 71 57.57 -10.75 -1.44
CA GLN A 71 58.97 -10.40 -1.70
C GLN A 71 59.09 -8.94 -2.15
N LYS A 72 58.13 -8.47 -2.95
CA LYS A 72 58.16 -7.10 -3.44
C LYS A 72 58.11 -6.11 -2.29
N MET A 73 57.23 -6.36 -1.32
CA MET A 73 57.09 -5.47 -0.16
C MET A 73 57.97 -5.91 0.99
N ASN A 74 58.06 -7.21 1.25
CA ASN A 74 58.73 -7.74 2.44
C ASN A 74 58.04 -7.20 3.69
N PRO A 75 56.75 -7.50 3.86
CA PRO A 75 56.02 -6.92 5.00
C PRO A 75 56.68 -7.28 6.32
N TYR A 76 56.80 -6.27 7.19
CA TYR A 76 57.49 -6.47 8.46
C TYR A 76 56.73 -7.46 9.34
N LYS A 77 55.41 -7.34 9.39
CA LYS A 77 54.58 -8.25 10.17
C LYS A 77 53.37 -8.66 9.33
N ILE A 78 53.05 -9.96 9.38
CA ILE A 78 51.96 -10.53 8.60
C ILE A 78 50.94 -11.12 9.56
N ASP A 79 49.67 -10.79 9.35
CA ASP A 79 48.57 -11.32 10.13
C ASP A 79 47.50 -11.86 9.18
N ILE A 80 46.73 -12.83 9.66
CA ILE A 80 45.66 -13.43 8.87
C ILE A 80 44.33 -12.86 9.36
N GLY A 81 43.36 -12.79 8.44
CA GLY A 81 42.05 -12.26 8.76
C GLY A 81 40.94 -13.25 8.51
N ALA A 82 39.74 -12.75 8.27
CA ALA A 82 38.57 -13.59 8.04
C ALA A 82 38.32 -13.77 6.56
N VAL A 83 37.59 -14.83 6.22
CA VAL A 83 37.20 -15.11 4.85
C VAL A 83 35.93 -14.32 4.54
N TYR A 84 36.08 -13.23 3.80
CA TYR A 84 34.97 -12.33 3.52
C TYR A 84 34.15 -12.84 2.34
N SER A 85 33.04 -12.13 2.08
CA SER A 85 32.17 -12.50 0.98
C SER A 85 32.89 -12.39 -0.36
N HIS A 86 33.66 -11.32 -0.54
CA HIS A 86 34.41 -11.07 -1.76
C HIS A 86 35.90 -10.97 -1.45
N ARG A 87 36.68 -10.67 -2.47
CA ARG A 87 38.12 -10.53 -2.29
C ARG A 87 38.40 -9.29 -1.45
N PRO A 88 39.11 -9.41 -0.33
CA PRO A 88 39.40 -8.20 0.47
C PRO A 88 40.14 -7.13 -0.31
N ASN A 89 41.01 -7.52 -1.24
CA ASN A 89 41.78 -6.54 -2.00
C ASN A 89 40.87 -5.54 -2.70
N GLN A 90 39.71 -5.99 -3.18
CA GLN A 90 38.73 -5.13 -3.84
C GLN A 90 37.62 -4.68 -2.91
N HIS A 91 37.91 -4.54 -1.62
CA HIS A 91 36.89 -4.15 -0.66
C HIS A 91 36.24 -2.82 -1.03
N ASN A 92 37.01 -1.90 -1.62
CA ASN A 92 36.44 -0.62 -2.03
C ASN A 92 35.38 -0.82 -3.10
N THR A 93 35.60 -1.74 -4.03
CA THR A 93 34.68 -1.97 -5.13
C THR A 93 33.45 -2.77 -4.74
N VAL A 94 33.21 -2.95 -3.44
CA VAL A 94 32.03 -3.66 -2.95
C VAL A 94 31.09 -2.66 -2.31
N LYS A 95 29.79 -2.97 -2.36
CA LYS A 95 28.79 -2.08 -1.80
C LYS A 95 29.02 -1.91 -0.30
N LEU A 96 28.75 -0.71 0.20
CA LEU A 96 28.87 -0.45 1.63
C LEU A 96 27.88 -1.30 2.40
N GLY A 97 28.39 -2.18 3.26
CA GLY A 97 27.59 -3.06 4.07
C GLY A 97 27.46 -4.46 3.51
N ALA A 98 27.69 -4.65 2.21
CA ALA A 98 27.66 -5.98 1.61
C ALA A 98 28.97 -6.72 1.77
N PHE A 99 30.05 -6.03 2.11
CA PHE A 99 31.35 -6.65 2.36
C PHE A 99 31.48 -6.87 3.87
N GLN A 100 31.21 -8.10 4.32
CA GLN A 100 31.19 -8.42 5.73
C GLN A 100 31.92 -9.74 5.96
N ALA A 101 32.63 -9.82 7.08
CA ALA A 101 33.32 -11.06 7.43
C ALA A 101 32.33 -12.21 7.52
N GLN A 102 32.72 -13.34 6.95
CA GLN A 102 31.86 -14.52 6.89
C GLN A 102 32.39 -15.69 7.70
N GLU A 103 33.70 -15.91 7.73
CA GLU A 103 34.27 -17.04 8.47
C GLU A 103 35.69 -16.71 8.89
N LYS A 104 36.06 -17.20 10.07
CA LYS A 104 37.44 -17.13 10.55
C LYS A 104 37.66 -18.22 11.58
N GLU A 105 38.91 -18.65 11.70
CA GLU A 105 39.24 -19.68 12.68
C GLU A 105 39.13 -19.12 14.08
N LEU A 106 38.91 -20.01 15.05
CA LEU A 106 38.75 -19.56 16.43
C LEU A 106 40.12 -19.37 17.07
N VAL A 107 40.43 -18.13 17.45
CA VAL A 107 41.78 -17.78 17.88
C VAL A 107 41.74 -17.36 19.35
N PHE A 108 42.68 -17.92 20.11
CA PHE A 108 42.88 -17.56 21.50
C PHE A 108 44.27 -16.97 21.64
N ASP A 109 44.41 -15.98 22.53
CA ASP A 109 45.65 -15.24 22.72
C ASP A 109 45.94 -15.12 24.21
N ILE A 110 47.12 -15.57 24.63
CA ILE A 110 47.53 -15.50 26.02
C ILE A 110 48.80 -14.66 26.09
N ASP A 111 48.79 -13.67 26.99
CA ASP A 111 49.90 -12.75 27.17
C ASP A 111 50.51 -12.93 28.55
N MET A 112 51.82 -12.70 28.66
CA MET A 112 52.49 -12.85 29.95
C MET A 112 52.36 -11.59 30.80
N THR A 113 52.13 -10.43 30.16
CA THR A 113 51.93 -9.19 30.91
C THR A 113 50.76 -9.31 31.88
N ASP A 114 49.74 -10.07 31.52
CA ASP A 114 48.59 -10.25 32.39
C ASP A 114 48.96 -10.93 33.70
N TYR A 115 50.12 -11.56 33.76
CA TYR A 115 50.64 -12.19 34.98
C TYR A 115 51.58 -11.28 35.75
N ASP A 116 51.62 -9.99 35.44
CA ASP A 116 52.44 -9.06 36.22
C ASP A 116 51.99 -9.02 37.67
N ASP A 117 50.67 -9.03 37.90
CA ASP A 117 50.16 -9.09 39.27
C ASP A 117 50.50 -10.41 39.95
N VAL A 118 50.94 -11.41 39.19
CA VAL A 118 51.11 -12.77 39.71
C VAL A 118 52.54 -13.23 39.41
N ARG A 119 53.48 -12.28 39.30
CA ARG A 119 54.87 -12.59 39.01
C ARG A 119 55.80 -11.77 39.88
N ARG A 120 56.95 -12.36 40.21
CA ARG A 120 57.97 -11.72 41.01
C ARG A 120 59.34 -11.66 40.36
N CYS A 121 59.77 -12.72 39.68
CA CYS A 121 61.12 -12.76 39.12
C CYS A 121 61.26 -11.79 37.96
N CYS A 122 60.49 -12.00 36.90
CA CYS A 122 60.51 -11.13 35.72
C CYS A 122 59.26 -10.26 35.71
N SER A 123 59.24 -9.30 34.80
CA SER A 123 58.11 -8.38 34.67
C SER A 123 58.01 -7.94 33.22
N SER A 124 56.81 -7.51 32.84
CA SER A 124 56.52 -7.04 31.48
C SER A 124 56.87 -8.18 30.52
N ALA A 125 57.60 -7.94 29.44
CA ALA A 125 57.96 -8.99 28.50
C ALA A 125 59.13 -9.84 28.97
N ASP A 126 59.81 -9.44 30.04
CA ASP A 126 60.93 -10.23 30.54
C ASP A 126 60.46 -11.61 30.95
N ILE A 127 61.24 -12.63 30.55
CA ILE A 127 60.90 -14.02 30.82
C ILE A 127 62.16 -14.74 31.27
N CYS A 128 61.98 -15.72 32.15
CA CYS A 128 63.03 -16.62 32.58
C CYS A 128 62.44 -18.02 32.69
N PRO A 129 63.29 -19.06 32.69
CA PRO A 129 62.74 -20.42 32.75
C PRO A 129 61.86 -20.67 33.95
N LYS A 130 62.09 -19.97 35.07
CA LYS A 130 61.29 -20.20 36.26
C LYS A 130 59.82 -19.83 36.02
N CYS A 131 59.58 -18.69 35.38
CA CYS A 131 58.24 -18.18 35.21
C CYS A 131 57.53 -18.71 33.97
N TRP A 132 58.27 -19.16 32.96
CA TRP A 132 57.63 -19.65 31.75
C TRP A 132 56.68 -20.81 32.02
N THR A 133 56.89 -21.55 33.12
CA THR A 133 56.03 -22.69 33.42
C THR A 133 54.56 -22.30 33.38
N LEU A 134 54.24 -21.08 33.81
CA LEU A 134 52.87 -20.59 33.72
C LEU A 134 52.27 -20.95 32.36
N MET A 135 52.86 -20.44 31.27
CA MET A 135 52.33 -20.74 29.95
C MET A 135 52.14 -22.24 29.78
N THR A 136 53.18 -23.02 30.08
CA THR A 136 53.04 -24.47 30.01
C THR A 136 51.74 -24.91 30.65
N MET A 137 51.60 -24.66 31.96
CA MET A 137 50.38 -25.04 32.65
C MET A 137 49.17 -24.51 31.91
N ALA A 138 49.15 -23.20 31.64
CA ALA A 138 48.04 -22.64 30.88
C ALA A 138 47.74 -23.48 29.66
N ILE A 139 48.72 -23.66 28.79
CA ILE A 139 48.50 -24.45 27.58
C ILE A 139 47.81 -25.74 27.94
N ARG A 140 48.43 -26.54 28.82
CA ARG A 140 47.85 -27.80 29.23
C ARG A 140 46.36 -27.63 29.51
N ILE A 141 46.03 -26.80 30.51
CA ILE A 141 44.64 -26.63 30.88
C ILE A 141 43.81 -26.34 29.64
N ILE A 142 44.14 -25.26 28.94
CA ILE A 142 43.29 -24.85 27.82
C ILE A 142 43.22 -25.97 26.79
N ASP A 143 44.35 -26.58 26.47
CA ASP A 143 44.32 -27.68 25.51
C ASP A 143 43.33 -28.74 25.96
N ARG A 144 43.47 -29.20 27.19
CA ARG A 144 42.53 -30.18 27.70
C ARG A 144 41.11 -29.66 27.58
N ALA A 145 40.88 -28.41 27.98
CA ALA A 145 39.53 -27.86 27.94
C ALA A 145 39.00 -27.86 26.50
N LEU A 146 39.87 -27.58 25.53
CA LEU A 146 39.43 -27.64 24.15
C LEU A 146 39.31 -29.07 23.66
N LYS A 147 40.19 -29.95 24.15
CA LYS A 147 40.21 -31.32 23.64
C LYS A 147 39.04 -32.13 24.17
N GLU A 148 38.71 -31.98 25.45
CA GLU A 148 37.68 -32.81 26.07
C GLU A 148 36.32 -32.11 26.08
N ASP A 149 36.24 -30.95 26.72
CA ASP A 149 34.94 -30.31 26.93
C ASP A 149 34.29 -29.93 25.60
N PHE A 150 35.06 -29.32 24.70
CA PHE A 150 34.52 -28.84 23.43
C PHE A 150 34.75 -29.79 22.28
N GLY A 151 35.75 -30.67 22.36
CA GLY A 151 36.01 -31.64 21.32
C GLY A 151 36.45 -31.02 20.01
N PHE A 152 37.35 -30.04 20.08
CA PHE A 152 37.98 -29.47 18.90
C PHE A 152 39.26 -30.22 18.62
N LYS A 153 39.38 -30.80 17.43
CA LYS A 153 40.46 -31.72 17.13
C LYS A 153 41.69 -31.05 16.56
N HIS A 154 41.51 -30.05 15.70
CA HIS A 154 42.61 -29.42 14.96
C HIS A 154 42.99 -28.12 15.67
N ARG A 155 43.87 -28.23 16.66
CA ARG A 155 44.38 -27.08 17.38
C ARG A 155 45.87 -26.92 17.09
N LEU A 156 46.25 -25.74 16.63
CA LEU A 156 47.64 -25.40 16.37
C LEU A 156 48.08 -24.37 17.41
N TRP A 157 49.04 -24.75 18.25
CA TRP A 157 49.55 -23.89 19.30
C TRP A 157 50.88 -23.30 18.86
N VAL A 158 50.99 -21.98 18.91
CA VAL A 158 52.14 -21.27 18.40
C VAL A 158 52.68 -20.35 19.49
N TYR A 159 53.99 -20.16 19.49
CA TYR A 159 54.61 -19.23 20.41
C TYR A 159 54.41 -17.80 19.90
N SER A 160 53.84 -16.95 20.75
CA SER A 160 53.57 -15.57 20.34
C SER A 160 54.86 -14.86 19.96
N GLY A 161 55.98 -15.25 20.56
CA GLY A 161 57.28 -14.74 20.17
C GLY A 161 58.02 -14.05 21.30
N ARG A 162 57.31 -13.26 22.09
CA ARG A 162 57.94 -12.49 23.16
C ARG A 162 57.37 -12.80 24.55
N ARG A 163 56.05 -12.71 24.73
CA ARG A 163 55.50 -12.74 26.07
C ARG A 163 54.21 -13.57 26.16
N GLY A 164 54.06 -14.59 25.33
CA GLY A 164 52.88 -15.42 25.44
C GLY A 164 52.75 -16.39 24.27
N VAL A 165 51.52 -16.84 24.06
CA VAL A 165 51.23 -17.86 23.05
C VAL A 165 49.90 -17.57 22.37
N HIS A 166 49.69 -18.27 21.26
CA HIS A 166 48.47 -18.19 20.48
C HIS A 166 47.97 -19.60 20.18
N CYS A 167 46.65 -19.72 20.03
CA CYS A 167 46.02 -20.99 19.69
C CYS A 167 45.05 -20.76 18.54
N TRP A 168 45.18 -21.56 17.49
CA TRP A 168 44.28 -21.53 16.34
C TRP A 168 43.47 -22.82 16.33
N VAL A 169 42.16 -22.70 16.26
CA VAL A 169 41.26 -23.84 16.10
C VAL A 169 40.63 -23.71 14.73
N CYS A 170 40.81 -24.75 13.91
CA CYS A 170 40.55 -24.68 12.47
C CYS A 170 39.51 -25.72 12.04
N ASP A 171 38.79 -26.30 13.00
CA ASP A 171 37.75 -27.25 12.66
C ASP A 171 36.70 -26.59 11.77
N GLU A 172 36.20 -27.34 10.81
CA GLU A 172 35.26 -26.77 9.83
C GLU A 172 34.05 -26.17 10.53
N SER A 173 33.53 -26.84 11.56
CA SER A 173 32.42 -26.29 12.32
C SER A 173 32.85 -25.05 13.11
N VAL A 174 34.06 -25.09 13.68
CA VAL A 174 34.52 -23.97 14.51
C VAL A 174 34.63 -22.70 13.68
N ARG A 175 35.07 -22.83 12.43
CA ARG A 175 35.26 -21.65 11.58
C ARG A 175 33.97 -20.91 11.29
N LYS A 176 32.81 -21.53 11.52
CA LYS A 176 31.53 -20.92 11.21
C LYS A 176 30.84 -20.32 12.44
N LEU A 177 31.44 -20.42 13.61
CA LEU A 177 30.80 -19.90 14.81
C LEU A 177 30.70 -18.37 14.75
N SER A 178 29.57 -17.84 15.22
CA SER A 178 29.36 -16.41 15.22
C SER A 178 30.14 -15.76 16.37
N SER A 179 30.09 -14.43 16.42
CA SER A 179 30.78 -13.70 17.48
C SER A 179 30.19 -14.03 18.84
N ALA A 180 28.87 -14.21 18.94
CA ALA A 180 28.25 -14.53 20.21
C ALA A 180 28.74 -15.88 20.74
N VAL A 181 28.84 -16.87 19.86
CA VAL A 181 29.31 -18.19 20.29
C VAL A 181 30.77 -18.12 20.72
N ARG A 182 31.57 -17.32 20.01
CA ARG A 182 32.96 -17.15 20.42
C ARG A 182 33.05 -16.49 21.79
N SER A 183 32.22 -15.49 22.05
CA SER A 183 32.20 -14.86 23.36
C SER A 183 31.78 -15.85 24.43
N GLY A 184 30.80 -16.69 24.14
CA GLY A 184 30.39 -17.71 25.09
C GLY A 184 31.50 -18.71 25.37
N ILE A 185 32.23 -19.11 24.34
CA ILE A 185 33.36 -20.02 24.53
C ILE A 185 34.42 -19.38 25.41
N VAL A 186 34.74 -18.11 25.15
CA VAL A 186 35.72 -17.41 25.98
C VAL A 186 35.24 -17.35 27.42
N GLU A 187 33.96 -17.07 27.62
CA GLU A 187 33.42 -17.03 28.98
C GLU A 187 33.54 -18.38 29.67
N TYR A 188 33.24 -19.46 28.95
CA TYR A 188 33.37 -20.79 29.51
C TYR A 188 34.81 -21.12 29.88
N LEU A 189 35.76 -20.77 29.03
CA LEU A 189 37.16 -21.09 29.26
C LEU A 189 37.87 -20.05 30.11
N SER A 190 37.13 -19.21 30.82
CA SER A 190 37.70 -18.15 31.66
C SER A 190 37.14 -18.25 33.06
N LEU A 191 38.02 -18.20 34.06
CA LEU A 191 37.62 -18.24 35.46
C LEU A 191 38.16 -17.07 36.28
N VAL A 192 39.35 -16.57 35.96
CA VAL A 192 39.93 -15.46 36.70
C VAL A 192 39.23 -14.18 36.26
N LYS A 193 38.32 -13.68 37.08
CA LYS A 193 37.54 -12.50 36.77
C LYS A 193 37.95 -11.35 37.68
N GLY A 194 37.99 -10.15 37.11
CA GLY A 194 38.35 -8.97 37.85
C GLY A 194 39.77 -8.51 37.56
N GLY A 195 39.99 -7.20 37.69
CA GLY A 195 41.28 -6.61 37.42
C GLY A 195 42.03 -6.26 38.69
N GLN A 196 43.02 -5.37 38.52
CA GLN A 196 43.85 -4.97 39.65
C GLN A 196 43.05 -4.28 40.75
N ASP A 197 41.91 -3.68 40.41
CA ASP A 197 41.13 -2.97 41.41
C ASP A 197 40.69 -3.90 42.53
N VAL A 198 40.39 -5.14 42.20
CA VAL A 198 39.93 -6.13 43.18
C VAL A 198 41.11 -6.97 43.61
N LYS A 199 41.39 -6.97 44.92
CA LYS A 199 42.49 -7.75 45.47
C LYS A 199 42.24 -9.25 45.27
N LYS A 200 41.02 -9.71 45.52
CA LYS A 200 40.68 -11.11 45.35
C LYS A 200 40.06 -11.30 43.96
N LYS A 201 40.84 -11.83 43.03
CA LYS A 201 40.45 -11.91 41.63
C LYS A 201 39.81 -13.25 41.26
N VAL A 202 39.61 -14.15 42.21
CA VAL A 202 39.03 -15.46 41.95
C VAL A 202 38.00 -15.76 43.03
N HIS A 203 36.83 -16.26 42.62
CA HIS A 203 35.78 -16.66 43.53
C HIS A 203 35.14 -17.93 43.00
N LEU A 204 35.01 -18.93 43.87
CA LEU A 204 34.48 -20.24 43.48
C LEU A 204 33.13 -20.48 44.15
N SER A 205 32.21 -21.03 43.38
CA SER A 205 30.90 -21.39 43.92
C SER A 205 31.02 -22.63 44.80
N GLU A 206 29.92 -22.96 45.49
CA GLU A 206 29.93 -24.10 46.39
C GLU A 206 30.24 -25.39 45.63
N LYS A 207 29.61 -25.58 44.48
CA LYS A 207 29.85 -26.77 43.65
C LYS A 207 30.96 -26.47 42.66
N ILE A 208 31.87 -27.43 42.50
CA ILE A 208 33.03 -27.28 41.63
C ILE A 208 32.69 -27.86 40.27
N HIS A 209 32.76 -27.02 39.24
CA HIS A 209 32.46 -27.47 37.90
C HIS A 209 33.48 -28.51 37.45
N PRO A 210 33.07 -29.54 36.72
CA PRO A 210 34.05 -30.55 36.28
C PRO A 210 35.19 -29.96 35.49
N PHE A 211 34.94 -28.91 34.71
CA PHE A 211 36.04 -28.15 34.13
C PHE A 211 36.95 -27.60 35.22
N ILE A 212 36.37 -27.02 36.26
CA ILE A 212 37.15 -26.47 37.36
C ILE A 212 37.86 -27.59 38.12
N ARG A 213 37.17 -28.71 38.34
CA ARG A 213 37.79 -29.83 39.04
C ARG A 213 38.98 -30.37 38.26
N LYS A 214 38.84 -30.51 36.95
CA LYS A 214 39.94 -31.03 36.14
C LYS A 214 41.09 -30.04 36.07
N SER A 215 40.77 -28.74 36.02
CA SER A 215 41.83 -27.73 36.09
C SER A 215 42.57 -27.82 37.41
N ILE A 216 41.84 -28.01 38.51
CA ILE A 216 42.47 -28.17 39.82
C ILE A 216 43.38 -29.40 39.83
N ASN A 217 42.89 -30.51 39.27
CA ASN A 217 43.69 -31.72 39.23
C ASN A 217 44.98 -31.51 38.43
N ILE A 218 44.87 -30.83 37.29
CA ILE A 218 46.05 -30.55 36.48
C ILE A 218 47.02 -29.66 37.23
N ILE A 219 46.49 -28.62 37.90
CA ILE A 219 47.35 -27.66 38.57
C ILE A 219 48.06 -28.31 39.76
N LYS A 220 47.38 -29.22 40.45
CA LYS A 220 48.00 -29.91 41.58
C LYS A 220 49.27 -30.63 41.17
N LYS A 221 49.40 -30.99 39.90
CA LYS A 221 50.58 -31.71 39.44
C LYS A 221 51.80 -30.80 39.38
N TYR A 222 51.61 -29.54 38.99
CA TYR A 222 52.73 -28.62 38.74
C TYR A 222 52.85 -27.50 39.77
N PHE A 223 51.93 -27.42 40.74
CA PHE A 223 51.94 -26.27 41.64
C PHE A 223 53.21 -26.21 42.47
N GLU A 224 53.63 -27.34 43.03
CA GLU A 224 54.76 -27.35 43.95
C GLU A 224 56.03 -26.86 43.27
N GLU A 225 56.32 -27.39 42.08
CA GLU A 225 57.56 -27.03 41.39
C GLU A 225 57.56 -25.55 41.02
N TYR A 226 56.44 -25.05 40.50
CA TYR A 226 56.41 -23.68 40.01
C TYR A 226 56.42 -22.66 41.13
N ALA A 227 55.61 -22.88 42.18
CA ALA A 227 55.35 -21.82 43.14
C ALA A 227 56.23 -21.91 44.38
N LEU A 228 56.49 -23.13 44.86
CA LEU A 228 57.05 -23.28 46.20
C LEU A 228 58.57 -23.23 46.25
N VAL A 229 59.24 -23.23 45.10
CA VAL A 229 60.71 -23.26 45.09
C VAL A 229 61.28 -22.11 44.28
N ASN A 230 60.78 -21.92 43.06
CA ASN A 230 61.38 -20.94 42.16
C ASN A 230 61.09 -19.52 42.62
N GLN A 231 59.88 -19.26 43.08
CA GLN A 231 59.48 -17.90 43.47
C GLN A 231 59.57 -17.66 44.98
N ASP A 232 59.50 -18.72 45.79
CA ASP A 232 59.54 -18.58 47.24
C ASP A 232 58.50 -17.58 47.72
N ILE A 233 57.26 -17.78 47.26
CA ILE A 233 56.17 -16.88 47.59
C ILE A 233 55.94 -16.79 49.09
N LEU A 234 56.41 -17.77 49.85
CA LEU A 234 56.32 -17.76 51.31
C LEU A 234 57.69 -17.57 51.95
N GLU A 235 58.58 -16.84 51.28
CA GLU A 235 59.95 -16.69 51.79
C GLU A 235 59.96 -16.00 53.14
N ASN A 236 59.29 -14.86 53.25
CA ASN A 236 59.29 -14.07 54.47
C ASN A 236 58.01 -13.25 54.50
N LYS A 237 57.95 -12.27 55.42
CA LYS A 237 56.76 -11.43 55.52
C LYS A 237 56.51 -10.69 54.21
N GLU A 238 57.56 -10.13 53.61
CA GLU A 238 57.40 -9.40 52.36
C GLU A 238 56.83 -10.28 51.26
N SER A 239 57.00 -11.59 51.36
CA SER A 239 56.50 -12.53 50.35
C SER A 239 55.14 -13.13 50.70
N TRP A 240 54.97 -13.59 51.94
CA TRP A 240 53.71 -14.23 52.31
C TRP A 240 52.62 -13.24 52.68
N ASP A 241 52.94 -11.95 52.82
CA ASP A 241 51.90 -10.95 53.02
C ASP A 241 50.96 -10.90 51.83
N LYS A 242 51.49 -11.06 50.62
CA LYS A 242 50.64 -11.07 49.44
C LYS A 242 49.65 -12.23 49.49
N ILE A 243 50.11 -13.42 49.88
CA ILE A 243 49.22 -14.56 50.00
C ILE A 243 48.19 -14.31 51.09
N LEU A 244 48.62 -13.77 52.23
CA LEU A 244 47.70 -13.51 53.33
C LEU A 244 46.63 -12.50 52.94
N ALA A 245 46.97 -11.53 52.09
CA ALA A 245 46.03 -10.48 51.75
C ALA A 245 44.69 -11.05 51.28
N LEU A 246 44.74 -12.11 50.47
CA LEU A 246 43.53 -12.75 49.95
C LEU A 246 43.06 -13.89 50.85
N VAL A 247 43.30 -13.79 52.15
CA VAL A 247 42.89 -14.80 53.12
C VAL A 247 42.09 -14.09 54.21
N PRO A 248 41.09 -14.72 54.82
CA PRO A 248 40.33 -14.05 55.88
C PRO A 248 41.23 -13.61 57.02
N GLU A 249 40.94 -12.43 57.56
CA GLU A 249 41.75 -11.87 58.64
C GLU A 249 41.65 -12.66 59.93
N THR A 250 40.54 -13.37 60.15
CA THR A 250 40.34 -14.07 61.42
C THR A 250 41.49 -15.01 61.73
N ILE A 251 42.11 -15.60 60.71
CA ILE A 251 43.22 -16.52 60.89
C ILE A 251 44.56 -15.86 60.58
N HIS A 252 44.54 -14.65 59.99
CA HIS A 252 45.78 -13.99 59.60
C HIS A 252 46.81 -14.05 60.73
N ASP A 253 46.45 -13.52 61.90
CA ASP A 253 47.35 -13.59 63.05
C ASP A 253 47.96 -14.98 63.18
N GLU A 254 47.12 -15.99 63.37
CA GLU A 254 47.63 -17.35 63.49
C GLU A 254 48.53 -17.69 62.31
N LEU A 255 48.03 -17.45 61.09
CA LEU A 255 48.87 -17.69 59.92
C LEU A 255 50.18 -16.96 60.04
N GLN A 256 50.13 -15.65 60.32
CA GLN A 256 51.37 -14.91 60.52
C GLN A 256 52.24 -15.61 61.55
N GLN A 257 51.67 -15.94 62.70
CA GLN A 257 52.43 -16.64 63.72
C GLN A 257 53.07 -17.89 63.13
N SER A 258 52.26 -18.73 62.49
CA SER A 258 52.81 -19.93 61.88
C SER A 258 53.84 -19.56 60.82
N PHE A 259 53.52 -18.58 59.98
CA PHE A 259 54.48 -18.13 58.99
C PHE A 259 55.74 -17.60 59.66
N GLN A 260 55.58 -16.94 60.81
CA GLN A 260 56.73 -16.51 61.58
C GLN A 260 57.42 -17.69 62.24
N LYS A 261 56.65 -18.70 62.66
CA LYS A 261 57.22 -19.88 63.28
C LYS A 261 57.64 -20.93 62.25
N SER A 262 57.14 -20.84 61.02
CA SER A 262 57.53 -21.78 59.98
C SER A 262 58.86 -21.35 59.36
N HIS A 263 59.42 -22.25 58.54
CA HIS A 263 60.74 -22.02 57.95
C HIS A 263 60.77 -22.10 56.43
N ASN A 264 59.80 -22.75 55.78
CA ASN A 264 59.83 -22.90 54.33
C ASN A 264 58.39 -22.91 53.82
N SER A 265 58.25 -23.05 52.50
CA SER A 265 56.94 -22.96 51.87
C SER A 265 56.12 -24.22 52.08
N LEU A 266 56.76 -25.39 52.14
CA LEU A 266 56.00 -26.64 52.15
C LEU A 266 55.22 -26.82 53.45
N GLN A 267 55.87 -26.61 54.59
CA GLN A 267 55.17 -26.77 55.86
C GLN A 267 54.13 -25.67 56.04
N ARG A 268 54.39 -24.48 55.52
CA ARG A 268 53.37 -23.43 55.53
C ARG A 268 52.16 -23.85 54.70
N TRP A 269 52.40 -24.49 53.56
CA TRP A 269 51.31 -25.04 52.77
C TRP A 269 50.51 -26.05 53.58
N GLU A 270 51.20 -26.97 54.25
CA GLU A 270 50.52 -27.99 55.03
C GLU A 270 49.70 -27.36 56.16
N HIS A 271 50.28 -26.37 56.84
CA HIS A 271 49.59 -25.75 57.97
C HIS A 271 48.41 -24.91 57.51
N LEU A 272 48.55 -24.24 56.36
CA LEU A 272 47.42 -23.52 55.79
C LEU A 272 46.31 -24.48 55.41
N LYS A 273 46.67 -25.63 54.83
CA LYS A 273 45.67 -26.65 54.54
C LYS A 273 44.95 -27.09 55.81
N LYS A 274 45.71 -27.32 56.88
CA LYS A 274 45.11 -27.76 58.14
C LYS A 274 44.17 -26.68 58.69
N VAL A 275 44.61 -25.42 58.69
CA VAL A 275 43.78 -24.35 59.23
C VAL A 275 42.51 -24.18 58.39
N ALA A 276 42.64 -24.26 57.07
CA ALA A 276 41.46 -24.18 56.22
C ALA A 276 40.50 -25.32 56.50
N SER A 277 41.03 -26.53 56.68
CA SER A 277 40.20 -27.66 57.09
C SER A 277 39.66 -27.47 58.50
N ARG A 278 40.18 -26.51 59.26
CA ARG A 278 39.66 -26.17 60.58
C ARG A 278 39.11 -24.76 60.66
N TYR A 279 39.25 -23.97 59.60
CA TYR A 279 38.62 -22.65 59.56
C TYR A 279 37.25 -22.76 58.94
N GLN A 280 36.22 -22.50 59.73
CA GLN A 280 34.83 -22.66 59.30
C GLN A 280 34.47 -21.51 58.38
N ASN A 281 34.49 -21.76 57.07
CA ASN A 281 34.16 -20.71 56.12
C ASN A 281 32.76 -20.15 56.38
N ASN A 282 31.78 -21.03 56.52
CA ASN A 282 30.41 -20.65 56.86
C ASN A 282 30.06 -21.25 58.21
N ILE A 283 29.71 -20.39 59.17
CA ILE A 283 29.45 -20.87 60.52
C ILE A 283 28.23 -21.78 60.55
N LYS A 284 27.24 -21.52 59.70
CA LYS A 284 26.06 -22.38 59.65
C LYS A 284 26.45 -23.85 59.54
N ASN A 285 27.14 -24.21 58.47
CA ASN A 285 27.59 -25.57 58.27
C ASN A 285 28.98 -25.77 58.88
N ASP A 286 29.42 -27.02 58.96
CA ASP A 286 30.76 -27.38 59.40
C ASP A 286 31.68 -27.64 58.20
N LYS A 287 31.31 -27.13 57.03
CA LYS A 287 32.08 -27.38 55.82
C LYS A 287 33.44 -26.72 55.92
N TYR A 288 34.48 -27.48 55.58
CA TYR A 288 35.81 -26.95 55.37
C TYR A 288 36.33 -27.45 54.03
N GLY A 289 37.10 -26.61 53.36
CA GLY A 289 37.66 -26.96 52.09
C GLY A 289 38.90 -26.15 51.77
N PRO A 290 39.59 -26.51 50.69
CA PRO A 290 40.74 -25.73 50.26
C PRO A 290 40.32 -24.47 49.51
N TRP A 291 39.04 -24.12 49.58
CA TRP A 291 38.53 -22.96 48.84
C TRP A 291 39.50 -21.79 48.89
N LEU A 292 40.07 -21.52 50.06
CA LEU A 292 41.17 -20.57 50.11
C LEU A 292 42.40 -21.12 49.40
N GLU A 293 42.76 -22.38 49.67
CA GLU A 293 43.92 -23.00 49.03
C GLU A 293 43.71 -23.11 47.52
N TRP A 294 42.55 -23.61 47.11
CA TRP A 294 42.29 -23.79 45.68
C TRP A 294 42.14 -22.45 44.98
N GLU A 295 41.56 -21.45 45.66
CA GLU A 295 41.52 -20.12 45.08
C GLU A 295 42.92 -19.56 44.90
N ILE A 296 43.79 -19.78 45.89
CA ILE A 296 45.18 -19.34 45.75
C ILE A 296 45.82 -20.02 44.54
N MET A 297 45.64 -21.33 44.43
N MET A 297 45.64 -21.33 44.43
CA MET A 297 46.27 -22.07 43.34
CA MET A 297 46.26 -22.08 43.34
C MET A 297 45.77 -21.57 41.98
C MET A 297 45.77 -21.59 41.99
N LEU A 298 44.45 -21.49 41.81
CA LEU A 298 43.90 -21.06 40.52
C LEU A 298 44.29 -19.62 40.21
N GLN A 299 44.20 -18.73 41.21
CA GLN A 299 44.53 -17.33 40.97
C GLN A 299 46.00 -17.17 40.59
N TYR A 300 46.87 -17.97 41.19
CA TYR A 300 48.29 -17.91 40.90
C TYR A 300 48.67 -18.66 39.63
N CYS A 301 47.79 -19.53 39.12
CA CYS A 301 48.13 -20.37 37.97
C CYS A 301 47.08 -20.41 36.87
N PHE A 302 45.81 -20.17 37.15
CA PHE A 302 44.78 -20.36 36.14
C PHE A 302 45.03 -19.43 34.95
N PRO A 303 44.85 -19.90 33.72
CA PRO A 303 45.14 -19.04 32.55
C PRO A 303 44.19 -17.85 32.48
N ARG A 304 44.69 -16.77 31.88
CA ARG A 304 43.90 -15.59 31.58
C ARG A 304 43.94 -15.33 30.08
N LEU A 305 42.80 -14.96 29.51
CA LEU A 305 42.67 -14.82 28.07
C LEU A 305 42.36 -13.38 27.69
N ASP A 306 42.79 -12.98 26.49
CA ASP A 306 42.47 -11.66 25.95
C ASP A 306 41.09 -11.75 25.30
N ILE A 307 40.10 -11.13 25.94
CA ILE A 307 38.72 -11.32 25.53
C ILE A 307 38.46 -10.65 24.19
N ASN A 308 38.79 -9.36 24.08
CA ASN A 308 38.47 -8.62 22.86
C ASN A 308 39.15 -9.22 21.64
N VAL A 309 40.30 -9.87 21.82
CA VAL A 309 41.01 -10.46 20.69
C VAL A 309 40.17 -11.55 20.04
N SER A 310 39.54 -12.39 20.87
CA SER A 310 38.76 -13.51 20.35
C SER A 310 37.31 -13.14 20.06
N LYS A 311 36.79 -12.08 20.68
CA LYS A 311 35.39 -11.73 20.50
C LYS A 311 35.09 -11.42 19.04
N GLY A 312 35.94 -10.62 18.40
CA GLY A 312 35.66 -10.16 17.05
C GLY A 312 35.89 -11.25 16.01
N ILE A 313 34.98 -11.33 15.05
CA ILE A 313 35.15 -12.26 13.93
C ILE A 313 36.29 -11.80 13.04
N ASN A 314 36.43 -10.49 12.84
CA ASN A 314 37.43 -9.94 11.96
C ASN A 314 38.75 -9.59 12.66
N HIS A 315 38.85 -9.87 13.96
CA HIS A 315 40.09 -9.57 14.68
C HIS A 315 41.26 -10.34 14.06
N LEU A 316 42.37 -9.64 13.85
CA LEU A 316 43.53 -10.22 13.20
C LEU A 316 44.53 -10.73 14.23
N LEU A 317 45.28 -11.76 13.86
CA LEU A 317 46.28 -12.35 14.72
C LEU A 317 47.55 -12.61 13.93
N LYS A 318 48.69 -12.59 14.63
CA LYS A 318 49.97 -12.80 13.97
C LYS A 318 50.04 -14.19 13.38
N SER A 319 50.58 -14.29 12.16
CA SER A 319 50.64 -15.57 11.48
C SER A 319 51.73 -16.45 12.09
N PRO A 320 51.58 -17.77 12.00
CA PRO A 320 52.69 -18.66 12.36
C PRO A 320 53.88 -18.44 11.44
N PHE A 321 55.07 -18.67 11.98
CA PHE A 321 56.34 -18.44 11.28
C PHE A 321 56.53 -16.98 10.92
N SER A 322 55.95 -16.06 11.66
CA SER A 322 56.14 -14.63 11.42
C SER A 322 57.05 -14.03 12.48
N VAL A 323 58.00 -13.21 12.05
CA VAL A 323 58.99 -12.65 12.95
C VAL A 323 58.34 -11.59 13.83
N HIS A 324 58.80 -11.50 15.08
CA HIS A 324 58.31 -10.50 16.01
C HIS A 324 59.15 -9.23 15.87
N PRO A 325 58.56 -8.10 15.45
CA PRO A 325 59.38 -6.90 15.24
C PRO A 325 60.09 -6.41 16.50
N LYS A 326 59.46 -6.51 17.67
CA LYS A 326 60.04 -5.97 18.88
C LYS A 326 61.00 -6.93 19.58
N THR A 327 61.11 -8.17 19.12
CA THR A 327 62.09 -9.10 19.64
C THR A 327 62.84 -9.89 18.58
N GLY A 328 62.37 -9.89 17.33
CA GLY A 328 62.99 -10.67 16.29
C GLY A 328 62.66 -12.15 16.34
N ARG A 329 61.90 -12.59 17.33
CA ARG A 329 61.54 -13.99 17.44
C ARG A 329 60.49 -14.36 16.38
N ILE A 330 60.51 -15.63 15.98
CA ILE A 330 59.60 -16.15 14.97
C ILE A 330 58.49 -16.92 15.67
N SER A 331 57.26 -16.67 15.26
CA SER A 331 56.12 -17.42 15.77
C SER A 331 56.24 -18.87 15.32
N VAL A 332 56.63 -19.75 16.23
CA VAL A 332 56.90 -21.15 15.91
C VAL A 332 55.84 -22.03 16.57
N PRO A 333 55.25 -22.99 15.88
CA PRO A 333 54.31 -23.90 16.54
C PRO A 333 54.97 -24.59 17.73
N ILE A 334 54.21 -24.66 18.84
CA ILE A 334 54.68 -25.29 20.06
C ILE A 334 54.21 -26.74 20.04
N ASP A 335 55.15 -27.67 20.16
CA ASP A 335 54.83 -29.09 20.09
C ASP A 335 54.11 -29.50 21.38
N LEU A 336 52.92 -30.09 21.24
CA LEU A 336 52.15 -30.48 22.40
C LEU A 336 52.85 -31.57 23.20
N GLN A 337 53.40 -32.58 22.51
CA GLN A 337 54.04 -33.68 23.21
C GLN A 337 55.26 -33.24 24.00
N LYS A 338 55.93 -32.16 23.57
CA LYS A 338 57.09 -31.62 24.27
C LYS A 338 56.77 -30.28 24.93
N VAL A 339 55.48 -29.98 25.14
CA VAL A 339 55.10 -28.66 25.63
C VAL A 339 55.84 -28.32 26.91
N ASP A 340 56.03 -29.32 27.78
CA ASP A 340 56.79 -29.08 29.00
C ASP A 340 58.25 -28.73 28.69
N GLN A 341 58.85 -29.43 27.72
CA GLN A 341 60.26 -29.22 27.41
C GLN A 341 60.50 -28.03 26.49
N PHE A 342 59.44 -27.45 25.92
CA PHE A 342 59.62 -26.29 25.05
C PHE A 342 60.30 -25.17 25.83
N ASP A 343 61.20 -24.47 25.15
CA ASP A 343 61.96 -23.39 25.77
C ASP A 343 61.92 -22.17 24.86
N PRO A 344 61.26 -21.07 25.26
CA PRO A 344 61.24 -19.89 24.37
C PRO A 344 62.62 -19.33 24.08
N PHE A 345 63.55 -19.45 25.03
CA PHE A 345 64.89 -18.91 24.80
C PHE A 345 65.66 -19.69 23.75
N THR A 346 65.50 -21.01 23.70
CA THR A 346 66.11 -21.83 22.65
C THR A 346 65.42 -21.65 21.31
N VAL A 347 64.29 -20.97 21.26
CA VAL A 347 63.64 -20.73 19.98
C VAL A 347 64.63 -20.02 19.05
N PRO A 348 64.97 -20.58 17.89
CA PRO A 348 66.02 -19.96 17.09
C PRO A 348 65.55 -18.67 16.45
N THR A 349 66.22 -17.58 16.80
CA THR A 349 65.87 -16.25 16.33
C THR A 349 66.13 -16.13 14.84
N ILE A 350 65.56 -15.09 14.24
CA ILE A 350 65.81 -14.81 12.83
C ILE A 350 67.32 -14.69 12.60
N SER A 351 68.00 -13.99 13.50
CA SER A 351 69.45 -13.91 13.43
C SER A 351 70.08 -15.30 13.55
N PHE A 352 69.57 -16.12 14.47
CA PHE A 352 70.17 -17.43 14.71
C PHE A 352 69.94 -18.36 13.53
N ILE A 353 68.71 -18.40 13.00
CA ILE A 353 68.45 -19.25 11.84
C ILE A 353 69.20 -18.73 10.62
N CYS A 354 69.38 -17.41 10.51
CA CYS A 354 70.15 -16.86 9.41
C CYS A 354 71.62 -17.26 9.52
N ARG A 355 72.18 -17.21 10.73
CA ARG A 355 73.53 -17.68 10.94
C ARG A 355 73.66 -19.16 10.57
N GLU A 356 72.76 -19.99 11.09
CA GLU A 356 72.75 -21.40 10.71
C GLU A 356 72.67 -21.54 9.19
N LEU A 357 71.95 -20.62 8.54
CA LEU A 357 71.86 -20.63 7.08
C LEU A 357 73.13 -20.06 6.46
N ASP A 358 73.58 -18.90 6.94
CA ASP A 358 74.76 -18.23 6.40
C ASP A 358 75.97 -18.61 7.26
N ALA A 359 76.26 -19.90 7.31
CA ALA A 359 77.44 -20.40 8.01
C ALA A 359 77.88 -21.73 7.43
N ASP A 382 66.91 -25.32 1.85
CA ASP A 382 65.66 -25.94 2.25
C ASP A 382 65.45 -25.80 3.75
N TYR A 383 64.18 -25.77 4.18
CA TYR A 383 63.88 -25.57 5.59
C TYR A 383 64.47 -26.68 6.46
N LYS A 384 64.57 -27.89 5.92
CA LYS A 384 65.13 -28.99 6.70
C LYS A 384 66.61 -28.79 7.01
N LYS A 385 67.29 -27.87 6.33
CA LYS A 385 68.68 -27.59 6.63
C LYS A 385 68.86 -26.77 7.89
N THR A 386 67.80 -26.15 8.40
CA THR A 386 67.88 -25.24 9.52
C THR A 386 67.14 -25.81 10.73
N SER A 387 67.06 -25.02 11.81
CA SER A 387 66.37 -25.42 13.01
C SER A 387 64.87 -25.18 12.92
N LEU A 388 64.37 -24.63 11.82
CA LEU A 388 62.94 -24.59 11.57
C LEU A 388 62.39 -25.95 11.18
N ALA A 389 63.25 -26.93 10.95
CA ALA A 389 62.79 -28.26 10.55
C ALA A 389 61.83 -28.87 11.57
N PRO A 390 62.11 -28.85 12.87
CA PRO A 390 61.13 -29.41 13.82
C PRO A 390 59.85 -28.60 13.93
N TYR A 391 59.94 -27.27 13.92
CA TYR A 391 58.74 -26.45 13.96
C TYR A 391 57.91 -26.67 12.70
N VAL A 392 58.57 -26.69 11.54
CA VAL A 392 57.87 -26.99 10.30
C VAL A 392 57.30 -28.40 10.34
N LYS A 393 57.96 -29.32 11.05
CA LYS A 393 57.44 -30.67 11.17
C LYS A 393 56.15 -30.71 11.99
N VAL A 394 56.12 -29.96 13.10
CA VAL A 394 54.89 -29.88 13.88
C VAL A 394 53.78 -29.25 13.07
N PHE A 395 54.09 -28.18 12.34
CA PHE A 395 53.10 -27.54 11.49
C PHE A 395 52.59 -28.50 10.42
N GLU A 396 53.50 -29.25 9.80
CA GLU A 396 53.11 -30.18 8.75
C GLU A 396 52.29 -31.34 9.32
N HIS A 397 52.59 -31.75 10.56
CA HIS A 397 51.78 -32.76 11.21
C HIS A 397 50.36 -32.25 11.43
N PHE A 398 50.23 -30.99 11.85
CA PHE A 398 48.90 -30.40 11.99
C PHE A 398 48.17 -30.37 10.65
N LEU A 399 48.87 -29.96 9.58
CA LEU A 399 48.25 -29.93 8.26
C LEU A 399 47.88 -31.33 7.79
N GLU A 400 48.72 -32.33 8.10
CA GLU A 400 48.43 -33.69 7.71
C GLU A 400 47.22 -34.24 8.45
N ASN A 401 47.08 -33.90 9.73
CA ASN A 401 45.87 -34.25 10.45
C ASN A 401 44.65 -33.60 9.82
N LEU A 402 44.77 -32.32 9.46
CA LEU A 402 43.67 -31.63 8.78
C LEU A 402 43.28 -32.36 7.51
N ASP A 403 44.27 -32.71 6.68
CA ASP A 403 43.98 -33.40 5.42
C ASP A 403 43.38 -34.78 5.66
N LYS A 404 43.89 -35.49 6.67
CA LYS A 404 43.35 -36.80 7.00
C LYS A 404 41.89 -36.71 7.39
N SER A 405 41.53 -35.69 8.17
CA SER A 405 40.14 -35.50 8.52
C SER A 405 39.28 -35.28 7.29
N ARG A 406 39.86 -34.77 6.20
CA ARG A 406 39.15 -34.62 4.95
C ARG A 406 39.05 -35.96 4.23
N GLU B 338 43.71 42.53 -20.65
CA GLU B 338 42.67 41.66 -21.18
C GLU B 338 41.29 42.08 -20.69
N GLN B 339 40.34 42.17 -21.61
CA GLN B 339 38.98 42.60 -21.30
C GLN B 339 38.17 41.40 -20.82
N VAL B 340 37.49 41.56 -19.69
CA VAL B 340 36.58 40.55 -19.16
C VAL B 340 35.35 41.27 -18.63
N PHE B 341 34.19 40.64 -18.82
CA PHE B 341 32.95 41.16 -18.29
C PHE B 341 32.20 40.06 -17.54
N HIS B 342 31.44 40.47 -16.55
CA HIS B 342 30.65 39.57 -15.73
C HIS B 342 29.19 40.03 -15.74
N PHE B 343 28.29 39.05 -15.70
CA PHE B 343 26.87 39.32 -15.81
C PHE B 343 26.10 38.29 -14.99
N TYR B 344 24.90 38.67 -14.59
CA TYR B 344 24.00 37.81 -13.84
C TYR B 344 23.16 37.02 -14.83
N TRP B 345 23.49 35.75 -15.02
CA TRP B 345 22.72 34.90 -15.92
C TRP B 345 21.41 34.49 -15.27
N LEU B 346 20.36 34.42 -16.07
CA LEU B 346 19.02 34.07 -15.59
C LEU B 346 18.48 32.79 -16.21
N ASP B 347 18.70 32.59 -17.50
CA ASP B 347 18.23 31.38 -18.17
C ASP B 347 19.19 31.04 -19.31
N ALA B 348 19.21 29.76 -19.67
CA ALA B 348 20.05 29.26 -20.74
C ALA B 348 19.23 28.40 -21.69
N TYR B 349 19.54 28.49 -22.98
CA TYR B 349 18.82 27.78 -24.02
C TYR B 349 19.77 26.88 -24.79
N GLU B 350 19.32 25.66 -25.07
CA GLU B 350 20.10 24.69 -25.83
C GLU B 350 19.23 24.01 -26.88
N ASP B 351 19.85 23.67 -28.00
CA ASP B 351 19.21 22.88 -29.05
C ASP B 351 20.22 21.89 -29.58
N GLN B 352 19.80 20.64 -29.74
CA GLN B 352 20.67 19.57 -30.21
C GLN B 352 20.70 19.42 -31.72
N TYR B 353 19.87 20.17 -32.44
CA TYR B 353 19.78 20.03 -33.89
C TYR B 353 20.18 21.30 -34.63
N ASN B 354 19.61 22.45 -34.27
CA ASN B 354 19.95 23.69 -34.97
C ASN B 354 21.39 24.11 -34.70
N GLN B 355 21.80 24.11 -33.43
CA GLN B 355 23.15 24.50 -33.04
C GLN B 355 23.67 23.50 -32.03
N PRO B 356 23.90 22.26 -32.45
CA PRO B 356 24.41 21.25 -31.52
C PRO B 356 25.76 21.65 -30.95
N GLY B 357 25.97 21.31 -29.68
CA GLY B 357 27.21 21.64 -29.01
C GLY B 357 27.36 23.08 -28.59
N VAL B 358 26.31 23.88 -28.71
CA VAL B 358 26.34 25.29 -28.33
C VAL B 358 25.22 25.54 -27.34
N VAL B 359 25.52 26.24 -26.26
CA VAL B 359 24.54 26.61 -25.25
C VAL B 359 24.46 28.12 -25.21
N PHE B 360 23.25 28.65 -25.44
CA PHE B 360 23.00 30.08 -25.30
C PHE B 360 22.59 30.37 -23.87
N LEU B 361 23.07 31.50 -23.34
CA LEU B 361 22.95 31.81 -21.93
C LEU B 361 22.64 33.30 -21.79
N PHE B 362 21.43 33.60 -21.30
CA PHE B 362 20.90 34.95 -21.26
C PHE B 362 20.99 35.50 -19.85
N GLY B 363 20.98 36.83 -19.73
CA GLY B 363 21.00 37.45 -18.43
C GLY B 363 21.09 38.96 -18.53
N LYS B 364 21.46 39.56 -17.40
CA LYS B 364 21.61 40.99 -17.27
C LYS B 364 23.08 41.35 -17.04
N VAL B 365 23.58 42.28 -17.82
CA VAL B 365 24.96 42.75 -17.71
C VAL B 365 24.94 44.23 -17.35
N TRP B 366 25.76 44.59 -16.36
CA TRP B 366 25.88 45.99 -16.00
C TRP B 366 26.61 46.75 -17.10
N ILE B 367 26.12 47.95 -17.41
CA ILE B 367 26.74 48.85 -18.37
C ILE B 367 26.98 50.18 -17.68
N GLU B 368 28.23 50.65 -17.73
CA GLU B 368 28.61 51.91 -17.08
C GLU B 368 28.17 53.12 -17.89
N SER B 369 28.15 53.01 -19.22
CA SER B 369 27.77 54.15 -20.05
C SER B 369 26.36 54.61 -19.71
N ALA B 370 25.42 53.67 -19.61
CA ALA B 370 24.07 53.97 -19.16
C ALA B 370 23.91 53.75 -17.66
N GLU B 371 24.99 53.43 -16.96
CA GLU B 371 24.99 53.22 -15.51
C GLU B 371 23.74 52.47 -15.06
N THR B 372 23.52 51.31 -15.69
CA THR B 372 22.33 50.52 -15.42
C THR B 372 22.64 49.06 -15.77
N HIS B 373 21.60 48.25 -15.89
CA HIS B 373 21.73 46.86 -16.30
C HIS B 373 20.91 46.64 -17.56
N VAL B 374 21.47 45.90 -18.51
CA VAL B 374 20.87 45.71 -19.82
C VAL B 374 20.91 44.24 -20.18
N SER B 375 20.04 43.85 -21.10
CA SER B 375 19.99 42.47 -21.55
C SER B 375 21.30 42.06 -22.21
N CYS B 376 21.66 40.79 -22.04
CA CYS B 376 22.88 40.27 -22.65
C CYS B 376 22.72 38.77 -22.88
N CYS B 377 23.45 38.27 -23.88
CA CYS B 377 23.40 36.88 -24.26
C CYS B 377 24.81 36.43 -24.65
N VAL B 378 25.27 35.32 -24.07
CA VAL B 378 26.57 34.76 -24.39
C VAL B 378 26.36 33.32 -24.87
N MET B 379 26.98 32.97 -25.98
CA MET B 379 26.90 31.63 -26.53
C MET B 379 28.21 30.91 -26.26
N VAL B 380 28.13 29.72 -25.66
CA VAL B 380 29.29 28.91 -25.33
C VAL B 380 29.32 27.73 -26.31
N LYS B 381 30.43 27.59 -27.02
CA LYS B 381 30.60 26.56 -28.03
C LYS B 381 31.56 25.49 -27.54
N ASN B 382 31.74 24.46 -28.37
CA ASN B 382 32.71 23.40 -28.11
C ASN B 382 32.46 22.74 -26.76
N ILE B 383 31.19 22.57 -26.41
CA ILE B 383 30.83 21.79 -25.22
C ILE B 383 30.94 20.33 -25.63
N GLU B 384 32.02 19.68 -25.19
CA GLU B 384 32.35 18.35 -25.69
C GLU B 384 31.63 17.28 -24.90
N ARG B 385 30.95 16.38 -25.62
CA ARG B 385 30.31 15.24 -24.99
C ARG B 385 31.33 14.43 -24.21
N THR B 386 30.95 14.02 -23.00
CA THR B 386 31.76 13.20 -22.12
C THR B 386 31.06 11.88 -21.91
N LEU B 387 31.76 10.78 -22.19
CA LEU B 387 31.23 9.43 -22.04
C LEU B 387 32.15 8.63 -21.14
N TYR B 388 31.58 7.71 -20.37
CA TYR B 388 32.34 6.87 -19.44
C TYR B 388 32.13 5.42 -19.80
N PHE B 389 33.18 4.77 -20.30
CA PHE B 389 33.13 3.35 -20.65
C PHE B 389 33.56 2.54 -19.44
N LEU B 390 32.63 1.75 -18.90
CA LEU B 390 32.89 0.77 -17.86
C LEU B 390 33.42 -0.49 -18.53
N PRO B 391 34.65 -0.91 -18.24
CA PRO B 391 35.20 -2.08 -18.94
C PRO B 391 34.93 -3.38 -18.18
N ARG B 392 34.79 -4.46 -18.95
CA ARG B 392 34.69 -5.78 -18.35
C ARG B 392 36.01 -6.19 -17.73
N GLU B 393 35.93 -6.90 -16.60
CA GLU B 393 37.13 -7.42 -15.95
C GLU B 393 37.79 -8.52 -16.74
N MET B 394 37.09 -9.14 -17.69
CA MET B 394 37.64 -10.24 -18.47
C MET B 394 36.94 -10.25 -19.82
N LYS B 395 37.73 -10.30 -20.89
CA LYS B 395 37.17 -10.20 -22.23
C LYS B 395 36.26 -11.38 -22.52
N ILE B 396 35.10 -11.09 -23.12
CA ILE B 396 34.13 -12.11 -23.51
C ILE B 396 33.68 -11.83 -24.93
N ASP B 397 33.51 -12.88 -25.71
CA ASP B 397 33.09 -12.73 -27.10
C ASP B 397 31.76 -11.96 -27.17
N LEU B 398 31.72 -10.93 -28.01
CA LEU B 398 30.50 -10.14 -28.13
C LEU B 398 29.42 -10.90 -28.89
N ASN B 399 29.82 -11.83 -29.77
CA ASN B 399 28.83 -12.58 -30.53
C ASN B 399 28.00 -13.48 -29.62
N THR B 400 28.61 -14.06 -28.58
CA THR B 400 27.93 -14.99 -27.71
C THR B 400 28.15 -14.74 -26.22
N GLY B 401 29.09 -13.86 -25.84
CA GLY B 401 29.36 -13.60 -24.45
C GLY B 401 30.24 -14.61 -23.77
N LYS B 402 30.73 -15.61 -24.48
CA LYS B 402 31.53 -16.67 -23.87
C LYS B 402 32.94 -16.18 -23.60
N GLU B 403 33.67 -16.97 -22.83
CA GLU B 403 35.03 -16.63 -22.45
C GLU B 403 35.93 -16.58 -23.68
N THR B 404 36.87 -15.63 -23.68
CA THR B 404 37.90 -15.55 -24.71
C THR B 404 39.21 -16.22 -24.28
N GLY B 405 39.76 -15.82 -23.14
CA GLY B 405 40.95 -16.46 -22.61
C GLY B 405 42.01 -15.51 -22.12
N THR B 406 41.72 -14.20 -22.14
CA THR B 406 42.68 -13.20 -21.71
C THR B 406 42.00 -12.20 -20.77
N PRO B 407 42.75 -11.63 -19.82
CA PRO B 407 42.15 -10.57 -18.99
C PRO B 407 41.90 -9.30 -19.79
N ILE B 408 41.36 -8.27 -19.14
CA ILE B 408 41.10 -6.99 -19.77
C ILE B 408 41.91 -5.93 -19.03
N SER B 409 42.77 -5.24 -19.76
CA SER B 409 43.52 -4.11 -19.24
C SER B 409 42.92 -2.82 -19.79
N MET B 410 43.22 -1.71 -19.12
CA MET B 410 42.67 -0.44 -19.53
C MET B 410 43.14 -0.06 -20.93
N LYS B 411 44.43 -0.28 -21.22
CA LYS B 411 44.95 0.02 -22.56
C LYS B 411 44.24 -0.83 -23.61
N ASP B 412 43.89 -2.08 -23.25
CA ASP B 412 43.20 -2.94 -24.20
C ASP B 412 41.86 -2.34 -24.61
N VAL B 413 41.06 -1.91 -23.62
CA VAL B 413 39.77 -1.33 -23.94
C VAL B 413 39.94 -0.03 -24.69
N TYR B 414 40.95 0.77 -24.32
CA TYR B 414 41.19 2.02 -25.05
C TYR B 414 41.44 1.74 -26.52
N GLU B 415 42.35 0.79 -26.81
CA GLU B 415 42.65 0.47 -28.20
C GLU B 415 41.42 -0.07 -28.92
N GLU B 416 40.72 -1.00 -28.29
CA GLU B 416 39.55 -1.60 -28.91
C GLU B 416 38.52 -0.54 -29.29
N PHE B 417 38.18 0.34 -28.34
CA PHE B 417 37.28 1.44 -28.65
C PHE B 417 37.82 2.25 -29.81
N ASP B 418 38.98 2.88 -29.62
CA ASP B 418 39.45 3.89 -30.56
C ASP B 418 39.60 3.34 -31.97
N GLU B 419 39.76 2.01 -32.12
CA GLU B 419 39.75 1.46 -33.47
C GLU B 419 38.32 1.18 -33.94
N LYS B 420 37.64 0.23 -33.30
CA LYS B 420 36.44 -0.30 -33.94
C LYS B 420 35.23 0.59 -33.70
N ILE B 421 35.05 1.08 -32.47
CA ILE B 421 33.91 1.96 -32.23
C ILE B 421 34.09 3.27 -32.97
N ALA B 422 35.32 3.78 -32.99
CA ALA B 422 35.60 5.01 -33.73
C ALA B 422 35.24 4.86 -35.20
N THR B 423 35.70 3.80 -35.85
CA THR B 423 35.36 3.61 -37.25
C THR B 423 33.86 3.39 -37.43
N LYS B 424 33.24 2.60 -36.55
CA LYS B 424 31.83 2.26 -36.73
C LYS B 424 30.95 3.50 -36.65
N TYR B 425 31.21 4.39 -35.68
CA TYR B 425 30.33 5.53 -35.43
C TYR B 425 30.95 6.86 -35.85
N LYS B 426 32.00 6.83 -36.68
CA LYS B 426 32.50 8.02 -37.36
C LYS B 426 32.87 9.12 -36.36
N ILE B 427 33.90 8.85 -35.57
CA ILE B 427 34.49 9.82 -34.67
C ILE B 427 35.95 9.98 -35.05
N MET B 428 36.38 11.22 -35.32
CA MET B 428 37.74 11.49 -35.76
C MET B 428 38.65 12.00 -34.65
N LYS B 429 38.10 12.50 -33.55
CA LYS B 429 38.93 13.14 -32.52
C LYS B 429 38.27 12.95 -31.18
N PHE B 430 38.97 12.32 -30.24
CA PHE B 430 38.49 12.12 -28.89
C PHE B 430 39.68 12.01 -27.94
N LYS B 431 39.54 12.61 -26.76
CA LYS B 431 40.60 12.62 -25.75
C LYS B 431 40.25 11.60 -24.68
N SER B 432 40.58 10.34 -24.95
CA SER B 432 40.35 9.27 -23.98
C SER B 432 41.33 9.39 -22.83
N LYS B 433 40.85 9.17 -21.61
CA LYS B 433 41.66 9.28 -20.41
C LYS B 433 41.24 8.20 -19.41
N PRO B 434 42.12 7.84 -18.48
CA PRO B 434 41.69 7.00 -17.35
C PRO B 434 41.06 7.85 -16.25
N VAL B 435 39.96 7.36 -15.69
CA VAL B 435 39.30 8.04 -14.58
C VAL B 435 38.82 7.01 -13.59
N GLU B 436 38.53 7.48 -12.37
CA GLU B 436 38.04 6.63 -11.29
C GLU B 436 36.80 7.28 -10.71
N LYS B 437 35.63 6.73 -11.04
CA LYS B 437 34.35 7.30 -10.65
C LYS B 437 33.51 6.26 -9.93
N ASN B 438 32.65 6.73 -9.04
CA ASN B 438 31.80 5.86 -8.24
C ASN B 438 30.40 5.77 -8.82
N TYR B 439 29.77 4.61 -8.65
CA TYR B 439 28.41 4.38 -9.10
C TYR B 439 27.63 3.64 -8.03
N ALA B 440 26.49 4.20 -7.62
CA ALA B 440 25.67 3.60 -6.58
C ALA B 440 24.19 3.69 -6.95
N PHE B 441 23.85 3.37 -8.19
CA PHE B 441 22.47 3.52 -8.66
C PHE B 441 21.92 2.23 -9.23
N GLU B 442 20.74 2.30 -9.86
CA GLU B 442 19.95 1.11 -10.12
C GLU B 442 20.50 0.22 -11.23
N ILE B 443 21.39 0.73 -12.08
CA ILE B 443 21.86 -0.05 -13.23
C ILE B 443 22.45 -1.35 -12.71
N PRO B 444 21.98 -2.51 -13.16
CA PRO B 444 22.49 -3.77 -12.59
C PRO B 444 23.94 -4.04 -12.96
N ASP B 445 24.62 -4.76 -12.08
CA ASP B 445 25.94 -5.31 -12.35
C ASP B 445 26.93 -4.20 -12.73
N VAL B 446 27.17 -3.30 -11.78
CA VAL B 446 28.14 -2.23 -11.94
C VAL B 446 29.00 -2.16 -10.69
N PRO B 447 30.32 -2.29 -10.80
CA PRO B 447 31.18 -2.10 -9.62
C PRO B 447 31.00 -0.71 -9.03
N GLU B 448 31.04 -0.64 -7.70
CA GLU B 448 30.83 0.63 -7.02
C GLU B 448 31.91 1.64 -7.36
N LYS B 449 33.17 1.21 -7.38
CA LYS B 449 34.32 2.10 -7.52
C LYS B 449 35.32 1.55 -8.53
N SER B 450 34.83 1.20 -9.72
CA SER B 450 35.70 0.67 -10.76
C SER B 450 36.40 1.80 -11.51
N GLU B 451 37.27 1.42 -12.44
CA GLU B 451 37.92 2.37 -13.34
C GLU B 451 37.10 2.54 -14.61
N TYR B 452 37.21 3.71 -15.21
CA TYR B 452 36.42 4.06 -16.38
C TYR B 452 37.31 4.73 -17.42
N LEU B 453 36.90 4.60 -18.68
CA LEU B 453 37.54 5.32 -19.79
C LEU B 453 36.69 6.56 -20.08
N GLU B 454 37.28 7.74 -19.88
CA GLU B 454 36.58 9.00 -20.08
C GLU B 454 36.90 9.52 -21.48
N VAL B 455 35.90 9.54 -22.34
CA VAL B 455 36.04 9.98 -23.72
C VAL B 455 35.36 11.33 -23.85
N LYS B 456 36.16 12.37 -24.14
CA LYS B 456 35.66 13.73 -24.29
C LYS B 456 35.88 14.17 -25.73
N TYR B 457 34.80 14.32 -26.49
CA TYR B 457 34.91 14.69 -27.89
C TYR B 457 33.80 15.67 -28.26
N SER B 458 34.12 16.57 -29.19
CA SER B 458 33.22 17.66 -29.52
C SER B 458 31.85 17.13 -29.94
N ALA B 459 30.80 17.87 -29.56
CA ALA B 459 29.44 17.44 -29.77
C ALA B 459 29.03 17.38 -31.24
N GLU B 460 29.84 17.95 -32.14
CA GLU B 460 29.48 17.95 -33.55
C GLU B 460 29.34 16.53 -34.08
N MET B 461 30.24 15.64 -33.67
CA MET B 461 30.20 14.26 -34.14
C MET B 461 28.94 13.57 -33.62
N PRO B 462 28.50 12.51 -34.31
CA PRO B 462 27.25 11.86 -33.91
C PRO B 462 27.35 11.25 -32.52
N GLN B 463 26.21 11.20 -31.83
CA GLN B 463 26.15 10.58 -30.52
C GLN B 463 25.95 9.07 -30.66
N LEU B 464 26.62 8.32 -29.79
CA LEU B 464 26.53 6.87 -29.85
C LEU B 464 25.20 6.40 -29.25
N PRO B 465 24.74 5.22 -29.63
CA PRO B 465 23.49 4.71 -29.06
C PRO B 465 23.65 4.39 -27.58
N GLN B 466 22.54 4.49 -26.85
CA GLN B 466 22.57 4.27 -25.41
C GLN B 466 22.83 2.81 -25.06
N ASP B 467 22.42 1.88 -25.93
CA ASP B 467 22.55 0.46 -25.67
C ASP B 467 23.79 -0.14 -26.32
N LEU B 468 24.80 0.67 -26.61
CA LEU B 468 26.02 0.17 -27.22
C LEU B 468 26.72 -0.79 -26.27
N LYS B 469 27.09 -1.95 -26.78
CA LYS B 469 27.81 -2.97 -26.03
C LYS B 469 29.09 -3.32 -26.75
N GLY B 470 30.13 -3.63 -25.98
CA GLY B 470 31.45 -3.86 -26.54
C GLY B 470 32.05 -5.22 -26.25
N GLU B 471 32.95 -5.66 -27.12
CA GLU B 471 33.67 -6.91 -26.87
C GLU B 471 34.52 -6.79 -25.61
N THR B 472 35.18 -5.66 -25.42
CA THR B 472 36.04 -5.43 -24.27
C THR B 472 35.35 -4.65 -23.16
N PHE B 473 34.61 -3.58 -23.49
CA PHE B 473 34.02 -2.73 -22.49
C PHE B 473 32.63 -3.24 -22.11
N SER B 474 32.33 -3.21 -20.80
CA SER B 474 31.05 -3.72 -20.33
C SER B 474 29.90 -2.86 -20.81
N HIS B 475 29.99 -1.55 -20.61
CA HIS B 475 28.89 -0.68 -21.02
C HIS B 475 29.28 0.77 -20.83
N VAL B 476 28.65 1.65 -21.62
CA VAL B 476 29.00 3.07 -21.64
C VAL B 476 27.86 3.88 -21.02
N PHE B 477 28.22 4.85 -20.19
CA PHE B 477 27.31 5.84 -19.63
C PHE B 477 27.65 7.22 -20.20
N GLY B 478 26.72 8.14 -20.01
CA GLY B 478 26.89 9.49 -20.51
C GLY B 478 26.68 9.64 -22.00
N THR B 479 25.95 8.70 -22.62
CA THR B 479 25.76 8.77 -24.06
C THR B 479 24.90 9.96 -24.47
N ASN B 480 23.81 10.20 -23.74
CA ASN B 480 22.81 11.19 -24.13
C ASN B 480 22.65 12.28 -23.06
N THR B 481 23.73 12.63 -22.38
CA THR B 481 23.67 13.71 -21.40
C THR B 481 23.67 15.04 -22.11
N SER B 482 22.61 15.83 -21.91
CA SER B 482 22.45 17.08 -22.64
C SER B 482 23.58 18.04 -22.31
N SER B 483 23.99 18.82 -23.31
CA SER B 483 25.12 19.73 -23.13
C SER B 483 24.87 20.72 -22.01
N LEU B 484 23.62 21.12 -21.78
CA LEU B 484 23.33 22.06 -20.71
C LEU B 484 23.70 21.47 -19.36
N GLU B 485 23.37 20.19 -19.14
CA GLU B 485 23.73 19.54 -17.88
C GLU B 485 25.25 19.49 -17.73
N LEU B 486 25.96 19.16 -18.81
CA LEU B 486 27.42 19.12 -18.75
C LEU B 486 27.97 20.47 -18.34
N PHE B 487 27.49 21.54 -18.98
CA PHE B 487 27.98 22.87 -18.67
C PHE B 487 27.68 23.24 -17.22
N LEU B 488 26.47 22.92 -16.76
CA LEU B 488 26.09 23.29 -15.39
C LEU B 488 26.93 22.55 -14.36
N MET B 489 27.06 21.22 -14.50
CA MET B 489 27.80 20.45 -13.53
C MET B 489 29.29 20.78 -13.56
N ASN B 490 29.88 20.81 -14.76
CA ASN B 490 31.33 20.98 -14.87
C ASN B 490 31.77 22.34 -14.34
N ARG B 491 31.01 23.38 -14.61
CA ARG B 491 31.37 24.74 -14.20
C ARG B 491 30.92 25.07 -12.78
N LYS B 492 30.28 24.13 -12.08
CA LYS B 492 29.86 24.34 -10.69
C LYS B 492 28.97 25.57 -10.56
N ILE B 493 28.06 25.74 -11.52
CA ILE B 493 27.12 26.85 -11.50
C ILE B 493 25.88 26.41 -10.73
N LYS B 494 25.53 27.17 -9.69
CA LYS B 494 24.41 26.84 -8.81
C LYS B 494 23.37 27.94 -8.96
N GLY B 495 22.45 27.76 -9.91
CA GLY B 495 21.39 28.71 -10.15
C GLY B 495 21.92 30.06 -10.56
N PRO B 496 21.02 31.03 -10.75
CA PRO B 496 21.44 32.37 -11.14
C PRO B 496 22.53 32.94 -10.24
N CYS B 497 23.72 33.13 -10.80
CA CYS B 497 24.85 33.68 -10.06
C CYS B 497 25.76 34.40 -11.03
N TRP B 498 26.31 35.53 -10.59
CA TRP B 498 27.19 36.32 -11.45
C TRP B 498 28.30 35.46 -12.02
N LEU B 499 28.35 35.39 -13.35
CA LEU B 499 29.38 34.67 -14.08
C LEU B 499 30.28 35.64 -14.79
N GLU B 500 31.59 35.44 -14.69
CA GLU B 500 32.59 36.27 -15.33
C GLU B 500 33.26 35.50 -16.45
N VAL B 501 33.28 36.06 -17.65
CA VAL B 501 33.82 35.38 -18.83
C VAL B 501 35.10 36.07 -19.25
N LYS B 502 36.13 35.28 -19.51
CA LYS B 502 37.43 35.77 -19.93
C LYS B 502 37.59 35.58 -21.43
N SER B 503 38.22 36.55 -22.08
CA SER B 503 38.44 36.51 -23.52
C SER B 503 37.10 36.52 -24.24
N PRO B 504 36.29 37.57 -24.09
CA PRO B 504 35.00 37.64 -24.80
C PRO B 504 35.19 38.11 -26.24
N GLN B 505 34.96 37.22 -27.19
CA GLN B 505 35.02 37.56 -28.60
C GLN B 505 33.66 38.06 -29.07
N LEU B 506 33.67 39.10 -29.89
CA LEU B 506 32.44 39.73 -30.38
C LEU B 506 32.09 39.12 -31.74
N LEU B 507 30.98 38.41 -31.80
CA LEU B 507 30.57 37.77 -33.04
C LEU B 507 30.18 38.80 -34.08
N ASN B 508 30.49 38.50 -35.34
CA ASN B 508 30.29 39.49 -36.41
C ASN B 508 28.81 39.81 -36.59
N GLN B 509 27.95 38.79 -36.62
CA GLN B 509 26.53 39.03 -36.86
C GLN B 509 25.72 38.79 -35.60
N PRO B 510 24.69 39.60 -35.33
CA PRO B 510 23.86 39.36 -34.15
C PRO B 510 23.18 38.00 -34.22
N VAL B 511 23.04 37.36 -33.06
CA VAL B 511 22.35 36.08 -32.94
C VAL B 511 21.11 36.16 -32.06
N SER B 512 20.91 37.26 -31.35
CA SER B 512 19.76 37.43 -30.46
C SER B 512 19.29 38.87 -30.53
N TRP B 513 18.19 39.15 -29.82
CA TRP B 513 17.64 40.50 -29.74
C TRP B 513 18.18 41.29 -28.57
N CYS B 514 19.10 40.73 -27.78
CA CYS B 514 19.64 41.43 -26.64
C CYS B 514 20.54 42.59 -27.08
N LYS B 515 20.80 43.49 -26.14
CA LYS B 515 21.62 44.66 -26.43
C LYS B 515 23.11 44.32 -26.53
N VAL B 516 23.55 43.30 -25.80
CA VAL B 516 24.96 42.93 -25.76
C VAL B 516 25.10 41.43 -26.03
N GLU B 517 26.14 41.07 -26.75
CA GLU B 517 26.43 39.68 -27.07
C GLU B 517 27.91 39.39 -26.82
N ALA B 518 28.21 38.11 -26.57
CA ALA B 518 29.58 37.70 -26.28
C ALA B 518 29.75 36.25 -26.72
N MET B 519 31.02 35.84 -26.83
CA MET B 519 31.38 34.54 -27.35
C MET B 519 32.32 33.84 -26.38
N ALA B 520 32.26 32.51 -26.38
CA ALA B 520 33.11 31.69 -25.51
C ALA B 520 33.48 30.42 -26.25
N LEU B 521 34.77 30.26 -26.54
CA LEU B 521 35.20 29.09 -27.31
C LEU B 521 35.01 27.80 -26.51
N LYS B 522 35.43 27.80 -25.24
CA LYS B 522 35.34 26.61 -24.41
C LYS B 522 34.56 26.92 -23.14
N PRO B 523 33.84 25.94 -22.59
CA PRO B 523 33.11 26.18 -21.34
C PRO B 523 34.00 26.57 -20.18
N ASP B 524 35.27 26.17 -20.19
CA ASP B 524 36.17 26.47 -19.09
C ASP B 524 36.57 27.94 -19.05
N LEU B 525 36.31 28.70 -20.11
CA LEU B 525 36.70 30.11 -20.14
C LEU B 525 35.85 30.99 -19.23
N VAL B 526 34.76 30.47 -18.67
CA VAL B 526 33.84 31.24 -17.85
C VAL B 526 33.90 30.71 -16.43
N ASN B 527 34.05 31.61 -15.46
CA ASN B 527 34.14 31.25 -14.05
C ASN B 527 32.97 31.89 -13.30
N VAL B 528 32.79 31.45 -12.06
CA VAL B 528 31.67 31.87 -11.23
C VAL B 528 32.20 32.74 -10.09
N ILE B 529 31.62 33.92 -9.93
CA ILE B 529 31.97 34.85 -8.87
C ILE B 529 30.74 35.02 -7.99
N LYS B 530 30.94 35.01 -6.67
CA LYS B 530 29.85 34.90 -5.71
C LYS B 530 29.51 36.23 -5.04
N ASP B 531 30.51 36.95 -4.53
CA ASP B 531 30.28 38.10 -3.66
C ASP B 531 29.76 39.29 -4.47
N VAL B 532 28.52 39.14 -4.96
CA VAL B 532 27.83 40.21 -5.65
C VAL B 532 26.34 40.04 -5.40
N SER B 533 25.58 41.17 -5.46
CA SER B 533 24.16 41.13 -5.24
C SER B 533 23.40 41.11 -6.57
N PRO B 534 22.24 40.46 -6.63
CA PRO B 534 21.49 40.41 -7.89
C PRO B 534 21.08 41.80 -8.35
N PRO B 535 21.07 42.06 -9.67
CA PRO B 535 20.62 43.36 -10.13
C PRO B 535 19.12 43.37 -10.34
N PRO B 536 18.49 44.54 -10.28
CA PRO B 536 17.05 44.59 -10.59
C PRO B 536 16.79 44.28 -12.05
N LEU B 537 15.64 43.68 -12.31
CA LEU B 537 15.24 43.25 -13.65
C LEU B 537 13.91 43.89 -14.02
N VAL B 538 13.50 43.65 -15.26
CA VAL B 538 12.26 44.20 -15.81
C VAL B 538 11.18 43.13 -15.71
N VAL B 539 10.01 43.51 -15.21
CA VAL B 539 8.87 42.60 -15.07
C VAL B 539 7.68 43.19 -15.81
N MET B 540 7.07 42.39 -16.69
CA MET B 540 5.89 42.81 -17.42
C MET B 540 4.77 41.83 -17.14
N ALA B 541 3.64 42.34 -16.65
CA ALA B 541 2.47 41.53 -16.37
C ALA B 541 1.43 41.77 -17.45
N PHE B 542 1.02 40.71 -18.15
CA PHE B 542 0.18 40.86 -19.31
C PHE B 542 -1.08 40.01 -19.19
N SER B 543 -2.16 40.49 -19.81
CA SER B 543 -3.42 39.77 -19.87
C SER B 543 -4.16 40.15 -21.15
N MET B 544 -4.80 39.16 -21.75
CA MET B 544 -5.49 39.35 -23.02
C MET B 544 -6.80 38.60 -23.01
N LYS B 545 -7.72 39.02 -23.88
CA LYS B 545 -9.05 38.44 -23.99
C LYS B 545 -9.21 37.78 -25.35
N THR B 546 -9.36 36.46 -25.33
CA THR B 546 -9.63 35.70 -26.55
C THR B 546 -11.13 35.49 -26.71
N MET B 547 -11.54 35.22 -27.95
CA MET B 547 -12.94 34.97 -28.23
C MET B 547 -13.04 33.89 -29.30
N GLN B 548 -13.90 32.91 -29.07
CA GLN B 548 -14.12 31.87 -30.07
C GLN B 548 -14.71 32.51 -31.32
N ASN B 549 -14.16 32.16 -32.48
CA ASN B 549 -14.66 32.70 -33.73
C ASN B 549 -16.10 32.31 -33.93
N ALA B 550 -16.89 33.23 -34.49
CA ALA B 550 -18.32 32.99 -34.64
C ALA B 550 -18.58 31.78 -35.53
N LYS B 551 -17.81 31.63 -36.61
CA LYS B 551 -18.12 30.60 -37.59
C LYS B 551 -17.91 29.20 -37.01
N ASN B 552 -16.68 28.85 -36.65
CA ASN B 552 -16.41 27.48 -36.19
C ASN B 552 -15.18 27.45 -35.29
N HIS B 553 -15.41 27.49 -33.98
CA HIS B 553 -14.48 27.02 -32.96
C HIS B 553 -13.02 27.36 -33.28
N GLN B 554 -12.72 28.65 -33.31
CA GLN B 554 -11.32 29.11 -33.35
C GLN B 554 -11.16 30.31 -32.43
N ASN B 555 -10.19 30.24 -31.53
CA ASN B 555 -9.91 31.35 -30.63
C ASN B 555 -9.36 32.54 -31.41
N GLU B 556 -9.75 33.74 -30.99
CA GLU B 556 -9.33 34.97 -31.65
C GLU B 556 -9.06 36.03 -30.58
N ILE B 557 -7.86 36.58 -30.58
CA ILE B 557 -7.48 37.59 -29.60
C ILE B 557 -7.96 38.95 -30.08
N ILE B 558 -8.65 39.68 -29.20
CA ILE B 558 -9.16 41.00 -29.54
C ILE B 558 -8.60 42.11 -28.66
N ALA B 559 -8.26 41.85 -27.40
CA ALA B 559 -7.86 42.89 -26.47
C ALA B 559 -6.63 42.44 -25.70
N MET B 560 -5.69 43.37 -25.52
CA MET B 560 -4.45 43.11 -24.81
C MET B 560 -4.20 44.26 -23.85
N ALA B 561 -3.59 43.93 -22.70
CA ALA B 561 -3.18 44.94 -21.74
C ALA B 561 -1.96 44.43 -21.00
N ALA B 562 -1.07 45.34 -20.62
CA ALA B 562 0.16 44.94 -19.96
C ALA B 562 0.72 46.08 -19.14
N LEU B 563 1.19 45.75 -17.94
CA LEU B 563 1.86 46.67 -17.03
C LEU B 563 3.35 46.35 -16.99
N VAL B 564 4.17 47.38 -16.78
CA VAL B 564 5.62 47.26 -16.87
C VAL B 564 6.24 47.79 -15.58
N HIS B 565 7.37 47.20 -15.20
CA HIS B 565 8.18 47.71 -14.09
C HIS B 565 9.64 47.48 -14.49
N HIS B 566 10.33 48.57 -14.85
CA HIS B 566 11.67 48.46 -15.40
C HIS B 566 12.67 48.02 -14.34
N SER B 567 12.66 48.67 -13.18
CA SER B 567 13.62 48.41 -12.11
C SER B 567 12.88 47.68 -10.99
N PHE B 568 12.83 46.36 -11.11
CA PHE B 568 12.14 45.51 -10.14
C PHE B 568 13.17 44.84 -9.25
N ALA B 569 13.14 45.17 -7.96
CA ALA B 569 14.05 44.56 -7.01
C ALA B 569 13.71 43.08 -6.83
N LEU B 570 14.75 42.26 -6.71
CA LEU B 570 14.60 40.83 -6.52
C LEU B 570 14.93 40.35 -5.12
N ASP B 571 15.53 41.20 -4.29
CA ASP B 571 15.79 40.90 -2.89
C ASP B 571 15.02 41.78 -1.92
N LYS B 572 14.81 43.05 -2.26
CA LYS B 572 14.06 43.95 -1.39
C LYS B 572 12.57 43.65 -1.50
N ALA B 573 11.76 44.44 -0.80
CA ALA B 573 10.32 44.28 -0.85
C ALA B 573 9.78 44.62 -2.23
N ALA B 574 8.63 44.05 -2.56
CA ALA B 574 8.02 44.32 -3.86
C ALA B 574 7.74 45.82 -4.00
N PRO B 575 8.24 46.48 -5.04
CA PRO B 575 8.03 47.93 -5.15
C PRO B 575 6.55 48.28 -5.19
N LYS B 576 6.22 49.42 -4.58
CA LYS B 576 4.86 49.94 -4.54
C LYS B 576 4.87 51.35 -5.13
N PRO B 577 4.15 51.63 -6.22
CA PRO B 577 3.27 50.72 -6.99
C PRO B 577 4.07 49.65 -7.71
N PRO B 578 3.47 48.49 -8.02
CA PRO B 578 4.20 47.44 -8.73
C PRO B 578 4.51 47.76 -10.19
N PHE B 579 4.15 48.94 -10.68
CA PHE B 579 4.39 49.28 -12.08
C PHE B 579 4.51 50.80 -12.21
N GLN B 580 5.12 51.22 -13.32
CA GLN B 580 5.23 52.63 -13.64
C GLN B 580 4.75 52.98 -15.04
N SER B 581 4.33 52.01 -15.84
CA SER B 581 3.80 52.28 -17.17
C SER B 581 2.96 51.09 -17.59
N HIS B 582 2.15 51.28 -18.62
CA HIS B 582 1.32 50.21 -19.14
C HIS B 582 0.83 50.59 -20.53
N PHE B 583 0.31 49.58 -21.24
CA PHE B 583 -0.25 49.80 -22.57
C PHE B 583 -1.36 48.79 -22.82
N CYS B 584 -2.37 49.23 -23.57
CA CYS B 584 -3.50 48.39 -23.92
C CYS B 584 -3.86 48.64 -25.38
N VAL B 585 -4.52 47.64 -25.99
CA VAL B 585 -4.91 47.74 -27.39
C VAL B 585 -6.12 46.82 -27.62
N VAL B 586 -6.94 47.19 -28.60
CA VAL B 586 -8.15 46.45 -28.94
C VAL B 586 -8.29 46.40 -30.45
N SER B 587 -9.06 45.42 -30.92
CA SER B 587 -9.25 45.24 -32.36
C SER B 587 -10.55 44.51 -32.64
N LYS B 588 -11.02 44.64 -33.89
CA LYS B 588 -12.21 43.96 -34.38
C LYS B 588 -11.79 42.71 -35.14
N PRO B 589 -12.17 41.50 -34.71
CA PRO B 589 -11.63 40.29 -35.36
C PRO B 589 -11.97 40.16 -36.84
N LYS B 590 -13.26 40.05 -37.18
CA LYS B 590 -13.66 39.91 -38.57
C LYS B 590 -14.81 40.82 -38.98
N ASP B 591 -15.81 41.00 -38.11
CA ASP B 591 -16.98 41.78 -38.46
C ASP B 591 -17.51 42.61 -37.31
N CYS B 592 -16.85 42.61 -36.16
CA CYS B 592 -17.30 43.36 -34.98
C CYS B 592 -17.04 44.84 -35.24
N ILE B 593 -17.96 45.45 -35.99
CA ILE B 593 -17.79 46.85 -36.39
C ILE B 593 -17.54 47.70 -35.17
N PHE B 594 -16.56 48.58 -35.26
CA PHE B 594 -16.24 49.46 -34.15
C PHE B 594 -17.45 50.36 -33.85
N PRO B 595 -17.77 50.60 -32.59
CA PRO B 595 -18.85 51.55 -32.28
C PRO B 595 -18.52 52.93 -32.81
N TYR B 596 -19.56 53.65 -33.21
CA TYR B 596 -19.37 54.97 -33.81
C TYR B 596 -18.63 55.89 -32.85
N ALA B 597 -17.66 56.63 -33.38
CA ALA B 597 -16.87 57.58 -32.60
C ALA B 597 -16.05 56.90 -31.52
N PHE B 598 -15.56 55.69 -31.79
CA PHE B 598 -14.79 54.96 -30.78
C PHE B 598 -13.48 55.68 -30.46
N LYS B 599 -12.62 55.86 -31.47
CA LYS B 599 -11.37 56.56 -31.23
C LYS B 599 -11.62 57.99 -30.77
N GLU B 600 -12.76 58.58 -31.16
CA GLU B 600 -13.11 59.90 -30.68
C GLU B 600 -13.31 59.88 -29.16
N VAL B 601 -14.03 58.86 -28.66
CA VAL B 601 -14.20 58.74 -27.22
C VAL B 601 -12.86 58.46 -26.55
N ILE B 602 -12.02 57.65 -27.18
CA ILE B 602 -10.72 57.34 -26.59
C ILE B 602 -9.90 58.61 -26.41
N GLU B 603 -9.82 59.44 -27.45
CA GLU B 603 -9.07 60.68 -27.34
C GLU B 603 -9.75 61.68 -26.42
N LYS B 604 -11.08 61.62 -26.32
CA LYS B 604 -11.79 62.49 -25.38
C LYS B 604 -11.41 62.15 -23.94
N LYS B 605 -11.33 60.86 -23.62
CA LYS B 605 -10.91 60.45 -22.29
C LYS B 605 -9.40 60.58 -22.08
N ASN B 606 -8.63 60.57 -23.17
CA ASN B 606 -7.17 60.73 -23.09
C ASN B 606 -6.55 59.71 -22.15
N VAL B 607 -7.03 58.46 -22.25
CA VAL B 607 -6.47 57.36 -21.49
C VAL B 607 -5.49 56.60 -22.37
N LYS B 608 -4.52 55.93 -21.74
CA LYS B 608 -3.49 55.20 -22.46
C LYS B 608 -4.12 54.00 -23.16
N VAL B 609 -4.33 54.13 -24.47
CA VAL B 609 -4.84 53.02 -25.27
C VAL B 609 -4.63 53.34 -26.74
N GLU B 610 -4.33 52.31 -27.54
CA GLU B 610 -4.17 52.44 -28.98
C GLU B 610 -5.09 51.43 -29.67
N VAL B 611 -5.60 51.82 -30.83
CA VAL B 611 -6.55 51.01 -31.57
C VAL B 611 -5.82 50.38 -32.75
N ALA B 612 -5.92 49.06 -32.88
CA ALA B 612 -5.30 48.31 -33.96
C ALA B 612 -6.39 47.82 -34.90
N ALA B 613 -6.16 48.00 -36.21
CA ALA B 613 -7.20 47.70 -37.18
C ALA B 613 -7.58 46.22 -37.17
N THR B 614 -6.59 45.33 -37.10
CA THR B 614 -6.84 43.90 -37.22
C THR B 614 -5.91 43.14 -36.30
N GLU B 615 -6.21 41.85 -36.13
CA GLU B 615 -5.41 41.00 -35.26
C GLU B 615 -3.94 41.04 -35.63
N ARG B 616 -3.64 41.11 -36.92
CA ARG B 616 -2.25 41.15 -37.36
C ARG B 616 -1.54 42.38 -36.81
N THR B 617 -2.17 43.56 -36.95
CA THR B 617 -1.57 44.78 -36.43
C THR B 617 -1.47 44.73 -34.91
N LEU B 618 -2.47 44.15 -34.25
CA LEU B 618 -2.42 44.00 -32.80
C LEU B 618 -1.18 43.21 -32.38
N LEU B 619 -0.98 42.04 -33.00
CA LEU B 619 0.16 41.21 -32.64
C LEU B 619 1.47 41.90 -32.99
N GLY B 620 1.52 42.59 -34.13
CA GLY B 620 2.74 43.31 -34.47
C GLY B 620 3.09 44.38 -33.46
N PHE B 621 2.09 45.15 -33.04
CA PHE B 621 2.32 46.16 -32.02
C PHE B 621 2.76 45.55 -30.71
N PHE B 622 2.14 44.44 -30.31
CA PHE B 622 2.52 43.79 -29.07
C PHE B 622 3.96 43.31 -29.12
N LEU B 623 4.35 42.68 -30.23
CA LEU B 623 5.72 42.19 -30.36
C LEU B 623 6.71 43.34 -30.35
N ALA B 624 6.39 44.44 -31.06
CA ALA B 624 7.28 45.59 -31.04
C ALA B 624 7.45 46.13 -29.63
N LYS B 625 6.33 46.24 -28.89
CA LYS B 625 6.40 46.77 -27.53
C LYS B 625 7.23 45.87 -26.62
N VAL B 626 6.99 44.56 -26.68
CA VAL B 626 7.72 43.65 -25.81
C VAL B 626 9.21 43.66 -26.14
N HIS B 627 9.54 43.77 -27.43
CA HIS B 627 10.95 43.86 -27.80
C HIS B 627 11.56 45.14 -27.29
N LYS B 628 10.84 46.26 -27.39
CA LYS B 628 11.37 47.53 -26.91
C LYS B 628 11.49 47.57 -25.39
N ILE B 629 10.70 46.76 -24.68
CA ILE B 629 10.78 46.68 -23.23
C ILE B 629 11.64 45.51 -22.75
N ASP B 630 11.89 44.52 -23.61
CA ASP B 630 12.70 43.34 -23.31
C ASP B 630 12.49 42.81 -21.88
N PRO B 631 11.24 42.60 -21.48
CA PRO B 631 10.98 42.16 -20.09
C PRO B 631 11.65 40.83 -19.79
N ASP B 632 12.49 40.82 -18.75
CA ASP B 632 13.13 39.57 -18.35
C ASP B 632 12.11 38.55 -17.86
N ILE B 633 11.13 38.99 -17.08
CA ILE B 633 10.09 38.12 -16.56
C ILE B 633 8.74 38.63 -17.04
N ILE B 634 8.02 37.78 -17.75
CA ILE B 634 6.65 38.06 -18.19
C ILE B 634 5.73 37.21 -17.34
N VAL B 635 4.82 37.86 -16.62
CA VAL B 635 3.94 37.21 -15.67
C VAL B 635 2.51 37.32 -16.15
N GLY B 636 1.77 36.22 -16.01
CA GLY B 636 0.38 36.20 -16.40
C GLY B 636 -0.39 35.06 -15.76
N HIS B 637 -1.66 34.90 -16.13
CA HIS B 637 -2.50 33.83 -15.61
C HIS B 637 -2.80 32.85 -16.74
N ASN B 638 -2.58 31.57 -16.46
CA ASN B 638 -2.85 30.51 -17.43
C ASN B 638 -1.95 30.62 -18.65
N ILE B 639 -0.77 31.24 -18.46
CA ILE B 639 0.18 31.33 -19.55
C ILE B 639 0.71 29.95 -19.94
N TYR B 640 0.85 29.06 -18.96
CA TYR B 640 1.42 27.75 -19.24
C TYR B 640 0.57 26.98 -20.24
N GLY B 641 -0.75 27.02 -20.08
CA GLY B 641 -1.62 26.15 -20.86
C GLY B 641 -2.44 26.83 -21.94
N PHE B 642 -2.92 28.04 -21.68
CA PHE B 642 -3.89 28.68 -22.57
C PHE B 642 -3.34 29.92 -23.26
N GLU B 643 -2.89 30.92 -22.49
CA GLU B 643 -2.61 32.23 -23.08
C GLU B 643 -1.42 32.16 -24.03
N LEU B 644 -0.31 31.54 -23.61
CA LEU B 644 0.87 31.50 -24.46
C LEU B 644 0.60 30.73 -25.73
N GLU B 645 -0.08 29.59 -25.63
CA GLU B 645 -0.33 28.76 -26.81
C GLU B 645 -1.20 29.51 -27.82
N VAL B 646 -2.27 30.15 -27.36
CA VAL B 646 -3.13 30.88 -28.27
C VAL B 646 -2.39 32.06 -28.88
N LEU B 647 -1.55 32.73 -28.09
CA LEU B 647 -0.76 33.84 -28.63
C LEU B 647 0.14 33.35 -29.75
N LEU B 648 0.85 32.24 -29.52
CA LEU B 648 1.75 31.70 -30.53
C LEU B 648 0.99 31.28 -31.78
N GLN B 649 -0.16 30.62 -31.60
CA GLN B 649 -0.94 30.17 -32.76
C GLN B 649 -1.45 31.35 -33.56
N ARG B 650 -1.93 32.41 -32.89
CA ARG B 650 -2.40 33.58 -33.61
C ARG B 650 -1.25 34.24 -34.36
N ILE B 651 -0.07 34.33 -33.74
CA ILE B 651 1.08 34.91 -34.42
C ILE B 651 1.42 34.09 -35.67
N ASN B 652 1.44 32.76 -35.53
CA ASN B 652 1.77 31.91 -36.67
C ASN B 652 0.74 32.04 -37.79
N VAL B 653 -0.55 32.04 -37.45
CA VAL B 653 -1.59 32.11 -38.47
C VAL B 653 -1.55 33.46 -39.17
N CYS B 654 -1.48 34.55 -38.40
CA CYS B 654 -1.39 35.88 -38.98
C CYS B 654 -0.05 36.14 -39.65
N LYS B 655 0.95 35.30 -39.38
CA LYS B 655 2.29 35.48 -39.94
C LYS B 655 2.81 36.89 -39.65
N ALA B 656 2.65 37.31 -38.40
CA ALA B 656 3.13 38.63 -38.00
C ALA B 656 4.64 38.70 -38.15
N PRO B 657 5.17 39.87 -38.51
CA PRO B 657 6.62 39.97 -38.74
C PRO B 657 7.41 39.68 -37.48
N HIS B 658 8.55 39.01 -37.67
CA HIS B 658 9.47 38.69 -36.58
C HIS B 658 8.72 38.03 -35.42
N TRP B 659 8.17 36.86 -35.69
CA TRP B 659 7.54 36.07 -34.64
C TRP B 659 8.50 35.80 -33.49
N SER B 660 9.79 35.71 -33.79
CA SER B 660 10.80 35.39 -32.80
C SER B 660 11.03 36.51 -31.79
N LYS B 661 10.40 37.67 -31.99
CA LYS B 661 10.58 38.77 -31.06
C LYS B 661 10.14 38.41 -29.65
N ILE B 662 9.28 37.39 -29.50
CA ILE B 662 8.84 36.97 -28.17
C ILE B 662 10.02 36.51 -27.33
N GLY B 663 10.90 35.69 -27.92
CA GLY B 663 12.10 35.26 -27.25
C GLY B 663 13.29 36.13 -27.61
N ARG B 664 14.34 36.05 -26.79
CA ARG B 664 15.51 36.90 -27.03
C ARG B 664 16.35 36.39 -28.18
N LEU B 665 16.34 35.08 -28.43
CA LEU B 665 17.02 34.53 -29.58
C LEU B 665 16.17 34.70 -30.83
N LYS B 666 16.85 34.91 -31.97
CA LYS B 666 16.19 35.10 -33.25
C LYS B 666 16.24 33.79 -34.02
N ARG B 667 15.08 33.33 -34.46
CA ARG B 667 14.96 32.09 -35.23
C ARG B 667 14.03 32.33 -36.41
N SER B 668 14.45 31.88 -37.60
CA SER B 668 13.68 32.16 -38.82
C SER B 668 12.45 31.27 -38.94
N ASN B 669 12.53 30.01 -38.50
CA ASN B 669 11.48 29.04 -38.71
C ASN B 669 10.67 28.85 -37.44
N MET B 670 9.35 28.71 -37.59
CA MET B 670 8.49 28.52 -36.44
C MET B 670 8.88 27.23 -35.72
N PRO B 671 8.81 27.19 -34.39
CA PRO B 671 9.17 25.98 -33.66
C PRO B 671 7.98 25.07 -33.41
N LYS B 672 8.24 23.78 -33.47
CA LYS B 672 7.21 22.77 -33.22
C LYS B 672 7.83 21.39 -33.09
N GLY B 680 8.38 22.32 -28.36
CA GLY B 680 8.13 23.73 -28.10
C GLY B 680 7.65 24.00 -26.69
N GLU B 681 8.04 23.14 -25.76
CA GLU B 681 7.64 23.32 -24.36
C GLU B 681 8.18 24.63 -23.81
N ARG B 682 9.43 24.96 -24.15
CA ARG B 682 10.04 26.20 -23.69
C ARG B 682 10.78 26.94 -24.81
N ASN B 683 10.90 26.35 -26.00
CA ASN B 683 11.57 27.01 -27.11
C ASN B 683 10.80 28.26 -27.55
N ALA B 684 9.50 28.32 -27.27
CA ALA B 684 8.70 29.46 -27.71
C ALA B 684 9.20 30.77 -27.11
N THR B 685 9.52 30.76 -25.82
CA THR B 685 9.89 31.98 -25.12
C THR B 685 11.35 31.97 -24.71
N CYS B 686 12.21 31.49 -25.60
CA CYS B 686 13.65 31.45 -25.31
C CYS B 686 14.18 32.81 -24.92
N GLY B 687 14.68 32.92 -23.69
CA GLY B 687 15.33 34.11 -23.19
C GLY B 687 14.52 34.86 -22.14
N ARG B 688 13.21 34.66 -22.13
CA ARG B 688 12.32 35.37 -21.22
C ARG B 688 11.65 34.39 -20.27
N MET B 689 11.45 34.83 -19.03
CA MET B 689 11.00 33.98 -17.93
C MET B 689 9.49 34.12 -17.79
N ILE B 690 8.74 33.12 -18.24
CA ILE B 690 7.29 33.15 -18.11
C ILE B 690 6.90 32.65 -16.72
N CYS B 691 6.02 33.40 -16.05
CA CYS B 691 5.56 33.07 -14.71
C CYS B 691 4.05 33.05 -14.69
N ASP B 692 3.48 31.88 -14.47
CA ASP B 692 2.04 31.72 -14.31
C ASP B 692 1.71 31.83 -12.82
N VAL B 693 0.81 32.75 -12.48
CA VAL B 693 0.51 32.98 -11.07
C VAL B 693 -0.20 31.79 -10.46
N GLU B 694 -0.98 31.04 -11.26
CA GLU B 694 -1.74 29.93 -10.68
C GLU B 694 -0.83 28.81 -10.21
N ILE B 695 0.16 28.43 -11.02
CA ILE B 695 1.06 27.34 -10.60
C ILE B 695 1.88 27.78 -9.39
N SER B 696 2.37 29.02 -9.39
CA SER B 696 3.13 29.51 -8.24
C SER B 696 2.27 29.53 -6.99
N ALA B 697 1.02 29.99 -7.10
CA ALA B 697 0.13 30.01 -5.94
C ALA B 697 -0.14 28.59 -5.44
N LYS B 698 -0.40 27.65 -6.36
CA LYS B 698 -0.55 26.26 -5.96
C LYS B 698 0.69 25.77 -5.22
N GLU B 699 1.87 26.21 -5.66
CA GLU B 699 3.09 25.86 -4.95
C GLU B 699 3.10 26.44 -3.54
N LEU B 700 2.66 27.68 -3.39
CA LEU B 700 2.80 28.39 -2.12
C LEU B 700 1.60 28.16 -1.20
N ILE B 701 0.40 28.53 -1.66
CA ILE B 701 -0.78 28.51 -0.82
C ILE B 701 -1.73 27.42 -1.29
N ARG B 702 -2.80 27.22 -0.53
CA ARG B 702 -3.84 26.24 -0.84
C ARG B 702 -5.17 26.98 -0.95
N CYS B 703 -5.95 26.65 -1.97
CA CYS B 703 -7.22 27.31 -2.23
C CYS B 703 -8.22 26.30 -2.77
N LYS B 704 -9.50 26.66 -2.68
CA LYS B 704 -10.55 25.80 -3.21
C LYS B 704 -10.33 25.51 -4.68
N SER B 705 -10.14 26.57 -5.48
CA SER B 705 -9.78 26.43 -6.88
C SER B 705 -8.91 27.61 -7.25
N TYR B 706 -7.89 27.35 -8.06
CA TYR B 706 -6.88 28.36 -8.40
C TYR B 706 -7.27 29.20 -9.61
N HIS B 707 -8.56 29.27 -9.94
CA HIS B 707 -9.01 30.19 -10.96
C HIS B 707 -8.81 31.63 -10.49
N LEU B 708 -8.65 32.54 -11.44
CA LEU B 708 -8.25 33.91 -11.11
C LEU B 708 -9.17 34.53 -10.08
N SER B 709 -10.49 34.42 -10.29
CA SER B 709 -11.43 35.03 -9.37
C SER B 709 -11.29 34.46 -7.97
N GLU B 710 -11.24 33.13 -7.85
CA GLU B 710 -11.11 32.50 -6.55
C GLU B 710 -9.78 32.87 -5.89
N LEU B 711 -8.70 32.92 -6.67
CA LEU B 711 -7.41 33.30 -6.12
C LEU B 711 -7.44 34.73 -5.60
N VAL B 712 -8.02 35.66 -6.37
CA VAL B 712 -8.09 37.03 -5.91
C VAL B 712 -8.93 37.14 -4.65
N GLN B 713 -10.03 36.38 -4.59
CA GLN B 713 -10.87 36.39 -3.39
C GLN B 713 -10.09 35.90 -2.18
N GLN B 714 -9.45 34.75 -2.29
CA GLN B 714 -8.80 34.14 -1.13
C GLN B 714 -7.49 34.82 -0.76
N ILE B 715 -6.87 35.56 -1.68
CA ILE B 715 -5.56 36.18 -1.46
C ILE B 715 -5.70 37.66 -1.15
N LEU B 716 -6.26 38.43 -2.08
CA LEU B 716 -6.42 39.87 -1.90
C LEU B 716 -7.72 40.25 -1.23
N LYS B 717 -8.60 39.28 -0.95
CA LYS B 717 -9.88 39.56 -0.28
C LYS B 717 -10.67 40.61 -1.05
N THR B 718 -10.63 40.53 -2.38
CA THR B 718 -11.37 41.43 -3.25
C THR B 718 -12.05 40.62 -4.33
N GLU B 719 -13.12 41.17 -4.89
CA GLU B 719 -13.92 40.51 -5.90
C GLU B 719 -13.69 41.16 -7.26
N ARG B 720 -13.54 40.35 -8.29
CA ARG B 720 -13.40 40.81 -9.67
C ARG B 720 -14.57 40.30 -10.48
N VAL B 721 -15.22 41.20 -11.22
CA VAL B 721 -16.39 40.83 -12.01
C VAL B 721 -15.95 39.99 -13.20
N VAL B 722 -16.57 38.83 -13.34
CA VAL B 722 -16.29 37.95 -14.46
C VAL B 722 -17.18 38.34 -15.64
N ILE B 723 -16.56 38.50 -16.81
CA ILE B 723 -17.30 38.83 -18.02
C ILE B 723 -17.38 37.58 -18.89
N PRO B 724 -18.53 36.90 -18.94
CA PRO B 724 -18.64 35.71 -19.79
C PRO B 724 -18.32 36.03 -21.23
N MET B 725 -17.58 35.13 -21.87
CA MET B 725 -17.23 35.28 -23.27
C MET B 725 -18.44 35.18 -24.19
N GLU B 726 -19.53 34.57 -23.74
CA GLU B 726 -20.71 34.44 -24.59
C GLU B 726 -21.46 35.76 -24.72
N ASN B 727 -21.32 36.65 -23.74
CA ASN B 727 -22.04 37.93 -23.77
C ASN B 727 -21.31 39.01 -24.53
N ILE B 728 -20.01 38.84 -24.81
CA ILE B 728 -19.23 39.89 -25.47
C ILE B 728 -19.41 39.87 -26.98
N GLN B 729 -20.26 39.00 -27.52
CA GLN B 729 -20.47 38.98 -28.96
C GLN B 729 -21.07 40.30 -29.44
N ASN B 730 -22.05 40.83 -28.70
CA ASN B 730 -22.64 42.13 -28.98
C ASN B 730 -21.90 43.27 -28.28
N MET B 731 -20.90 42.96 -27.47
CA MET B 731 -20.15 43.94 -26.71
C MET B 731 -19.49 44.99 -27.59
N TYR B 732 -19.23 44.65 -28.86
CA TYR B 732 -18.40 45.47 -29.74
C TYR B 732 -19.18 46.57 -30.44
N SER B 733 -20.49 46.67 -30.24
CA SER B 733 -21.31 47.63 -30.95
C SER B 733 -21.54 48.91 -30.16
N GLU B 734 -20.92 49.06 -28.99
CA GLU B 734 -21.11 50.24 -28.15
C GLU B 734 -19.78 50.62 -27.51
N SER B 735 -19.40 51.88 -27.64
CA SER B 735 -18.08 52.33 -27.19
C SER B 735 -17.92 52.21 -25.68
N SER B 736 -18.94 52.62 -24.92
CA SER B 736 -18.80 52.69 -23.47
C SER B 736 -18.46 51.33 -22.88
N GLN B 737 -19.24 50.31 -23.22
CA GLN B 737 -18.98 48.99 -22.63
C GLN B 737 -17.71 48.37 -23.18
N LEU B 738 -17.30 48.72 -24.41
CA LEU B 738 -16.00 48.27 -24.90
C LEU B 738 -14.87 48.84 -24.06
N LEU B 739 -14.94 50.13 -23.76
CA LEU B 739 -13.94 50.73 -22.87
C LEU B 739 -14.01 50.11 -21.48
N TYR B 740 -15.20 49.75 -21.03
CA TYR B 740 -15.34 49.05 -19.76
C TYR B 740 -14.60 47.71 -19.80
N LEU B 741 -14.76 46.97 -20.90
CA LEU B 741 -14.05 45.69 -21.03
C LEU B 741 -12.54 45.90 -21.01
N LEU B 742 -12.07 46.92 -21.73
CA LEU B 742 -10.63 47.20 -21.74
C LEU B 742 -10.13 47.52 -20.34
N GLU B 743 -10.85 48.38 -19.61
CA GLU B 743 -10.44 48.70 -18.25
C GLU B 743 -10.51 47.48 -17.35
N HIS B 744 -11.44 46.56 -17.62
CA HIS B 744 -11.50 45.33 -16.84
C HIS B 744 -10.27 44.46 -17.09
N THR B 745 -9.82 44.39 -18.34
CA THR B 745 -8.59 43.65 -18.63
C THR B 745 -7.40 44.29 -17.93
N TRP B 746 -7.35 45.62 -17.92
CA TRP B 746 -6.28 46.30 -17.18
C TRP B 746 -6.36 45.97 -15.69
N LYS B 747 -7.57 45.94 -15.14
CA LYS B 747 -7.74 45.58 -13.73
C LYS B 747 -7.28 44.16 -13.47
N ASP B 748 -7.57 43.25 -14.39
CA ASP B 748 -7.12 41.87 -14.24
C ASP B 748 -5.60 41.78 -14.24
N ALA B 749 -4.95 42.53 -15.15
CA ALA B 749 -3.50 42.56 -15.14
C ALA B 749 -2.96 43.09 -13.82
N LYS B 750 -3.59 44.15 -13.30
CA LYS B 750 -3.17 44.70 -12.02
C LYS B 750 -3.34 43.67 -10.90
N PHE B 751 -4.45 42.94 -10.91
CA PHE B 751 -4.66 41.92 -9.88
C PHE B 751 -3.60 40.82 -9.96
N ILE B 752 -3.26 40.38 -11.17
CA ILE B 752 -2.24 39.35 -11.31
C ILE B 752 -0.91 39.86 -10.78
N LEU B 753 -0.55 41.10 -11.14
CA LEU B 753 0.71 41.66 -10.67
C LEU B 753 0.72 41.80 -9.16
N GLN B 754 -0.40 42.23 -8.57
CA GLN B 754 -0.47 42.39 -7.12
C GLN B 754 -0.36 41.04 -6.42
N ILE B 755 -1.01 40.01 -6.96
CA ILE B 755 -0.88 38.67 -6.38
C ILE B 755 0.58 38.24 -6.41
N MET B 756 1.24 38.39 -7.55
CA MET B 756 2.64 37.99 -7.66
C MET B 756 3.50 38.77 -6.66
N CYS B 757 3.27 40.07 -6.55
CA CYS B 757 4.11 40.90 -5.68
C CYS B 757 3.91 40.54 -4.21
N GLU B 758 2.66 40.48 -3.75
CA GLU B 758 2.41 40.25 -2.34
C GLU B 758 2.77 38.83 -1.94
N LEU B 759 2.52 37.86 -2.81
CA LEU B 759 2.99 36.50 -2.55
C LEU B 759 4.50 36.37 -2.78
N ASN B 760 5.13 37.41 -3.32
CA ASN B 760 6.59 37.46 -3.50
C ASN B 760 7.13 36.14 -4.06
N VAL B 761 6.51 35.67 -5.14
CA VAL B 761 6.96 34.44 -5.76
C VAL B 761 8.34 34.60 -6.39
N LEU B 762 8.68 35.80 -6.84
CA LEU B 762 9.98 35.99 -7.48
C LEU B 762 11.16 35.75 -6.53
N PRO B 763 11.23 36.39 -5.36
CA PRO B 763 12.34 36.06 -4.44
C PRO B 763 12.31 34.61 -3.99
N LEU B 764 11.12 34.03 -3.82
CA LEU B 764 11.05 32.61 -3.46
C LEU B 764 11.68 31.75 -4.54
N ALA B 765 11.38 32.05 -5.81
CA ALA B 765 11.99 31.31 -6.91
C ALA B 765 13.50 31.52 -6.94
N LEU B 766 13.95 32.75 -6.71
CA LEU B 766 15.39 33.00 -6.64
C LEU B 766 16.05 32.10 -5.60
N GLN B 767 15.53 32.11 -4.38
CA GLN B 767 16.15 31.35 -3.30
C GLN B 767 16.06 29.86 -3.55
N ILE B 768 14.93 29.38 -4.06
CA ILE B 768 14.78 27.95 -4.32
C ILE B 768 15.76 27.52 -5.41
N THR B 769 15.90 28.32 -6.46
CA THR B 769 16.85 27.98 -7.52
C THR B 769 18.29 28.00 -7.01
N ASN B 770 18.63 29.00 -6.19
CA ASN B 770 19.98 29.05 -5.66
C ASN B 770 20.27 27.84 -4.77
N ILE B 771 19.29 27.45 -3.96
CA ILE B 771 19.47 26.27 -3.11
C ILE B 771 19.63 25.01 -3.96
N ALA B 772 18.78 24.86 -4.97
CA ALA B 772 18.79 23.65 -5.79
C ALA B 772 19.82 23.72 -6.91
N GLY B 773 20.07 24.91 -7.44
CA GLY B 773 21.03 25.07 -8.52
C GLY B 773 20.49 24.79 -9.90
N ASN B 774 19.19 24.54 -10.04
CA ASN B 774 18.60 24.23 -11.33
C ASN B 774 18.37 25.51 -12.12
N ILE B 775 17.63 25.40 -13.22
CA ILE B 775 17.33 26.55 -14.07
C ILE B 775 16.06 27.22 -13.54
N MET B 776 16.13 28.54 -13.36
CA MET B 776 14.99 29.27 -12.78
C MET B 776 13.74 29.06 -13.60
N SER B 777 13.87 28.97 -14.93
CA SER B 777 12.68 28.74 -15.77
C SER B 777 12.01 27.42 -15.42
N ARG B 778 12.80 26.38 -15.18
CA ARG B 778 12.22 25.11 -14.75
C ARG B 778 11.60 25.21 -13.37
N THR B 779 12.16 26.08 -12.51
CA THR B 779 11.56 26.29 -11.19
C THR B 779 10.18 26.92 -11.30
N LEU B 780 10.08 27.99 -12.10
CA LEU B 780 8.81 28.69 -12.22
C LEU B 780 7.80 27.91 -13.06
N MET B 781 8.27 27.08 -14.00
CA MET B 781 7.36 26.29 -14.81
C MET B 781 6.67 25.20 -14.01
N GLY B 782 7.11 24.94 -12.79
CA GLY B 782 6.49 23.95 -11.93
C GLY B 782 7.22 22.63 -11.92
N GLY B 783 7.03 21.89 -10.84
CA GLY B 783 7.66 20.59 -10.68
C GLY B 783 8.86 20.61 -9.76
N ARG B 784 8.67 20.18 -8.51
CA ARG B 784 9.78 20.10 -7.58
C ARG B 784 10.82 19.08 -8.02
N SER B 785 10.42 18.10 -8.82
CA SER B 785 11.35 17.06 -9.25
C SER B 785 12.56 17.66 -9.95
N GLU B 786 12.35 18.66 -10.81
CA GLU B 786 13.46 19.25 -11.53
C GLU B 786 14.49 19.85 -10.58
N ARG B 787 14.04 20.71 -9.67
CA ARG B 787 14.97 21.39 -8.78
C ARG B 787 15.68 20.40 -7.86
N ASN B 788 14.93 19.45 -7.29
CA ASN B 788 15.55 18.50 -6.37
C ASN B 788 16.51 17.57 -7.11
N GLU B 789 16.16 17.17 -8.33
CA GLU B 789 17.05 16.34 -9.14
C GLU B 789 18.34 17.09 -9.46
N PHE B 790 18.24 18.39 -9.75
CA PHE B 790 19.45 19.16 -10.00
C PHE B 790 20.28 19.30 -8.74
N LEU B 791 19.63 19.45 -7.58
CA LEU B 791 20.37 19.45 -6.31
C LEU B 791 21.13 18.14 -6.14
N LEU B 792 20.47 17.02 -6.39
CA LEU B 792 21.13 15.72 -6.28
C LEU B 792 22.26 15.60 -7.28
N LEU B 793 22.06 16.09 -8.49
CA LEU B 793 23.12 16.04 -9.51
C LEU B 793 24.34 16.82 -9.06
N HIS B 794 24.13 18.03 -8.53
CA HIS B 794 25.25 18.81 -8.02
C HIS B 794 25.95 18.07 -6.89
N ALA B 795 25.19 17.50 -5.96
CA ALA B 795 25.79 16.80 -4.84
C ALA B 795 26.63 15.63 -5.32
N PHE B 796 26.09 14.82 -6.23
CA PHE B 796 26.83 13.66 -6.72
C PHE B 796 28.06 14.08 -7.51
N TYR B 797 27.93 15.06 -8.40
CA TYR B 797 29.07 15.48 -9.20
C TYR B 797 30.19 16.02 -8.32
N GLU B 798 29.85 16.85 -7.33
CA GLU B 798 30.87 17.34 -6.41
C GLU B 798 31.49 16.22 -5.59
N ASN B 799 30.83 15.07 -5.49
CA ASN B 799 31.35 13.93 -4.78
C ASN B 799 31.93 12.87 -5.71
N ASN B 800 32.02 13.17 -7.00
CA ASN B 800 32.66 12.30 -7.99
C ASN B 800 31.92 10.98 -8.12
N TYR B 801 30.69 11.08 -8.61
CA TYR B 801 29.84 9.93 -8.90
C TYR B 801 29.52 9.87 -10.39
N ILE B 802 28.93 8.76 -10.79
CA ILE B 802 28.41 8.58 -12.14
C ILE B 802 26.89 8.65 -12.07
N VAL B 803 26.34 9.85 -12.20
CA VAL B 803 24.89 10.04 -12.04
C VAL B 803 24.17 9.29 -13.15
N PRO B 804 23.01 8.69 -12.89
CA PRO B 804 22.33 7.92 -13.94
C PRO B 804 22.05 8.78 -15.15
N ASP B 805 22.19 8.18 -16.34
CA ASP B 805 21.88 8.89 -17.57
C ASP B 805 20.43 9.34 -17.56
N LYS B 806 20.19 10.55 -18.06
CA LYS B 806 18.82 11.04 -18.20
C LYS B 806 18.02 10.04 -19.01
N GLN B 807 16.82 9.72 -18.52
CA GLN B 807 15.96 8.78 -19.22
C GLN B 807 15.85 9.17 -20.68
N ILE B 808 15.74 8.16 -21.55
CA ILE B 808 15.70 8.43 -22.99
C ILE B 808 14.27 8.58 -23.48
N PHE B 809 13.36 7.72 -23.00
CA PHE B 809 11.95 7.85 -23.37
C PHE B 809 11.42 9.22 -22.98
N ARG B 810 11.77 9.69 -21.79
CA ARG B 810 11.36 11.01 -21.28
C ARG B 810 9.86 11.17 -21.57
N LYS B 811 9.44 12.18 -22.32
CA LYS B 811 8.04 12.40 -22.66
C LYS B 811 7.15 12.33 -21.42
N PRO B 812 7.44 13.11 -20.38
CA PRO B 812 6.51 13.20 -19.24
C PRO B 812 5.30 14.04 -19.63
N GLN B 813 4.16 13.37 -19.85
CA GLN B 813 2.94 14.01 -20.32
C GLN B 813 2.22 14.79 -19.24
N GLN B 814 2.86 15.02 -18.09
CA GLN B 814 2.23 15.74 -16.99
C GLN B 814 3.17 16.82 -16.44
N GLY B 842 1.21 5.74 1.29
CA GLY B 842 1.34 5.76 2.73
C GLY B 842 0.12 5.21 3.44
N LEU B 843 -0.11 5.66 4.67
CA LEU B 843 -1.25 5.23 5.47
C LEU B 843 -2.09 6.45 5.85
N VAL B 844 -3.41 6.30 5.74
CA VAL B 844 -4.35 7.34 6.13
C VAL B 844 -5.24 6.76 7.22
N LEU B 845 -5.30 7.44 8.36
CA LEU B 845 -6.14 7.00 9.46
C LEU B 845 -7.60 7.33 9.14
N ASP B 846 -8.46 6.34 9.31
CA ASP B 846 -9.87 6.56 9.04
C ASP B 846 -10.38 7.67 9.95
N PRO B 847 -11.02 8.71 9.42
CA PRO B 847 -11.37 9.86 10.25
C PRO B 847 -12.58 9.56 11.12
N LYS B 848 -12.54 10.06 12.36
CA LYS B 848 -13.67 9.93 13.27
C LYS B 848 -14.63 11.08 12.98
N VAL B 849 -15.33 10.96 11.83
CA VAL B 849 -16.25 12.00 11.41
C VAL B 849 -17.24 12.30 12.53
N GLY B 850 -17.54 13.58 12.71
CA GLY B 850 -18.46 13.97 13.76
C GLY B 850 -18.22 15.39 14.19
N PHE B 851 -18.89 15.78 15.28
CA PHE B 851 -18.85 17.13 15.81
C PHE B 851 -18.02 17.14 17.09
N TYR B 852 -17.07 18.06 17.17
CA TYR B 852 -16.18 18.20 18.32
C TYR B 852 -16.23 19.65 18.77
N ASP B 853 -16.88 19.89 19.91
CA ASP B 853 -16.98 21.24 20.45
C ASP B 853 -15.79 21.61 21.32
N LYS B 854 -14.89 20.67 21.57
CA LYS B 854 -13.67 20.94 22.32
C LYS B 854 -12.54 21.32 21.37
N PHE B 855 -11.51 21.95 21.93
CA PHE B 855 -10.41 22.45 21.11
C PHE B 855 -9.73 21.30 20.39
N ILE B 856 -9.48 21.50 19.09
CA ILE B 856 -8.77 20.55 18.25
C ILE B 856 -7.51 21.23 17.73
N LEU B 857 -6.38 20.52 17.78
CA LEU B 857 -5.12 21.09 17.34
C LEU B 857 -4.52 20.26 16.22
N LEU B 858 -3.79 20.93 15.32
CA LEU B 858 -3.18 20.30 14.17
C LEU B 858 -1.67 20.22 14.38
N LEU B 859 -1.12 19.02 14.25
CA LEU B 859 0.31 18.79 14.31
C LEU B 859 0.78 18.53 12.88
N ASP B 860 1.54 19.47 12.33
CA ASP B 860 1.98 19.38 10.95
C ASP B 860 3.09 18.34 10.84
N PHE B 861 2.78 17.20 10.23
CA PHE B 861 3.79 16.17 9.98
C PHE B 861 4.58 16.52 8.72
N ASN B 862 5.09 17.75 8.66
CA ASN B 862 5.90 18.18 7.53
C ASN B 862 7.35 17.79 7.77
N SER B 863 8.05 17.47 6.67
CA SER B 863 9.43 16.99 6.75
C SER B 863 9.52 15.68 7.51
N LEU B 864 8.46 14.87 7.45
CA LEU B 864 8.51 13.55 8.06
C LEU B 864 9.46 12.62 7.31
N TYR B 865 9.33 12.58 5.98
CA TYR B 865 10.16 11.71 5.16
C TYR B 865 11.63 12.13 5.20
N PRO B 866 11.94 13.42 5.08
CA PRO B 866 13.33 13.84 5.30
C PRO B 866 13.86 13.45 6.66
N SER B 867 13.04 13.54 7.70
CA SER B 867 13.47 13.12 9.03
C SER B 867 13.73 11.62 9.05
N ILE B 868 12.91 10.84 8.37
CA ILE B 868 13.12 9.40 8.28
C ILE B 868 14.46 9.12 7.61
N ILE B 869 14.73 9.80 6.50
CA ILE B 869 15.98 9.59 5.78
C ILE B 869 17.17 9.93 6.66
N GLN B 870 17.09 11.07 7.37
CA GLN B 870 18.18 11.44 8.27
C GLN B 870 18.37 10.40 9.37
N GLU B 871 17.26 9.96 9.98
CA GLU B 871 17.35 9.06 11.12
C GLU B 871 17.97 7.73 10.72
N PHE B 872 17.47 7.12 9.65
CA PHE B 872 17.86 5.78 9.27
C PHE B 872 18.88 5.75 8.14
N ASN B 873 19.47 6.89 7.80
CA ASN B 873 20.59 6.94 6.87
C ASN B 873 20.24 6.24 5.56
N ILE B 874 19.03 6.47 5.08
CA ILE B 874 18.60 5.89 3.81
C ILE B 874 19.24 6.67 2.67
N CYS B 875 19.90 5.96 1.76
CA CYS B 875 20.61 6.59 0.66
C CYS B 875 20.82 5.57 -0.45
N PHE B 876 21.29 6.08 -1.59
CA PHE B 876 21.68 5.19 -2.68
C PHE B 876 22.98 4.46 -2.36
N THR B 877 23.84 5.08 -1.55
CA THR B 877 25.14 4.51 -1.22
C THR B 877 25.12 3.65 0.04
N THR B 878 23.97 3.52 0.70
CA THR B 878 23.88 2.77 1.95
C THR B 878 22.96 1.57 1.85
N VAL B 879 21.73 1.76 1.40
CA VAL B 879 20.78 0.65 1.33
C VAL B 879 21.23 -0.35 0.29
N GLN B 880 21.15 -1.64 0.61
CA GLN B 880 21.61 -2.71 -0.26
C GLN B 880 20.41 -3.31 -0.99
N ARG B 881 19.99 -2.63 -2.06
CA ARG B 881 18.91 -3.15 -2.87
C ARG B 881 19.40 -4.28 -3.76
N VAL B 882 18.48 -5.12 -4.19
CA VAL B 882 18.81 -6.26 -5.04
C VAL B 882 17.65 -6.55 -5.99
N ILE B 898 11.66 -5.95 -0.88
CA ILE B 898 11.79 -4.88 0.09
C ILE B 898 13.17 -4.94 0.74
N PRO B 899 13.87 -3.81 0.79
CA PRO B 899 15.23 -3.81 1.34
C PRO B 899 15.22 -3.87 2.85
N GLU B 900 16.41 -3.80 3.44
CA GLU B 900 16.59 -3.88 4.88
C GLU B 900 17.24 -2.60 5.38
N LEU B 901 16.90 -2.22 6.60
CA LEU B 901 17.41 -0.97 7.16
C LEU B 901 18.94 -1.02 7.23
N PRO B 902 19.63 0.04 6.84
CA PRO B 902 21.09 0.03 6.94
C PRO B 902 21.55 -0.02 8.38
N ASP B 903 22.70 -0.66 8.59
CA ASP B 903 23.27 -0.78 9.92
C ASP B 903 23.58 0.62 10.45
N PRO B 904 23.19 0.95 11.69
CA PRO B 904 23.44 2.32 12.17
C PRO B 904 24.90 2.72 12.17
N SER B 905 25.82 1.77 12.39
CA SER B 905 27.24 2.13 12.49
C SER B 905 27.80 2.67 11.19
N LEU B 906 27.17 2.36 10.05
CA LEU B 906 27.65 2.86 8.77
C LEU B 906 27.65 4.39 8.73
N GLU B 907 28.66 4.94 8.07
CA GLU B 907 28.79 6.39 7.96
C GLU B 907 27.62 6.96 7.15
N MET B 908 27.29 8.22 7.44
CA MET B 908 26.14 8.85 6.81
C MET B 908 26.30 8.85 5.29
N GLY B 909 25.20 8.57 4.60
CA GLY B 909 25.18 8.53 3.15
C GLY B 909 25.18 9.92 2.56
N ILE B 910 24.98 9.97 1.24
CA ILE B 910 24.98 11.23 0.53
C ILE B 910 23.66 11.97 0.72
N LEU B 911 22.55 11.34 0.31
CA LEU B 911 21.24 11.95 0.44
C LEU B 911 20.95 12.42 1.86
N PRO B 912 21.17 11.60 2.90
CA PRO B 912 21.10 12.15 4.26
C PRO B 912 22.08 13.29 4.46
N ARG B 913 23.23 13.28 3.79
CA ARG B 913 24.21 14.34 4.00
C ARG B 913 23.63 15.70 3.61
N GLU B 914 23.10 15.82 2.38
CA GLU B 914 22.63 17.15 2.01
C GLU B 914 21.26 17.44 2.60
N ILE B 915 20.46 16.43 2.96
CA ILE B 915 19.25 16.71 3.73
C ILE B 915 19.64 17.33 5.07
N ARG B 916 20.65 16.77 5.72
CA ARG B 916 21.16 17.34 6.96
C ARG B 916 21.68 18.75 6.74
N LYS B 917 22.40 18.98 5.63
CA LYS B 917 22.89 20.31 5.35
C LYS B 917 21.75 21.31 5.25
N LEU B 918 20.68 20.94 4.54
CA LEU B 918 19.52 21.80 4.43
C LEU B 918 18.90 22.07 5.80
N VAL B 919 18.78 21.02 6.63
CA VAL B 919 18.17 21.20 7.93
C VAL B 919 19.01 22.13 8.80
N GLU B 920 20.33 21.95 8.80
CA GLU B 920 21.19 22.80 9.62
C GLU B 920 21.17 24.24 9.14
N ARG B 921 21.17 24.48 7.83
CA ARG B 921 21.12 25.86 7.38
C ARG B 921 19.76 26.49 7.68
N ARG B 922 18.68 25.70 7.62
CA ARG B 922 17.39 26.22 8.06
C ARG B 922 17.44 26.58 9.54
N LYS B 923 18.08 25.74 10.35
CA LYS B 923 18.18 26.03 11.78
C LYS B 923 18.97 27.31 12.02
N GLN B 924 20.08 27.49 11.29
CA GLN B 924 20.88 28.70 11.47
C GLN B 924 20.12 29.93 11.02
N VAL B 925 19.35 29.83 9.94
CA VAL B 925 18.52 30.95 9.51
C VAL B 925 17.46 31.26 10.57
N LYS B 926 16.90 30.22 11.18
CA LYS B 926 15.94 30.43 12.26
C LYS B 926 16.58 31.13 13.44
N GLN B 927 17.82 30.74 13.78
CA GLN B 927 18.54 31.44 14.84
C GLN B 927 18.74 32.91 14.47
N LEU B 928 19.15 33.18 13.23
CA LEU B 928 19.29 34.56 12.77
C LEU B 928 17.98 35.32 12.93
N MET B 929 16.86 34.66 12.64
CA MET B 929 15.55 35.29 12.84
C MET B 929 15.31 35.57 14.32
N LYS B 930 15.72 34.65 15.20
CA LYS B 930 15.46 34.80 16.62
C LYS B 930 16.05 36.11 17.15
N GLN B 931 17.32 36.37 16.84
CA GLN B 931 17.97 37.58 17.32
C GLN B 931 17.24 38.81 16.78
N GLN B 932 16.98 39.76 17.66
CA GLN B 932 16.19 40.93 17.34
C GLN B 932 17.10 42.05 16.82
N ASP B 933 16.52 43.23 16.60
CA ASP B 933 17.25 44.39 16.10
C ASP B 933 17.83 44.12 14.71
N LEU B 934 16.97 43.64 13.82
CA LEU B 934 17.34 43.39 12.44
C LEU B 934 16.46 44.20 11.51
N ASN B 935 17.03 44.59 10.38
CA ASN B 935 16.30 45.38 9.40
C ASN B 935 15.07 44.59 8.93
N PRO B 936 13.88 45.21 8.91
CA PRO B 936 12.69 44.45 8.49
C PRO B 936 12.83 43.82 7.12
N ASP B 937 13.51 44.49 6.18
CA ASP B 937 13.78 43.87 4.88
C ASP B 937 14.64 42.62 5.05
N LEU B 938 15.66 42.70 5.90
CA LEU B 938 16.49 41.53 6.17
C LEU B 938 15.67 40.43 6.85
N ILE B 939 14.74 40.81 7.72
CA ILE B 939 13.88 39.83 8.36
C ILE B 939 13.02 39.12 7.31
N LEU B 940 12.46 39.87 6.37
CA LEU B 940 11.69 39.25 5.30
C LEU B 940 12.55 38.33 4.46
N GLN B 941 13.79 38.75 4.17
CA GLN B 941 14.69 37.89 3.41
C GLN B 941 14.97 36.58 4.15
N TYR B 942 15.20 36.67 5.46
CA TYR B 942 15.43 35.45 6.24
C TYR B 942 14.20 34.56 6.23
N ASP B 943 13.01 35.15 6.36
CA ASP B 943 11.79 34.35 6.31
C ASP B 943 11.66 33.64 4.97
N ILE B 944 11.94 34.36 3.88
CA ILE B 944 11.85 33.75 2.56
C ILE B 944 12.83 32.61 2.42
N ARG B 945 14.07 32.80 2.90
CA ARG B 945 15.06 31.73 2.82
C ARG B 945 14.63 30.51 3.62
N GLN B 946 14.10 30.74 4.82
CA GLN B 946 13.62 29.62 5.63
C GLN B 946 12.50 28.87 4.93
N LYS B 947 11.56 29.60 4.32
CA LYS B 947 10.47 28.96 3.61
C LYS B 947 10.98 28.14 2.43
N ALA B 948 11.94 28.69 1.68
CA ALA B 948 12.49 27.96 0.54
C ALA B 948 13.20 26.69 1.00
N LEU B 949 13.98 26.78 2.09
CA LEU B 949 14.65 25.59 2.60
C LEU B 949 13.64 24.55 3.04
N LYS B 950 12.57 24.98 3.71
CA LYS B 950 11.53 24.03 4.13
C LYS B 950 10.91 23.34 2.92
N LEU B 951 10.61 24.11 1.87
CA LEU B 951 9.99 23.53 0.68
C LEU B 951 10.92 22.51 0.03
N THR B 952 12.20 22.85 -0.11
CA THR B 952 13.15 21.93 -0.72
C THR B 952 13.28 20.66 0.10
N ALA B 953 13.39 20.79 1.42
CA ALA B 953 13.48 19.61 2.27
C ALA B 953 12.25 18.75 2.13
N ASN B 954 11.07 19.37 2.07
CA ASN B 954 9.84 18.60 1.93
C ASN B 954 9.81 17.84 0.61
N SER B 955 10.25 18.48 -0.48
CA SER B 955 10.17 17.86 -1.79
C SER B 955 11.32 16.89 -2.08
N MET B 956 12.31 16.81 -1.18
CA MET B 956 13.40 15.85 -1.39
C MET B 956 12.88 14.44 -1.64
N TYR B 957 11.98 13.95 -0.78
CA TYR B 957 11.49 12.59 -0.95
C TYR B 957 10.79 12.42 -2.28
N GLY B 958 9.92 13.37 -2.64
CA GLY B 958 9.28 13.30 -3.94
C GLY B 958 10.29 13.17 -5.05
N CYS B 959 11.42 13.87 -4.92
CA CYS B 959 12.51 13.67 -5.87
C CYS B 959 12.98 12.23 -5.86
N LEU B 960 13.16 11.66 -4.67
CA LEU B 960 13.65 10.29 -4.58
C LEU B 960 12.67 9.32 -5.22
N GLY B 961 11.45 9.25 -4.70
CA GLY B 961 10.49 8.26 -5.15
C GLY B 961 9.44 8.78 -6.10
N PHE B 962 9.67 8.60 -7.40
CA PHE B 962 8.69 8.92 -8.42
C PHE B 962 9.16 8.31 -9.73
N SER B 963 8.22 7.69 -10.46
CA SER B 963 8.60 6.96 -11.66
C SER B 963 9.25 7.89 -12.68
N TYR B 964 8.68 9.08 -12.88
CA TYR B 964 9.18 10.00 -13.88
C TYR B 964 10.51 10.64 -13.49
N SER B 965 10.95 10.47 -12.25
CA SER B 965 12.16 11.13 -11.79
C SER B 965 13.41 10.40 -12.30
N ARG B 966 14.52 11.13 -12.33
CA ARG B 966 15.79 10.54 -12.78
C ARG B 966 16.30 9.50 -11.79
N PHE B 967 16.08 9.71 -10.50
CA PHE B 967 16.59 8.83 -9.45
C PHE B 967 15.53 7.89 -8.90
N TYR B 968 14.62 7.41 -9.75
CA TYR B 968 13.58 6.50 -9.28
C TYR B 968 14.19 5.24 -8.69
N ALA B 969 14.05 5.06 -7.37
CA ALA B 969 14.57 3.89 -6.67
C ALA B 969 13.39 3.27 -5.91
N LYS B 970 12.74 2.29 -6.55
CA LYS B 970 11.54 1.70 -5.96
C LYS B 970 11.80 1.13 -4.57
N PRO B 971 12.83 0.32 -4.35
CA PRO B 971 13.03 -0.23 -3.00
C PRO B 971 13.21 0.83 -1.93
N LEU B 972 13.96 1.90 -2.24
CA LEU B 972 14.16 2.95 -1.26
C LEU B 972 12.86 3.66 -0.93
N ALA B 973 12.06 3.97 -1.95
CA ALA B 973 10.78 4.61 -1.70
C ALA B 973 9.87 3.72 -0.88
N ALA B 974 9.83 2.42 -1.19
CA ALA B 974 9.00 1.50 -0.44
C ALA B 974 9.42 1.45 1.02
N LEU B 975 10.73 1.36 1.27
CA LEU B 975 11.22 1.32 2.65
C LEU B 975 10.90 2.60 3.39
N VAL B 976 11.09 3.75 2.74
CA VAL B 976 10.82 5.03 3.40
C VAL B 976 9.35 5.14 3.74
N THR B 977 8.47 4.76 2.82
CA THR B 977 7.04 4.80 3.11
C THR B 977 6.68 3.85 4.25
N TYR B 978 7.26 2.66 4.26
CA TYR B 978 6.97 1.70 5.32
C TYR B 978 7.38 2.26 6.68
N LYS B 979 8.59 2.83 6.77
CA LYS B 979 9.04 3.39 8.03
C LYS B 979 8.18 4.58 8.45
N GLY B 980 7.77 5.42 7.50
CA GLY B 980 6.89 6.52 7.82
C GLY B 980 5.58 6.05 8.39
N ARG B 981 4.97 5.04 7.76
CA ARG B 981 3.73 4.49 8.28
C ARG B 981 3.92 3.91 9.68
N GLU B 982 5.04 3.20 9.89
CA GLU B 982 5.31 2.61 11.19
C GLU B 982 5.38 3.69 12.26
N ILE B 983 6.15 4.75 12.02
CA ILE B 983 6.32 5.78 13.03
C ILE B 983 5.02 6.54 13.24
N LEU B 984 4.24 6.74 12.18
CA LEU B 984 2.95 7.42 12.35
C LEU B 984 2.00 6.59 13.20
N MET B 985 1.94 5.28 12.95
CA MET B 985 1.08 4.42 13.77
C MET B 985 1.54 4.42 15.21
N HIS B 986 2.86 4.38 15.43
CA HIS B 986 3.38 4.42 16.80
C HIS B 986 3.00 5.72 17.48
N THR B 987 3.11 6.85 16.78
CA THR B 987 2.72 8.12 17.35
C THR B 987 1.23 8.14 17.69
N LYS B 988 0.40 7.59 16.80
CA LYS B 988 -1.03 7.53 17.07
C LYS B 988 -1.31 6.74 18.35
N GLU B 989 -0.72 5.54 18.46
CA GLU B 989 -0.98 4.73 19.65
C GLU B 989 -0.45 5.41 20.90
N MET B 990 0.72 6.04 20.81
CA MET B 990 1.30 6.72 21.97
C MET B 990 0.41 7.85 22.44
N VAL B 991 -0.02 8.72 21.52
CA VAL B 991 -0.85 9.84 21.92
C VAL B 991 -2.20 9.35 22.42
N GLN B 992 -2.68 8.21 21.91
CA GLN B 992 -3.87 7.59 22.50
C GLN B 992 -3.62 7.19 23.94
N LYS B 993 -2.45 6.62 24.22
CA LYS B 993 -2.10 6.26 25.58
C LYS B 993 -2.01 7.49 26.48
N MET B 994 -1.74 8.66 25.91
CA MET B 994 -1.64 9.92 26.66
C MET B 994 -3.01 10.44 27.13
N ASN B 995 -4.07 9.65 26.97
CA ASN B 995 -5.43 10.02 27.36
C ASN B 995 -6.08 10.99 26.38
N LEU B 996 -5.49 11.14 25.20
CA LEU B 996 -6.05 11.96 24.13
C LEU B 996 -6.72 11.05 23.11
N GLU B 997 -7.17 11.63 22.00
CA GLU B 997 -7.70 10.86 20.90
C GLU B 997 -7.38 11.59 19.60
N VAL B 998 -6.92 10.84 18.60
CA VAL B 998 -6.56 11.39 17.30
C VAL B 998 -7.68 11.07 16.32
N ILE B 999 -8.08 12.07 15.54
CA ILE B 999 -9.23 11.94 14.64
C ILE B 999 -8.84 11.85 13.18
N TYR B 1000 -7.59 12.17 12.82
CA TYR B 1000 -7.17 12.07 11.43
C TYR B 1000 -5.68 12.36 11.27
N GLY B 1001 -5.05 11.72 10.29
CA GLY B 1001 -3.70 12.10 9.90
C GLY B 1001 -3.11 11.21 8.83
N ASP B 1002 -2.49 11.81 7.79
CA ASP B 1002 -1.83 11.06 6.72
C ASP B 1002 -0.48 11.72 6.41
N THR B 1003 0.53 11.38 7.21
CA THR B 1003 1.93 11.66 6.87
C THR B 1003 2.23 13.15 6.70
N ASP B 1004 1.22 14.02 6.87
CA ASP B 1004 1.42 15.45 6.71
C ASP B 1004 0.66 16.28 7.72
N SER B 1005 -0.14 15.66 8.59
CA SER B 1005 -0.92 16.39 9.57
C SER B 1005 -1.58 15.39 10.50
N ILE B 1006 -1.86 15.84 11.71
CA ILE B 1006 -2.53 15.02 12.73
C ILE B 1006 -3.46 15.93 13.51
N MET B 1007 -4.76 15.68 13.41
CA MET B 1007 -5.73 16.41 14.23
C MET B 1007 -5.92 15.67 15.55
N ILE B 1008 -5.70 16.37 16.65
CA ILE B 1008 -5.82 15.82 18.00
C ILE B 1008 -6.95 16.55 18.71
N ASN B 1009 -7.87 15.78 19.28
CA ASN B 1009 -8.94 16.32 20.10
C ASN B 1009 -8.45 16.38 21.55
N THR B 1010 -8.49 17.56 22.13
CA THR B 1010 -7.89 17.78 23.44
C THR B 1010 -8.86 17.59 24.60
N ASN B 1011 -10.17 17.64 24.33
CA ASN B 1011 -11.18 17.61 25.39
C ASN B 1011 -10.98 18.75 26.39
N SER B 1012 -10.28 19.80 25.98
CA SER B 1012 -9.93 20.92 26.85
C SER B 1012 -10.50 22.21 26.29
N THR B 1013 -11.12 23.00 27.16
CA THR B 1013 -11.68 24.28 26.77
C THR B 1013 -10.76 25.45 27.08
N ASN B 1014 -9.55 25.19 27.59
CA ASN B 1014 -8.59 26.23 27.91
C ASN B 1014 -7.51 26.26 26.83
N LEU B 1015 -7.35 27.42 26.20
CA LEU B 1015 -6.39 27.52 25.11
C LEU B 1015 -4.96 27.28 25.58
N GLU B 1016 -4.59 27.86 26.73
CA GLU B 1016 -3.24 27.68 27.23
C GLU B 1016 -2.97 26.21 27.57
N GLU B 1017 -3.96 25.54 28.16
CA GLU B 1017 -3.82 24.12 28.43
C GLU B 1017 -3.58 23.34 27.15
N VAL B 1018 -4.31 23.68 26.09
CA VAL B 1018 -4.14 23.00 24.81
C VAL B 1018 -2.74 23.24 24.27
N PHE B 1019 -2.26 24.48 24.36
CA PHE B 1019 -0.92 24.79 23.85
C PHE B 1019 0.15 24.01 24.60
N LYS B 1020 0.06 23.96 25.93
CA LYS B 1020 1.07 23.23 26.69
C LYS B 1020 0.97 21.73 26.43
N LEU B 1021 -0.24 21.21 26.25
CA LEU B 1021 -0.38 19.79 25.93
C LEU B 1021 0.25 19.47 24.57
N GLY B 1022 0.01 20.34 23.58
CA GLY B 1022 0.67 20.17 22.30
C GLY B 1022 2.18 20.22 22.41
N ASN B 1023 2.69 21.16 23.20
CA ASN B 1023 4.13 21.23 23.40
C ASN B 1023 4.65 19.95 24.05
N LYS B 1024 3.93 19.39 25.02
CA LYS B 1024 4.40 18.19 25.69
C LYS B 1024 4.41 17.00 24.74
N VAL B 1025 3.36 16.84 23.93
CA VAL B 1025 3.33 15.72 23.00
C VAL B 1025 4.44 15.88 21.96
N LYS B 1026 4.65 17.11 21.49
CA LYS B 1026 5.75 17.36 20.56
C LYS B 1026 7.09 17.00 21.19
N SER B 1027 7.31 17.40 22.44
CA SER B 1027 8.57 17.12 23.10
C SER B 1027 8.80 15.62 23.27
N GLU B 1028 7.77 14.89 23.68
CA GLU B 1028 7.95 13.46 23.91
C GLU B 1028 8.15 12.71 22.59
N VAL B 1029 7.45 13.10 21.52
CA VAL B 1029 7.69 12.45 20.24
C VAL B 1029 9.08 12.80 19.72
N ASN B 1030 9.54 14.04 19.97
CA ASN B 1030 10.88 14.43 19.54
C ASN B 1030 11.95 13.64 20.28
N LYS B 1031 11.80 13.47 21.59
CA LYS B 1031 12.79 12.69 22.33
C LYS B 1031 12.69 11.21 22.02
N LEU B 1032 11.54 10.74 21.52
CA LEU B 1032 11.48 9.37 21.01
C LEU B 1032 12.14 9.27 19.64
N TYR B 1033 11.96 10.27 18.79
CA TYR B 1033 12.58 10.32 17.46
C TYR B 1033 13.36 11.63 17.36
N LYS B 1034 14.68 11.53 17.41
CA LYS B 1034 15.51 12.72 17.64
C LYS B 1034 15.30 13.75 16.54
N LEU B 1035 15.34 13.33 15.28
CA LEU B 1035 15.39 14.26 14.16
C LEU B 1035 14.02 14.68 13.65
N LEU B 1036 12.93 14.19 14.26
CA LEU B 1036 11.60 14.57 13.82
C LEU B 1036 11.24 15.93 14.39
N GLU B 1037 10.90 16.87 13.52
CA GLU B 1037 10.59 18.25 13.90
C GLU B 1037 9.11 18.50 13.65
N ILE B 1038 8.30 18.25 14.68
CA ILE B 1038 6.87 18.48 14.61
C ILE B 1038 6.58 19.90 15.10
N ASP B 1039 5.40 20.40 14.77
CA ASP B 1039 5.02 21.75 15.16
C ASP B 1039 3.50 21.88 15.09
N ILE B 1040 3.00 22.94 15.74
CA ILE B 1040 1.58 23.23 15.77
C ILE B 1040 1.25 24.16 14.61
N ASP B 1041 0.29 23.74 13.78
CA ASP B 1041 -0.10 24.52 12.60
C ASP B 1041 -1.33 25.38 12.84
N GLY B 1042 -2.33 24.86 13.55
CA GLY B 1042 -3.55 25.62 13.79
C GLY B 1042 -4.37 24.98 14.89
N VAL B 1043 -5.33 25.73 15.38
CA VAL B 1043 -6.23 25.30 16.45
C VAL B 1043 -7.65 25.60 16.05
N PHE B 1044 -8.54 24.62 16.23
CA PHE B 1044 -9.96 24.77 15.96
C PHE B 1044 -10.71 24.73 17.27
N LYS B 1045 -11.49 25.78 17.55
CA LYS B 1045 -12.31 25.78 18.75
C LYS B 1045 -13.38 24.69 18.67
N SER B 1046 -14.04 24.56 17.53
CA SER B 1046 -15.05 23.53 17.31
C SER B 1046 -15.00 23.15 15.85
N LEU B 1047 -15.07 21.84 15.58
CA LEU B 1047 -14.89 21.34 14.23
C LEU B 1047 -15.89 20.23 13.94
N LEU B 1048 -16.52 20.31 12.77
CA LEU B 1048 -17.35 19.25 12.22
C LEU B 1048 -16.55 18.61 11.10
N LEU B 1049 -16.17 17.35 11.28
CA LEU B 1049 -15.35 16.61 10.32
C LEU B 1049 -16.24 15.65 9.54
N LEU B 1050 -16.07 15.64 8.22
CA LEU B 1050 -16.82 14.75 7.34
C LEU B 1050 -15.92 13.92 6.44
N LYS B 1051 -14.78 14.48 6.01
CA LYS B 1051 -13.86 13.78 5.11
C LYS B 1051 -12.60 14.62 5.03
N LYS B 1052 -11.59 14.08 4.34
CA LYS B 1052 -10.38 14.84 4.07
C LYS B 1052 -10.74 16.14 3.36
N LYS B 1053 -10.30 17.26 3.93
CA LYS B 1053 -10.60 18.58 3.37
C LYS B 1053 -12.10 18.79 3.23
N LYS B 1054 -12.89 18.16 4.12
CA LYS B 1054 -14.34 18.34 4.16
C LYS B 1054 -14.72 18.53 5.63
N TYR B 1055 -14.93 19.79 6.01
CA TYR B 1055 -15.19 20.09 7.41
C TYR B 1055 -15.69 21.53 7.51
N ALA B 1056 -16.15 21.87 8.72
CA ALA B 1056 -16.55 23.24 9.05
C ALA B 1056 -16.02 23.54 10.43
N ALA B 1057 -15.19 24.58 10.55
CA ALA B 1057 -14.46 24.83 11.78
C ALA B 1057 -14.47 26.32 12.12
N LEU B 1058 -14.18 26.58 13.40
CA LEU B 1058 -13.95 27.92 13.90
C LEU B 1058 -12.45 28.04 14.15
N VAL B 1059 -11.72 28.45 13.12
CA VAL B 1059 -10.27 28.59 13.24
C VAL B 1059 -9.96 29.54 14.38
N VAL B 1060 -9.09 29.11 15.28
CA VAL B 1060 -8.73 29.89 16.47
C VAL B 1060 -7.49 30.68 16.13
N GLU B 1061 -7.67 31.95 15.72
CA GLU B 1061 -6.54 32.82 15.45
C GLU B 1061 -6.13 33.48 16.75
N PRO B 1062 -4.96 33.17 17.31
CA PRO B 1062 -4.59 33.75 18.61
C PRO B 1062 -4.19 35.21 18.48
N THR B 1063 -4.88 36.06 19.23
CA THR B 1063 -4.55 37.48 19.30
C THR B 1063 -3.68 37.73 20.53
N SER B 1064 -3.44 39.00 20.83
CA SER B 1064 -2.59 39.36 21.95
C SER B 1064 -3.30 39.11 23.28
N ASP B 1065 -2.50 39.09 24.35
CA ASP B 1065 -3.00 38.90 25.72
C ASP B 1065 -3.75 37.57 25.86
N GLY B 1066 -3.43 36.60 25.01
CA GLY B 1066 -4.06 35.30 25.08
C GLY B 1066 -5.46 35.24 24.51
N ASN B 1067 -6.03 36.37 24.10
CA ASN B 1067 -7.33 36.36 23.47
C ASN B 1067 -7.23 35.85 22.04
N TYR B 1068 -8.32 35.27 21.55
CA TYR B 1068 -8.34 34.67 20.23
C TYR B 1068 -9.62 35.04 19.52
N VAL B 1069 -9.57 34.99 18.19
CA VAL B 1069 -10.71 35.26 17.33
C VAL B 1069 -11.12 33.95 16.66
N THR B 1070 -12.41 33.66 16.68
CA THR B 1070 -12.95 32.44 16.07
C THR B 1070 -13.33 32.76 14.62
N LYS B 1071 -12.34 32.76 13.75
CA LYS B 1071 -12.59 32.98 12.34
C LYS B 1071 -13.43 31.85 11.77
N GLN B 1072 -14.44 32.20 10.99
CA GLN B 1072 -15.39 31.23 10.45
C GLN B 1072 -14.80 30.63 9.18
N GLU B 1073 -14.43 29.35 9.22
CA GLU B 1073 -13.85 28.70 8.06
C GLU B 1073 -14.58 27.39 7.81
N LEU B 1074 -14.62 26.98 6.55
CA LEU B 1074 -15.26 25.71 6.19
C LEU B 1074 -14.90 25.35 4.77
N LYS B 1075 -14.50 24.10 4.57
CA LYS B 1075 -14.05 23.61 3.26
C LYS B 1075 -14.86 22.39 2.88
N GLY B 1076 -15.15 22.27 1.59
CA GLY B 1076 -15.88 21.13 1.06
C GLY B 1076 -17.38 21.20 1.22
N LEU B 1077 -17.91 22.28 1.79
CA LEU B 1077 -19.35 22.41 1.97
C LEU B 1077 -20.05 22.95 0.73
N ASP B 1078 -19.31 23.31 -0.31
CA ASP B 1078 -19.91 23.86 -1.51
C ASP B 1078 -20.89 22.86 -2.12
N ILE B 1079 -22.02 23.38 -2.60
CA ILE B 1079 -23.05 22.58 -3.25
C ILE B 1079 -22.91 22.75 -4.76
N VAL B 1080 -22.98 21.64 -5.48
CA VAL B 1080 -22.68 21.67 -6.92
C VAL B 1080 -23.89 22.05 -7.74
N ARG B 1081 -25.08 21.57 -7.37
CA ARG B 1081 -26.29 21.79 -8.16
C ARG B 1081 -27.13 22.90 -7.53
N ARG B 1082 -27.76 23.71 -8.37
CA ARG B 1082 -28.52 24.88 -7.95
C ARG B 1082 -30.02 24.67 -8.09
N ASP B 1083 -30.50 23.43 -7.93
CA ASP B 1083 -31.91 23.10 -8.08
C ASP B 1083 -32.61 23.00 -6.73
N TRP B 1084 -32.24 23.84 -5.77
CA TRP B 1084 -32.78 23.78 -4.42
C TRP B 1084 -33.76 24.92 -4.19
N CYS B 1085 -34.80 24.64 -3.41
CA CYS B 1085 -35.76 25.66 -3.03
C CYS B 1085 -35.10 26.71 -2.14
N ASP B 1086 -35.61 27.94 -2.22
CA ASP B 1086 -35.15 28.98 -1.31
C ASP B 1086 -35.28 28.54 0.14
N LEU B 1087 -36.36 27.82 0.46
CA LEU B 1087 -36.53 27.31 1.81
C LEU B 1087 -35.45 26.31 2.17
N ALA B 1088 -35.07 25.45 1.23
CA ALA B 1088 -33.99 24.50 1.48
C ALA B 1088 -32.67 25.22 1.75
N LYS B 1089 -32.37 26.25 0.95
CA LYS B 1089 -31.15 27.01 1.17
C LYS B 1089 -31.18 27.69 2.53
N ASP B 1090 -32.33 28.26 2.91
CA ASP B 1090 -32.44 28.89 4.22
C ASP B 1090 -32.22 27.89 5.35
N THR B 1091 -32.81 26.70 5.23
CA THR B 1091 -32.64 25.68 6.26
C THR B 1091 -31.18 25.25 6.36
N GLY B 1092 -30.51 25.05 5.21
CA GLY B 1092 -29.11 24.69 5.24
C GLY B 1092 -28.25 25.77 5.89
N ASN B 1093 -28.51 27.04 5.55
CA ASN B 1093 -27.77 28.13 6.15
C ASN B 1093 -27.98 28.16 7.66
N PHE B 1094 -29.23 27.99 8.10
CA PHE B 1094 -29.49 27.97 9.54
C PHE B 1094 -28.73 26.84 10.21
N VAL B 1095 -28.77 25.64 9.63
CA VAL B 1095 -28.15 24.49 10.27
C VAL B 1095 -26.64 24.70 10.38
N ILE B 1096 -26.02 25.16 9.29
CA ILE B 1096 -24.57 25.36 9.32
C ILE B 1096 -24.20 26.46 10.32
N GLY B 1097 -24.97 27.54 10.34
CA GLY B 1097 -24.69 28.60 11.30
C GLY B 1097 -24.81 28.12 12.74
N GLN B 1098 -25.85 27.32 13.03
CA GLN B 1098 -26.00 26.79 14.37
C GLN B 1098 -24.84 25.88 14.75
N ILE B 1099 -24.43 25.01 13.82
CA ILE B 1099 -23.32 24.10 14.14
C ILE B 1099 -22.03 24.88 14.36
N LEU B 1100 -21.84 25.97 13.63
CA LEU B 1100 -20.62 26.77 13.78
C LEU B 1100 -20.73 27.80 14.89
N SER B 1101 -21.83 27.82 15.63
CA SER B 1101 -21.89 28.63 16.84
C SER B 1101 -21.08 27.97 17.95
N ASP B 1102 -20.71 28.77 18.95
CA ASP B 1102 -19.81 28.30 20.00
C ASP B 1102 -20.54 27.54 21.11
N GLN B 1103 -21.86 27.56 21.14
CA GLN B 1103 -22.58 26.92 22.24
C GLN B 1103 -22.37 25.40 22.20
N SER B 1104 -22.60 24.78 23.35
CA SER B 1104 -22.28 23.36 23.53
C SER B 1104 -23.02 22.50 22.52
N ARG B 1105 -22.60 21.24 22.44
CA ARG B 1105 -23.20 20.30 21.49
C ARG B 1105 -24.69 20.11 21.77
N ASP B 1106 -25.06 19.94 23.04
CA ASP B 1106 -26.45 19.69 23.37
C ASP B 1106 -27.33 20.85 22.97
N THR B 1107 -26.87 22.08 23.23
CA THR B 1107 -27.67 23.26 22.86
C THR B 1107 -27.83 23.35 21.35
N ILE B 1108 -26.75 23.08 20.61
CA ILE B 1108 -26.82 23.13 19.15
C ILE B 1108 -27.82 22.12 18.63
N VAL B 1109 -27.74 20.89 19.14
CA VAL B 1109 -28.66 19.84 18.70
C VAL B 1109 -30.11 20.20 19.04
N GLU B 1110 -30.32 20.76 20.24
CA GLU B 1110 -31.67 21.15 20.63
C GLU B 1110 -32.22 22.23 19.71
N ASN B 1111 -31.40 23.25 19.41
CA ASN B 1111 -31.86 24.30 18.52
C ASN B 1111 -32.19 23.74 17.13
N ILE B 1112 -31.31 22.88 16.61
CA ILE B 1112 -31.54 22.33 15.28
C ILE B 1112 -32.80 21.50 15.26
N GLN B 1113 -33.01 20.66 16.28
CA GLN B 1113 -34.21 19.84 16.33
C GLN B 1113 -35.46 20.70 16.42
N LYS B 1114 -35.43 21.75 17.24
CA LYS B 1114 -36.60 22.62 17.35
C LYS B 1114 -36.91 23.27 16.01
N ARG B 1115 -35.88 23.79 15.33
CA ARG B 1115 -36.11 24.44 14.05
C ARG B 1115 -36.64 23.45 13.02
N LEU B 1116 -36.09 22.23 12.99
CA LEU B 1116 -36.54 21.25 12.02
C LEU B 1116 -37.99 20.86 12.27
N ILE B 1117 -38.36 20.66 13.54
CA ILE B 1117 -39.75 20.32 13.85
C ILE B 1117 -40.68 21.47 13.44
N GLU B 1118 -40.27 22.71 13.74
CA GLU B 1118 -41.10 23.85 13.36
C GLU B 1118 -41.27 23.92 11.84
N ILE B 1119 -40.19 23.72 11.09
CA ILE B 1119 -40.28 23.77 9.64
C ILE B 1119 -41.17 22.65 9.11
N GLY B 1120 -41.03 21.45 9.67
CA GLY B 1120 -41.87 20.35 9.24
C GLY B 1120 -43.34 20.64 9.46
N GLU B 1121 -43.69 21.14 10.65
CA GLU B 1121 -45.08 21.47 10.92
C GLU B 1121 -45.58 22.58 10.00
N ASN B 1122 -44.75 23.60 9.79
CA ASN B 1122 -45.16 24.72 8.94
C ASN B 1122 -45.44 24.24 7.52
N VAL B 1123 -44.57 23.38 6.98
CA VAL B 1123 -44.78 22.88 5.63
C VAL B 1123 -46.02 21.98 5.58
N LEU B 1124 -46.18 21.11 6.59
CA LEU B 1124 -47.30 20.17 6.58
C LEU B 1124 -48.63 20.91 6.64
N ASN B 1125 -48.74 21.95 7.47
CA ASN B 1125 -50.00 22.66 7.61
C ASN B 1125 -50.22 23.71 6.53
N GLY B 1126 -49.27 23.89 5.62
CA GLY B 1126 -49.45 24.82 4.52
C GLY B 1126 -49.19 26.28 4.87
N SER B 1127 -48.73 26.56 6.07
CA SER B 1127 -48.46 27.95 6.45
C SER B 1127 -47.36 28.58 5.62
N VAL B 1128 -46.46 27.78 5.06
CA VAL B 1128 -45.31 28.34 4.34
C VAL B 1128 -45.79 29.00 3.05
N PRO B 1129 -45.22 30.14 2.66
CA PRO B 1129 -45.57 30.71 1.35
C PRO B 1129 -45.19 29.77 0.22
N VAL B 1130 -46.02 29.75 -0.83
CA VAL B 1130 -45.74 28.89 -1.97
C VAL B 1130 -44.52 29.37 -2.74
N SER B 1131 -44.26 30.69 -2.72
CA SER B 1131 -43.16 31.23 -3.50
C SER B 1131 -41.82 30.62 -3.09
N GLN B 1132 -41.70 30.19 -1.84
CA GLN B 1132 -40.44 29.59 -1.38
C GLN B 1132 -40.26 28.17 -1.91
N PHE B 1133 -41.32 27.52 -2.37
CA PHE B 1133 -41.23 26.17 -2.89
C PHE B 1133 -40.79 26.13 -4.35
N GLU B 1134 -40.59 27.29 -4.98
CA GLU B 1134 -40.19 27.32 -6.38
C GLU B 1134 -38.79 26.76 -6.55
N ILE B 1135 -38.56 26.14 -7.71
CA ILE B 1135 -37.27 25.56 -8.06
C ILE B 1135 -36.87 26.10 -9.42
N ASN B 1136 -35.56 26.29 -9.62
CA ASN B 1136 -35.02 26.78 -10.88
C ASN B 1136 -33.95 25.81 -11.37
N LYS B 1137 -33.90 25.59 -12.68
CA LYS B 1137 -32.87 24.73 -13.24
C LYS B 1137 -32.53 25.19 -14.65
N ALA B 1138 -31.25 25.19 -14.98
CA ALA B 1138 -30.82 25.61 -16.30
C ALA B 1138 -31.04 24.49 -17.31
N LEU B 1139 -31.00 24.86 -18.59
CA LEU B 1139 -31.18 23.92 -19.70
C LEU B 1139 -29.91 23.94 -20.55
N THR B 1140 -29.16 22.84 -20.52
CA THR B 1140 -27.94 22.76 -21.31
C THR B 1140 -28.23 22.52 -22.78
N LYS B 1141 -29.27 21.75 -23.08
CA LYS B 1141 -29.64 21.40 -24.43
C LYS B 1141 -31.12 21.71 -24.64
N ASP B 1142 -31.59 21.45 -25.86
CA ASP B 1142 -33.01 21.61 -26.13
C ASP B 1142 -33.80 20.58 -25.32
N PRO B 1143 -35.04 20.90 -24.93
CA PRO B 1143 -35.78 19.99 -24.05
C PRO B 1143 -35.96 18.60 -24.64
N GLN B 1144 -36.10 18.50 -25.96
CA GLN B 1144 -36.36 17.22 -26.59
C GLN B 1144 -35.13 16.34 -26.72
N ASP B 1145 -33.93 16.88 -26.52
CA ASP B 1145 -32.69 16.14 -26.74
C ASP B 1145 -32.16 15.47 -25.49
N TYR B 1146 -32.86 15.53 -24.37
CA TYR B 1146 -32.41 14.88 -23.15
C TYR B 1146 -32.75 13.39 -23.22
N PRO B 1147 -31.76 12.49 -23.17
CA PRO B 1147 -32.09 11.06 -23.22
C PRO B 1147 -32.98 10.59 -22.10
N ASP B 1148 -32.83 11.14 -20.90
CA ASP B 1148 -33.61 10.75 -19.72
C ASP B 1148 -34.69 11.78 -19.41
N LYS B 1149 -35.34 12.31 -20.45
CA LYS B 1149 -36.33 13.36 -20.24
C LYS B 1149 -37.44 12.93 -19.30
N LYS B 1150 -37.69 11.62 -19.21
CA LYS B 1150 -38.75 11.14 -18.33
C LYS B 1150 -38.48 11.47 -16.86
N SER B 1151 -37.24 11.33 -16.42
CA SER B 1151 -36.90 11.44 -15.00
C SER B 1151 -36.51 12.84 -14.57
N LEU B 1152 -36.40 13.79 -15.51
CA LEU B 1152 -35.98 15.14 -15.16
C LEU B 1152 -37.20 16.05 -15.08
N PRO B 1153 -37.54 16.59 -13.90
CA PRO B 1153 -38.72 17.47 -13.85
C PRO B 1153 -38.58 18.73 -14.68
N HIS B 1154 -37.39 19.33 -14.72
CA HIS B 1154 -37.24 20.61 -15.39
C HIS B 1154 -37.42 20.47 -16.91
N VAL B 1155 -36.89 19.39 -17.48
CA VAL B 1155 -37.09 19.19 -18.92
C VAL B 1155 -38.54 18.84 -19.20
N HIS B 1156 -39.23 18.17 -18.27
CA HIS B 1156 -40.65 17.91 -18.45
C HIS B 1156 -41.43 19.22 -18.50
N VAL B 1157 -41.12 20.15 -17.59
CA VAL B 1157 -41.79 21.45 -17.63
C VAL B 1157 -41.43 22.21 -18.88
N ALA B 1158 -40.17 22.08 -19.33
CA ALA B 1158 -39.76 22.74 -20.57
C ALA B 1158 -40.58 22.23 -21.76
N LEU B 1159 -40.74 20.91 -21.85
CA LEU B 1159 -41.57 20.34 -22.91
C LEU B 1159 -43.00 20.81 -22.80
N TRP B 1160 -43.55 20.85 -21.59
CA TRP B 1160 -44.93 21.29 -21.41
C TRP B 1160 -45.11 22.74 -21.86
N ILE B 1161 -44.18 23.62 -21.48
CA ILE B 1161 -44.32 25.02 -21.85
C ILE B 1161 -44.12 25.20 -23.35
N ASN B 1162 -43.19 24.44 -23.94
CA ASN B 1162 -42.99 24.53 -25.38
C ASN B 1162 -44.25 24.10 -26.14
N SER B 1163 -44.88 23.02 -25.68
CA SER B 1163 -46.06 22.51 -26.39
C SER B 1163 -47.27 23.40 -26.17
N GLN B 1164 -47.71 23.52 -24.91
CA GLN B 1164 -48.92 24.27 -24.62
C GLN B 1164 -48.76 25.75 -24.94
N GLY B 1165 -47.63 26.32 -24.58
CA GLY B 1165 -47.44 27.76 -24.65
C GLY B 1165 -47.00 28.23 -26.02
N GLY B 1166 -46.51 29.47 -26.04
CA GLY B 1166 -46.04 30.09 -27.27
C GLY B 1166 -44.53 30.06 -27.37
N ARG B 1167 -43.88 31.15 -26.95
CA ARG B 1167 -42.42 31.23 -26.94
C ARG B 1167 -41.80 29.93 -26.43
N LYS B 1168 -40.85 29.40 -27.20
CA LYS B 1168 -40.19 28.16 -26.84
C LYS B 1168 -39.06 28.42 -25.84
N VAL B 1169 -38.52 27.34 -25.28
CA VAL B 1169 -37.40 27.39 -24.35
C VAL B 1169 -36.20 26.74 -25.04
N LYS B 1170 -35.09 27.47 -25.10
CA LYS B 1170 -33.90 27.04 -25.82
C LYS B 1170 -32.79 26.72 -24.84
N ALA B 1171 -31.70 26.17 -25.38
CA ALA B 1171 -30.54 25.84 -24.55
C ALA B 1171 -29.98 27.10 -23.92
N GLY B 1172 -29.54 26.97 -22.66
CA GLY B 1172 -29.02 28.08 -21.92
C GLY B 1172 -30.03 28.86 -21.12
N ASP B 1173 -31.33 28.59 -21.30
CA ASP B 1173 -32.37 29.23 -20.54
C ASP B 1173 -32.61 28.49 -19.24
N THR B 1174 -33.19 29.21 -18.28
CA THR B 1174 -33.52 28.65 -16.97
C THR B 1174 -35.03 28.47 -16.87
N VAL B 1175 -35.45 27.26 -16.50
CA VAL B 1175 -36.86 26.92 -16.37
C VAL B 1175 -37.19 26.82 -14.89
N SER B 1176 -38.32 27.39 -14.50
CA SER B 1176 -38.79 27.37 -13.12
C SER B 1176 -39.98 26.42 -13.01
N TYR B 1177 -39.98 25.62 -11.94
CA TYR B 1177 -41.01 24.61 -11.75
C TYR B 1177 -41.22 24.36 -10.27
N VAL B 1178 -42.39 23.81 -9.94
CA VAL B 1178 -42.72 23.40 -8.59
C VAL B 1178 -43.40 22.03 -8.67
N ILE B 1179 -42.99 21.10 -7.82
CA ILE B 1179 -43.64 19.80 -7.79
C ILE B 1179 -45.03 19.95 -7.20
N CYS B 1180 -45.94 19.09 -7.66
CA CYS B 1180 -47.32 19.14 -7.21
C CYS B 1180 -47.87 17.72 -7.11
N GLN B 1181 -48.98 17.59 -6.38
CA GLN B 1181 -49.65 16.31 -6.18
C GLN B 1181 -50.88 16.26 -7.08
N ASP B 1182 -50.86 15.35 -8.05
CA ASP B 1182 -51.96 15.21 -9.00
C ASP B 1182 -52.94 14.10 -8.63
N GLY B 1183 -52.54 13.16 -7.78
CA GLY B 1183 -53.35 12.00 -7.50
C GLY B 1183 -53.25 10.92 -8.55
N SER B 1184 -52.29 11.00 -9.46
CA SER B 1184 -52.12 10.04 -10.54
C SER B 1184 -51.07 8.98 -10.23
N ASN B 1185 -50.59 8.93 -8.99
CA ASN B 1185 -49.60 7.94 -8.56
C ASN B 1185 -48.46 7.83 -9.55
N LEU B 1186 -47.97 8.97 -10.00
CA LEU B 1186 -46.83 9.05 -10.91
C LEU B 1186 -45.57 9.42 -10.13
N THR B 1187 -44.45 9.36 -10.83
CA THR B 1187 -43.18 9.79 -10.24
C THR B 1187 -43.15 11.30 -10.11
N ALA B 1188 -42.37 11.78 -9.14
CA ALA B 1188 -42.32 13.21 -8.87
C ALA B 1188 -41.86 13.98 -10.10
N SER B 1189 -40.84 13.48 -10.78
CA SER B 1189 -40.32 14.17 -11.96
C SER B 1189 -41.42 14.42 -12.99
N GLN B 1190 -42.38 13.50 -13.09
CA GLN B 1190 -43.44 13.65 -14.08
C GLN B 1190 -44.46 14.70 -13.69
N ARG B 1191 -44.56 15.03 -12.40
CA ARG B 1191 -45.58 15.94 -11.91
C ARG B 1191 -45.12 17.40 -11.84
N ALA B 1192 -43.88 17.68 -12.24
CA ALA B 1192 -43.38 19.05 -12.16
C ALA B 1192 -44.25 19.99 -12.97
N TYR B 1193 -44.74 21.05 -12.33
CA TYR B 1193 -45.61 22.04 -12.95
C TYR B 1193 -45.02 23.43 -12.81
N ALA B 1194 -45.40 24.31 -13.73
CA ALA B 1194 -44.95 25.68 -13.66
C ALA B 1194 -45.57 26.37 -12.44
N PRO B 1195 -44.92 27.41 -11.92
CA PRO B 1195 -45.49 28.08 -10.74
C PRO B 1195 -46.84 28.73 -11.01
N GLU B 1196 -46.91 29.56 -12.05
CA GLU B 1196 -48.17 30.21 -12.39
C GLU B 1196 -49.24 29.17 -12.74
N GLN B 1197 -48.85 28.05 -13.34
CA GLN B 1197 -49.82 26.99 -13.61
C GLN B 1197 -50.42 26.47 -12.31
N LEU B 1198 -49.60 26.26 -11.29
CA LEU B 1198 -50.13 25.84 -9.99
C LEU B 1198 -51.03 26.91 -9.41
N GLN B 1199 -50.61 28.18 -9.49
CA GLN B 1199 -51.41 29.26 -8.89
C GLN B 1199 -52.77 29.39 -9.58
N LYS B 1200 -52.83 29.10 -10.87
CA LYS B 1200 -54.07 29.19 -11.63
C LYS B 1200 -54.90 27.92 -11.60
N GLN B 1201 -54.38 26.84 -11.02
CA GLN B 1201 -55.08 25.58 -10.90
C GLN B 1201 -55.32 25.26 -9.44
N ASP B 1202 -56.48 24.67 -9.15
CA ASP B 1202 -56.84 24.28 -7.80
C ASP B 1202 -57.02 22.77 -7.63
N ASN B 1203 -57.18 22.03 -8.72
CA ASN B 1203 -57.36 20.59 -8.62
C ASN B 1203 -56.16 19.89 -8.00
N LEU B 1204 -54.99 20.51 -8.02
CA LEU B 1204 -53.76 19.88 -7.56
C LEU B 1204 -52.99 20.85 -6.67
N THR B 1205 -52.29 20.31 -5.68
CA THR B 1205 -51.58 21.09 -4.67
C THR B 1205 -50.11 20.69 -4.66
N ILE B 1206 -49.37 21.31 -3.73
CA ILE B 1206 -47.93 21.07 -3.60
C ILE B 1206 -47.71 19.76 -2.86
N ASP B 1207 -46.69 19.01 -3.30
CA ASP B 1207 -46.33 17.75 -2.66
C ASP B 1207 -45.41 18.05 -1.49
N THR B 1208 -46.00 18.15 -0.30
CA THR B 1208 -45.20 18.39 0.89
C THR B 1208 -44.26 17.23 1.16
N GLN B 1209 -44.73 15.99 0.97
CA GLN B 1209 -43.93 14.83 1.28
C GLN B 1209 -42.64 14.80 0.45
N TYR B 1210 -42.75 15.12 -0.85
CA TYR B 1210 -41.55 15.14 -1.68
C TYR B 1210 -40.55 16.16 -1.17
N TYR B 1211 -41.03 17.37 -0.83
CA TYR B 1211 -40.14 18.41 -0.38
C TYR B 1211 -39.44 18.02 0.92
N LEU B 1212 -40.17 17.38 1.83
CA LEU B 1212 -39.55 16.92 3.07
C LEU B 1212 -38.58 15.77 2.82
N ALA B 1213 -38.87 14.92 1.85
CA ALA B 1213 -38.08 13.70 1.69
C ALA B 1213 -36.79 13.96 0.92
N GLN B 1214 -36.85 14.69 -0.19
CA GLN B 1214 -35.67 14.88 -1.03
C GLN B 1214 -35.51 16.32 -1.48
N GLN B 1215 -35.93 17.28 -0.65
CA GLN B 1215 -35.59 18.68 -0.87
C GLN B 1215 -35.12 19.41 0.38
N ILE B 1216 -35.50 18.95 1.58
CA ILE B 1216 -35.04 19.52 2.83
C ILE B 1216 -34.22 18.51 3.63
N HIS B 1217 -34.68 17.27 3.69
CA HIS B 1217 -33.90 16.23 4.35
C HIS B 1217 -32.50 16.10 3.79
N PRO B 1218 -32.28 16.14 2.46
CA PRO B 1218 -30.90 16.03 1.97
C PRO B 1218 -29.99 17.13 2.49
N VAL B 1219 -30.43 18.39 2.39
CA VAL B 1219 -29.56 19.50 2.77
C VAL B 1219 -29.17 19.41 4.24
N VAL B 1220 -30.15 19.18 5.11
CA VAL B 1220 -29.86 19.14 6.54
C VAL B 1220 -29.06 17.88 6.89
N ALA B 1221 -29.46 16.73 6.36
CA ALA B 1221 -28.78 15.48 6.71
C ALA B 1221 -27.37 15.42 6.17
N ARG B 1222 -27.05 16.21 5.15
CA ARG B 1222 -25.67 16.27 4.66
C ARG B 1222 -24.73 16.75 5.76
N ILE B 1223 -25.25 17.48 6.74
CA ILE B 1223 -24.44 18.11 7.77
C ILE B 1223 -24.71 17.51 9.15
N CYS B 1224 -25.98 17.25 9.47
CA CYS B 1224 -26.35 16.77 10.79
C CYS B 1224 -26.03 15.29 10.98
N GLU B 1225 -26.11 14.50 9.92
CA GLU B 1225 -25.89 13.06 10.05
C GLU B 1225 -24.58 12.71 10.73
N PRO B 1226 -23.44 13.34 10.40
CA PRO B 1226 -22.19 12.96 11.07
C PRO B 1226 -22.23 13.12 12.58
N ILE B 1227 -22.95 14.13 13.09
CA ILE B 1227 -23.00 14.33 14.53
C ILE B 1227 -23.41 13.05 15.23
N ASP B 1228 -22.75 12.75 16.33
CA ASP B 1228 -23.06 11.54 17.08
C ASP B 1228 -24.42 11.65 17.74
N GLY B 1229 -25.16 10.54 17.74
CA GLY B 1229 -26.46 10.48 18.37
C GLY B 1229 -27.61 10.99 17.53
N ILE B 1230 -27.35 11.47 16.32
CA ILE B 1230 -28.39 11.93 15.41
C ILE B 1230 -28.21 11.20 14.09
N ASP B 1231 -29.30 10.65 13.57
CA ASP B 1231 -29.25 9.82 12.38
C ASP B 1231 -30.33 10.26 11.39
N ALA B 1232 -30.11 9.94 10.12
CA ALA B 1232 -31.05 10.34 9.07
C ALA B 1232 -32.47 9.90 9.41
N VAL B 1233 -32.62 8.72 10.01
CA VAL B 1233 -33.93 8.28 10.45
C VAL B 1233 -34.49 9.24 11.48
N LEU B 1234 -33.64 9.69 12.42
CA LEU B 1234 -34.09 10.63 13.43
C LEU B 1234 -34.49 11.96 12.81
N ILE B 1235 -33.73 12.43 11.81
CA ILE B 1235 -34.08 13.67 11.14
C ILE B 1235 -35.43 13.52 10.44
N ALA B 1236 -35.65 12.37 9.80
CA ALA B 1236 -36.94 12.13 9.16
C ALA B 1236 -38.06 12.15 10.18
N THR B 1237 -37.84 11.52 11.34
CA THR B 1237 -38.85 11.53 12.39
C THR B 1237 -39.16 12.95 12.84
N TRP B 1238 -38.12 13.77 13.03
CA TRP B 1238 -38.34 15.16 13.42
C TRP B 1238 -39.13 15.90 12.35
N LEU B 1239 -38.80 15.69 11.08
CA LEU B 1239 -39.32 16.52 10.01
C LEU B 1239 -40.78 16.23 9.70
N GLY B 1240 -41.21 14.97 9.81
CA GLY B 1240 -42.58 14.65 9.48
C GLY B 1240 -42.86 13.18 9.69
N LEU B 1241 -43.89 12.70 8.99
CA LEU B 1241 -44.34 11.32 9.08
C LEU B 1241 -43.65 10.41 8.08
N ASP B 1242 -42.41 10.75 7.68
CA ASP B 1242 -41.62 9.97 6.75
C ASP B 1242 -41.09 8.65 7.33
N PRO B 1243 -40.69 8.59 8.64
CA PRO B 1243 -39.83 7.47 9.08
C PRO B 1243 -40.13 6.12 8.46
N THR B 1244 -41.39 5.68 8.47
CA THR B 1244 -41.71 4.36 7.91
C THR B 1244 -41.32 4.31 6.44
N GLN B 1245 -42.00 5.10 5.61
CA GLN B 1245 -41.71 5.11 4.18
C GLN B 1245 -40.29 5.57 3.89
N PHE B 1246 -39.65 6.26 4.83
CA PHE B 1246 -38.28 6.70 4.60
C PHE B 1246 -37.31 5.53 4.74
N ARG B 1247 -37.27 4.88 5.90
CA ARG B 1247 -36.41 3.71 6.03
C ARG B 1247 -36.80 2.62 5.05
N VAL B 1248 -38.04 2.65 4.54
CA VAL B 1248 -38.36 1.81 3.40
C VAL B 1248 -37.63 2.32 2.15
N HIS B 1249 -37.51 3.64 2.00
CA HIS B 1249 -36.86 4.28 0.86
C HIS B 1249 -35.56 4.97 1.26
N HIS B 1250 -34.81 4.37 2.18
CA HIS B 1250 -33.62 4.99 2.75
C HIS B 1250 -32.36 4.27 2.28
N TYR B 1251 -31.30 5.05 2.08
CA TYR B 1251 -29.99 4.50 1.78
C TYR B 1251 -29.31 4.05 3.07
N HIS B 1252 -28.78 2.83 3.07
CA HIS B 1252 -28.14 2.24 4.23
C HIS B 1252 -26.66 1.97 3.96
N LYS B 1253 -25.99 2.92 3.31
CA LYS B 1253 -24.59 2.74 2.94
C LYS B 1253 -23.65 3.46 3.89
N ASP B 1254 -23.80 4.78 4.04
CA ASP B 1254 -22.90 5.54 4.88
C ASP B 1254 -23.11 5.28 6.36
N GLU B 1255 -24.26 4.69 6.73
CA GLU B 1255 -24.51 4.42 8.14
C GLU B 1255 -23.46 3.47 8.71
N GLU B 1256 -23.09 2.45 7.94
CA GLU B 1256 -22.08 1.51 8.40
C GLU B 1256 -20.72 2.18 8.45
N ASN B 1257 -19.99 1.99 9.55
CA ASN B 1257 -18.65 2.54 9.70
C ASN B 1257 -17.93 1.73 10.75
N ASP B 1258 -16.83 1.08 10.35
CA ASP B 1258 -16.07 0.22 11.27
C ASP B 1258 -15.39 1.00 12.39
N ALA B 1259 -15.57 2.33 12.44
CA ALA B 1259 -14.98 3.11 13.52
C ALA B 1259 -15.41 2.63 14.89
N LEU B 1260 -16.57 1.99 15.00
CA LEU B 1260 -17.05 1.45 16.26
C LEU B 1260 -15.91 0.79 17.02
N LEU B 1261 -15.67 1.25 18.25
CA LEU B 1261 -14.53 0.81 19.04
C LEU B 1261 -14.98 -0.27 20.03
N GLY B 1262 -15.25 -1.46 19.50
CA GLY B 1262 -15.56 -2.59 20.35
C GLY B 1262 -17.04 -2.82 20.56
N GLY B 1263 -17.79 -2.93 19.46
CA GLY B 1263 -19.21 -3.17 19.52
C GLY B 1263 -19.54 -4.63 19.28
N PRO B 1264 -19.95 -4.98 18.07
CA PRO B 1264 -20.32 -6.37 17.78
C PRO B 1264 -19.11 -7.22 17.48
N ALA B 1265 -19.28 -8.53 17.69
CA ALA B 1265 -18.32 -9.52 17.21
C ALA B 1265 -18.79 -10.17 15.92
N GLN B 1266 -19.92 -10.88 15.96
CA GLN B 1266 -20.48 -11.43 14.72
C GLN B 1266 -22.00 -11.32 14.66
N LEU B 1267 -22.64 -10.55 15.54
CA LEU B 1267 -24.08 -10.37 15.48
C LEU B 1267 -24.80 -11.70 15.59
N THR B 1268 -26.12 -11.69 15.44
CA THR B 1268 -26.94 -12.89 15.44
C THR B 1268 -27.84 -12.87 14.22
N ASP B 1269 -28.43 -14.02 13.92
CA ASP B 1269 -29.24 -14.14 12.71
C ASP B 1269 -30.35 -13.09 12.66
N GLU B 1270 -30.89 -12.70 13.81
CA GLU B 1270 -31.97 -11.71 13.82
C GLU B 1270 -31.51 -10.39 13.21
N GLU B 1271 -30.34 -9.91 13.61
CA GLU B 1271 -29.83 -8.65 13.10
C GLU B 1271 -28.90 -8.81 11.89
N LYS B 1272 -28.56 -10.04 11.52
CA LYS B 1272 -27.77 -10.26 10.32
C LYS B 1272 -28.64 -10.21 9.06
N TYR B 1273 -29.78 -10.91 9.09
CA TYR B 1273 -30.67 -11.02 7.95
C TYR B 1273 -31.84 -10.05 8.03
N ARG B 1274 -31.70 -8.97 8.79
CA ARG B 1274 -32.79 -8.00 8.92
C ARG B 1274 -33.07 -7.33 7.58
N ASP B 1275 -32.02 -6.91 6.87
CA ASP B 1275 -32.19 -6.23 5.60
C ASP B 1275 -32.51 -7.17 4.45
N CYS B 1276 -32.20 -8.45 4.61
CA CYS B 1276 -32.43 -9.39 3.52
C CYS B 1276 -33.92 -9.54 3.23
N GLU B 1277 -34.26 -9.59 1.95
CA GLU B 1277 -35.64 -9.76 1.55
C GLU B 1277 -36.14 -11.15 1.93
N ARG B 1278 -37.34 -11.20 2.49
CA ARG B 1278 -37.90 -12.48 2.91
C ARG B 1278 -38.32 -13.30 1.69
N PHE B 1279 -38.38 -14.61 1.88
CA PHE B 1279 -38.69 -15.55 0.81
C PHE B 1279 -40.21 -15.65 0.68
N LYS B 1280 -40.74 -15.10 -0.41
CA LYS B 1280 -42.15 -15.23 -0.71
C LYS B 1280 -42.40 -16.53 -1.47
N CYS B 1281 -43.65 -16.97 -1.46
CA CYS B 1281 -44.03 -18.10 -2.31
C CYS B 1281 -45.54 -18.19 -2.45
N PRO B 1282 -46.08 -18.43 -3.65
CA PRO B 1282 -47.52 -18.63 -3.77
C PRO B 1282 -47.91 -20.08 -3.57
N CYS B 1283 -48.91 -20.32 -2.73
CA CYS B 1283 -49.37 -21.68 -2.50
C CYS B 1283 -50.08 -22.18 -3.75
N PRO B 1284 -49.65 -23.30 -4.35
CA PRO B 1284 -50.31 -23.75 -5.59
C PRO B 1284 -51.80 -23.97 -5.44
N THR B 1285 -52.24 -24.53 -4.31
CA THR B 1285 -53.66 -24.87 -4.17
C THR B 1285 -54.53 -23.62 -4.11
N CYS B 1286 -54.17 -22.66 -3.25
CA CYS B 1286 -54.98 -21.47 -3.05
C CYS B 1286 -54.36 -20.20 -3.61
N GLY B 1287 -53.06 -20.19 -3.88
CA GLY B 1287 -52.42 -19.00 -4.38
C GLY B 1287 -52.09 -17.97 -3.32
N THR B 1288 -52.39 -18.26 -2.06
CA THR B 1288 -52.12 -17.30 -0.99
C THR B 1288 -50.62 -17.13 -0.79
N GLU B 1289 -50.21 -15.89 -0.54
CA GLU B 1289 -48.81 -15.61 -0.30
C GLU B 1289 -48.34 -16.25 1.00
N ASN B 1290 -47.13 -16.79 1.00
CA ASN B 1290 -46.49 -17.34 2.18
C ASN B 1290 -45.11 -16.72 2.32
N ILE B 1291 -44.78 -16.32 3.55
CA ILE B 1291 -43.49 -15.73 3.87
C ILE B 1291 -42.70 -16.74 4.69
N TYR B 1292 -41.44 -16.95 4.31
CA TYR B 1292 -40.54 -17.88 5.01
C TYR B 1292 -39.34 -17.08 5.48
N ASP B 1293 -39.40 -16.60 6.72
CA ASP B 1293 -38.33 -15.81 7.32
C ASP B 1293 -37.56 -16.58 8.39
N ASN B 1294 -37.85 -17.86 8.57
CA ASN B 1294 -37.16 -18.67 9.58
C ASN B 1294 -37.64 -20.10 9.43
N VAL B 1295 -36.85 -21.03 9.98
CA VAL B 1295 -37.21 -22.45 9.90
C VAL B 1295 -38.50 -22.72 10.64
N PHE B 1296 -38.64 -22.15 11.83
CA PHE B 1296 -39.79 -22.39 12.70
C PHE B 1296 -40.74 -21.20 12.69
N ASP B 1297 -42.00 -21.48 12.99
CA ASP B 1297 -43.03 -20.46 13.13
C ASP B 1297 -43.90 -20.80 14.34
N GLY B 1298 -44.17 -19.79 15.16
CA GLY B 1298 -44.98 -19.94 16.35
C GLY B 1298 -44.28 -19.33 17.55
N SER B 1299 -44.76 -19.68 18.73
CA SER B 1299 -44.21 -19.14 19.97
C SER B 1299 -44.32 -20.20 21.06
N GLY B 1300 -43.18 -20.62 21.60
CA GLY B 1300 -43.17 -21.57 22.69
C GLY B 1300 -43.47 -22.99 22.27
N THR B 1301 -44.60 -23.53 22.74
CA THR B 1301 -44.91 -24.94 22.51
C THR B 1301 -45.10 -25.23 21.02
N ASP B 1302 -45.77 -24.33 20.30
CA ASP B 1302 -46.11 -24.57 18.90
C ASP B 1302 -45.01 -24.07 17.97
N MET B 1303 -43.78 -24.52 18.22
CA MET B 1303 -42.65 -24.23 17.33
C MET B 1303 -42.76 -25.17 16.14
N GLU B 1304 -43.52 -24.74 15.13
CA GLU B 1304 -43.80 -25.59 13.99
C GLU B 1304 -42.98 -25.16 12.77
N PRO B 1305 -42.56 -26.10 11.92
CA PRO B 1305 -41.89 -25.71 10.69
C PRO B 1305 -42.79 -24.86 9.81
N SER B 1306 -42.19 -23.88 9.13
CA SER B 1306 -42.98 -22.99 8.29
C SER B 1306 -43.60 -23.72 7.11
N LEU B 1307 -43.06 -24.87 6.72
CA LEU B 1307 -43.58 -25.63 5.59
C LEU B 1307 -44.67 -26.62 5.98
N TYR B 1308 -44.92 -26.81 7.28
CA TYR B 1308 -45.90 -27.81 7.68
C TYR B 1308 -47.31 -27.43 7.24
N ARG B 1309 -47.68 -26.16 7.38
CA ARG B 1309 -49.02 -25.70 7.07
C ARG B 1309 -48.96 -24.42 6.25
N CYS B 1310 -49.92 -24.27 5.35
CA CYS B 1310 -50.00 -23.07 4.54
C CYS B 1310 -50.39 -21.88 5.42
N SER B 1311 -49.87 -20.70 5.04
CA SER B 1311 -50.17 -19.49 5.82
C SER B 1311 -51.67 -19.22 5.86
N ASN B 1312 -52.39 -19.59 4.81
CA ASN B 1312 -53.83 -19.42 4.78
C ASN B 1312 -54.48 -20.50 5.63
N ILE B 1313 -55.30 -20.08 6.60
CA ILE B 1313 -55.92 -21.04 7.51
C ILE B 1313 -56.89 -21.94 6.74
N ASP B 1314 -57.58 -21.39 5.74
CA ASP B 1314 -58.53 -22.18 4.98
C ASP B 1314 -57.85 -23.28 4.18
N CYS B 1315 -56.66 -23.02 3.65
CA CYS B 1315 -55.96 -24.01 2.85
C CYS B 1315 -55.39 -25.10 3.74
N LYS B 1316 -55.67 -26.35 3.39
CA LYS B 1316 -55.19 -27.51 4.15
C LYS B 1316 -54.02 -28.20 3.47
N ALA B 1317 -53.43 -27.57 2.46
CA ALA B 1317 -52.33 -28.18 1.70
C ALA B 1317 -51.00 -27.84 2.37
N SER B 1318 -50.26 -28.86 2.77
CA SER B 1318 -48.97 -28.66 3.41
C SER B 1318 -47.93 -28.28 2.36
N PRO B 1319 -47.24 -27.15 2.50
CA PRO B 1319 -46.21 -26.79 1.50
C PRO B 1319 -45.16 -27.88 1.32
N LEU B 1320 -44.99 -28.74 2.32
CA LEU B 1320 -43.99 -29.80 2.20
C LEU B 1320 -44.24 -30.67 0.98
N THR B 1321 -45.50 -30.78 0.55
CA THR B 1321 -45.78 -31.55 -0.67
C THR B 1321 -45.19 -30.89 -1.90
N PHE B 1322 -45.28 -29.56 -1.98
CA PHE B 1322 -44.78 -28.82 -3.15
C PHE B 1322 -43.36 -28.32 -2.94
N THR B 1323 -42.45 -29.23 -2.57
CA THR B 1323 -41.05 -28.83 -2.46
C THR B 1323 -40.48 -28.44 -3.81
N VAL B 1324 -40.75 -29.23 -4.85
CA VAL B 1324 -40.21 -28.94 -6.17
C VAL B 1324 -40.46 -27.48 -6.54
N GLN B 1325 -41.74 -27.09 -6.59
CA GLN B 1325 -42.06 -25.70 -6.91
C GLN B 1325 -41.26 -24.75 -6.01
N LEU B 1326 -41.30 -24.97 -4.70
CA LEU B 1326 -40.48 -24.17 -3.80
C LEU B 1326 -39.08 -24.02 -4.34
N SER B 1327 -38.38 -25.15 -4.51
CA SER B 1327 -37.02 -25.09 -5.02
C SER B 1327 -36.94 -24.26 -6.29
N ASN B 1328 -37.81 -24.55 -7.26
CA ASN B 1328 -37.77 -23.79 -8.50
C ASN B 1328 -37.88 -22.30 -8.22
N LYS B 1329 -38.90 -21.90 -7.45
CA LYS B 1329 -39.03 -20.48 -7.15
C LYS B 1329 -37.74 -19.95 -6.54
N LEU B 1330 -37.18 -20.67 -5.58
CA LEU B 1330 -35.93 -20.23 -4.97
C LEU B 1330 -34.90 -19.91 -6.03
N ILE B 1331 -34.67 -20.84 -6.96
CA ILE B 1331 -33.74 -20.58 -8.04
C ILE B 1331 -34.03 -19.22 -8.67
N MET B 1332 -35.25 -19.04 -9.16
CA MET B 1332 -35.58 -17.78 -9.82
C MET B 1332 -35.20 -16.61 -8.92
N ASP B 1333 -35.61 -16.65 -7.66
CA ASP B 1333 -35.30 -15.55 -6.76
C ASP B 1333 -33.80 -15.27 -6.75
N ILE B 1334 -32.99 -16.28 -6.42
CA ILE B 1334 -31.56 -16.02 -6.34
C ILE B 1334 -31.07 -15.56 -7.70
N ARG B 1335 -31.58 -16.17 -8.78
CA ARG B 1335 -31.18 -15.74 -10.11
C ARG B 1335 -31.38 -14.24 -10.26
N ARG B 1336 -32.59 -13.76 -9.95
CA ARG B 1336 -32.86 -12.35 -10.06
C ARG B 1336 -31.83 -11.53 -9.29
N PHE B 1337 -31.57 -11.92 -8.04
CA PHE B 1337 -30.66 -11.14 -7.22
C PHE B 1337 -29.30 -11.03 -7.91
N ILE B 1338 -28.80 -12.14 -8.45
CA ILE B 1338 -27.50 -12.10 -9.12
C ILE B 1338 -27.52 -11.04 -10.20
N LYS B 1339 -28.55 -11.05 -11.04
CA LYS B 1339 -28.65 -10.05 -12.09
C LYS B 1339 -28.66 -8.65 -11.49
N LYS B 1340 -29.44 -8.45 -10.43
CA LYS B 1340 -29.50 -7.14 -9.80
C LYS B 1340 -28.13 -6.72 -9.31
N TYR B 1341 -27.32 -7.68 -8.83
CA TYR B 1341 -25.98 -7.33 -8.38
C TYR B 1341 -25.11 -6.93 -9.57
N TYR B 1342 -25.28 -7.61 -10.71
CA TYR B 1342 -24.43 -7.37 -11.86
C TYR B 1342 -24.87 -6.17 -12.69
N ASP B 1343 -26.05 -5.63 -12.43
CA ASP B 1343 -26.42 -4.37 -13.09
C ASP B 1343 -25.39 -3.29 -12.79
N GLY B 1344 -24.73 -3.37 -11.65
CA GLY B 1344 -23.67 -2.44 -11.32
C GLY B 1344 -24.13 -1.01 -11.21
N TRP B 1345 -25.23 -0.78 -10.49
CA TRP B 1345 -25.72 0.58 -10.29
C TRP B 1345 -24.88 1.26 -9.22
N LEU B 1346 -24.24 2.36 -9.59
CA LEU B 1346 -23.41 3.13 -8.70
C LEU B 1346 -24.17 4.37 -8.24
N ILE B 1347 -24.05 4.71 -6.96
CA ILE B 1347 -24.70 5.86 -6.38
C ILE B 1347 -23.64 6.75 -5.74
N CYS B 1348 -23.75 8.06 -5.96
CA CYS B 1348 -22.89 9.03 -5.29
C CYS B 1348 -23.27 9.12 -3.83
N GLU B 1349 -22.27 9.30 -2.97
CA GLU B 1349 -22.51 9.28 -1.54
C GLU B 1349 -22.99 10.61 -0.98
N GLU B 1350 -22.63 11.72 -1.60
CA GLU B 1350 -23.09 13.01 -1.10
C GLU B 1350 -24.61 13.05 -1.19
N PRO B 1351 -25.32 13.23 -0.07
CA PRO B 1351 -26.80 13.16 -0.14
C PRO B 1351 -27.39 14.17 -1.08
N THR B 1352 -26.76 15.33 -1.24
CA THR B 1352 -27.33 16.37 -2.10
C THR B 1352 -27.39 15.91 -3.56
N CYS B 1353 -26.33 15.25 -4.02
CA CYS B 1353 -26.29 14.80 -5.42
C CYS B 1353 -27.01 13.47 -5.59
N ARG B 1354 -26.51 12.40 -4.96
CA ARG B 1354 -27.10 11.07 -5.09
C ARG B 1354 -27.26 10.69 -6.56
N ASN B 1355 -26.26 11.03 -7.37
CA ASN B 1355 -26.28 10.62 -8.77
C ASN B 1355 -26.26 9.11 -8.87
N ARG B 1356 -27.13 8.57 -9.70
CA ARG B 1356 -27.35 7.13 -9.82
C ARG B 1356 -27.05 6.72 -11.26
N THR B 1357 -25.84 6.23 -11.49
CA THR B 1357 -25.38 5.85 -12.81
C THR B 1357 -25.04 4.36 -12.83
N ARG B 1358 -24.72 3.87 -14.03
CA ARG B 1358 -24.30 2.49 -14.22
C ARG B 1358 -22.99 2.37 -14.97
N HIS B 1359 -22.53 3.42 -15.63
CA HIS B 1359 -21.29 3.41 -16.38
C HIS B 1359 -20.14 3.75 -15.44
N LEU B 1360 -19.35 2.75 -15.07
CA LEU B 1360 -18.27 2.95 -14.13
C LEU B 1360 -17.24 3.90 -14.73
N PRO B 1361 -16.92 5.02 -14.08
CA PRO B 1361 -16.01 5.98 -14.70
C PRO B 1361 -14.55 5.58 -14.50
N LEU B 1362 -13.76 5.72 -15.57
CA LEU B 1362 -12.34 5.42 -15.49
C LEU B 1362 -11.65 6.35 -14.48
N GLN B 1363 -12.06 7.62 -14.46
CA GLN B 1363 -11.54 8.53 -13.45
C GLN B 1363 -11.82 7.98 -12.06
N PHE B 1364 -10.81 7.99 -11.20
CA PHE B 1364 -10.88 7.32 -9.92
C PHE B 1364 -10.29 8.20 -8.83
N SER B 1365 -10.74 7.97 -7.60
CA SER B 1365 -10.27 8.70 -6.42
C SER B 1365 -9.56 7.74 -5.48
N ARG B 1366 -9.14 8.27 -4.33
CA ARG B 1366 -8.41 7.45 -3.38
C ARG B 1366 -9.28 6.33 -2.83
N THR B 1367 -10.56 6.63 -2.55
CA THR B 1367 -11.45 5.64 -1.96
C THR B 1367 -12.20 4.83 -3.01
N GLY B 1368 -12.63 5.46 -4.10
CA GLY B 1368 -13.40 4.78 -5.11
C GLY B 1368 -13.61 5.63 -6.35
N PRO B 1369 -14.55 5.23 -7.21
CA PRO B 1369 -14.80 6.00 -8.43
C PRO B 1369 -15.24 7.42 -8.10
N LEU B 1370 -14.85 8.35 -8.98
CA LEU B 1370 -15.19 9.75 -8.81
C LEU B 1370 -16.52 10.04 -9.48
N CYS B 1371 -17.39 10.76 -8.79
CA CYS B 1371 -18.71 11.07 -9.32
C CYS B 1371 -18.60 12.00 -10.52
N PRO B 1372 -19.10 11.62 -11.70
CA PRO B 1372 -19.03 12.54 -12.84
C PRO B 1372 -19.76 13.85 -12.60
N ALA B 1373 -20.83 13.83 -11.82
CA ALA B 1373 -21.53 15.06 -11.48
C ALA B 1373 -20.78 15.82 -10.39
N CYS B 1374 -20.63 15.20 -9.23
CA CYS B 1374 -19.77 15.74 -8.18
C CYS B 1374 -18.33 15.35 -8.48
N MET B 1375 -17.58 16.27 -9.09
CA MET B 1375 -16.16 16.01 -9.30
C MET B 1375 -15.43 15.84 -7.98
N LYS B 1376 -16.12 16.03 -6.83
CA LYS B 1376 -15.58 15.76 -5.49
C LYS B 1376 -16.60 14.92 -4.72
N ALA B 1377 -16.54 13.61 -4.90
CA ALA B 1377 -17.42 12.66 -4.24
C ALA B 1377 -16.92 11.27 -4.58
N THR B 1378 -17.66 10.24 -4.17
CA THR B 1378 -17.27 8.86 -4.41
C THR B 1378 -18.50 8.01 -4.65
N LEU B 1379 -18.57 7.39 -5.82
CA LEU B 1379 -19.62 6.42 -6.10
C LEU B 1379 -19.37 5.13 -5.35
N GLN B 1380 -20.44 4.38 -5.12
CA GLN B 1380 -20.32 3.03 -4.58
C GLN B 1380 -21.55 2.23 -5.00
N PRO B 1381 -21.44 0.90 -4.99
CA PRO B 1381 -22.53 0.08 -5.54
C PRO B 1381 -23.84 0.29 -4.78
N GLU B 1382 -24.94 0.29 -5.55
CA GLU B 1382 -26.27 0.32 -4.92
C GLU B 1382 -26.54 -1.00 -4.21
N TYR B 1383 -26.25 -2.11 -4.86
CA TYR B 1383 -26.41 -3.45 -4.29
C TYR B 1383 -25.01 -4.04 -4.11
N SER B 1384 -24.48 -3.91 -2.90
CA SER B 1384 -23.12 -4.37 -2.64
C SER B 1384 -23.04 -5.88 -2.82
N ASP B 1385 -21.83 -6.35 -3.15
CA ASP B 1385 -21.61 -7.79 -3.28
C ASP B 1385 -21.91 -8.51 -1.98
N LYS B 1386 -21.49 -7.93 -0.86
CA LYS B 1386 -21.74 -8.58 0.42
C LYS B 1386 -23.22 -8.57 0.78
N SER B 1387 -23.98 -7.60 0.26
CA SER B 1387 -25.43 -7.67 0.42
C SER B 1387 -25.99 -8.91 -0.26
N LEU B 1388 -25.53 -9.20 -1.47
CA LEU B 1388 -25.97 -10.40 -2.16
C LEU B 1388 -25.51 -11.66 -1.44
N TYR B 1389 -24.29 -11.65 -0.91
CA TYR B 1389 -23.81 -12.80 -0.16
C TYR B 1389 -24.68 -13.04 1.08
N THR B 1390 -25.02 -11.97 1.79
CA THR B 1390 -25.90 -12.10 2.95
C THR B 1390 -27.27 -12.60 2.53
N GLN B 1391 -27.76 -12.15 1.37
CA GLN B 1391 -29.05 -12.64 0.89
C GLN B 1391 -29.02 -14.14 0.64
N LEU B 1392 -27.96 -14.62 -0.01
CA LEU B 1392 -27.84 -16.05 -0.27
C LEU B 1392 -27.70 -16.84 1.03
N CYS B 1393 -26.92 -16.31 1.97
CA CYS B 1393 -26.78 -16.97 3.26
C CYS B 1393 -28.11 -17.01 4.01
N PHE B 1394 -28.90 -15.94 3.90
CA PHE B 1394 -30.23 -15.95 4.50
C PHE B 1394 -31.10 -17.01 3.86
N TYR B 1395 -31.02 -17.14 2.53
CA TYR B 1395 -31.81 -18.16 1.85
C TYR B 1395 -31.44 -19.55 2.33
N ARG B 1396 -30.14 -19.82 2.48
CA ARG B 1396 -29.75 -21.15 2.97
C ARG B 1396 -30.11 -21.33 4.44
N TYR B 1397 -30.10 -20.25 5.22
CA TYR B 1397 -30.45 -20.35 6.63
C TYR B 1397 -31.93 -20.60 6.83
N ILE B 1398 -32.77 -20.10 5.92
CA ILE B 1398 -34.21 -20.30 6.06
C ILE B 1398 -34.55 -21.78 6.08
N PHE B 1399 -33.76 -22.60 5.39
CA PHE B 1399 -34.02 -24.03 5.27
C PHE B 1399 -32.99 -24.88 5.98
N ASP B 1400 -32.05 -24.27 6.70
CA ASP B 1400 -31.03 -25.00 7.44
C ASP B 1400 -31.65 -25.58 8.72
N ALA B 1401 -32.46 -26.62 8.53
CA ALA B 1401 -33.19 -27.20 9.66
C ALA B 1401 -32.24 -27.73 10.72
N GLU B 1402 -31.18 -28.42 10.30
CA GLU B 1402 -30.27 -29.02 11.27
C GLU B 1402 -29.66 -27.96 12.19
N CYS B 1403 -29.10 -26.90 11.60
CA CYS B 1403 -28.51 -25.84 12.41
C CYS B 1403 -29.56 -25.15 13.27
N ALA B 1404 -30.76 -24.93 12.72
CA ALA B 1404 -31.84 -24.33 13.49
C ALA B 1404 -32.27 -25.21 14.65
N LEU B 1405 -31.96 -26.51 14.59
CA LEU B 1405 -32.25 -27.42 15.69
C LEU B 1405 -31.22 -27.34 16.81
N GLU B 1406 -30.15 -26.58 16.62
CA GLU B 1406 -29.11 -26.42 17.65
C GLU B 1406 -29.14 -25.05 18.31
N LYS B 1407 -30.15 -24.23 17.99
CA LYS B 1407 -30.24 -22.88 18.56
C LYS B 1407 -31.15 -22.80 19.77
N LEU B 1408 -31.98 -23.82 20.02
CA LEU B 1408 -32.86 -23.85 21.17
C LEU B 1408 -32.24 -24.71 22.26
N THR B 1409 -32.19 -24.16 23.48
CA THR B 1409 -31.46 -24.83 24.56
C THR B 1409 -32.22 -26.04 25.09
N THR B 1410 -33.54 -25.92 25.23
CA THR B 1410 -34.31 -26.99 25.86
C THR B 1410 -34.24 -28.27 25.04
N ASP B 1411 -33.49 -29.25 25.54
CA ASP B 1411 -33.22 -30.46 24.76
C ASP B 1411 -34.48 -31.31 24.60
N HIS B 1412 -35.27 -31.46 25.67
CA HIS B 1412 -36.49 -32.26 25.56
C HIS B 1412 -37.43 -31.65 24.53
N GLU B 1413 -37.45 -30.32 24.43
CA GLU B 1413 -38.24 -29.68 23.39
C GLU B 1413 -37.74 -30.09 22.00
N LYS B 1414 -36.43 -30.13 21.81
CA LYS B 1414 -35.89 -30.58 20.53
C LYS B 1414 -36.32 -32.01 20.24
N ASP B 1415 -36.22 -32.88 21.24
CA ASP B 1415 -36.58 -34.28 21.03
C ASP B 1415 -38.05 -34.41 20.62
N LYS B 1416 -38.95 -33.82 21.41
CA LYS B 1416 -40.37 -33.96 21.11
C LYS B 1416 -40.70 -33.33 19.75
N LEU B 1417 -40.17 -32.13 19.48
CA LEU B 1417 -40.46 -31.44 18.24
C LEU B 1417 -39.98 -32.24 17.03
N LYS B 1418 -38.76 -32.76 17.11
CA LYS B 1418 -38.19 -33.47 15.98
C LYS B 1418 -38.86 -34.82 15.76
N LYS B 1419 -39.25 -35.50 16.84
CA LYS B 1419 -39.97 -36.76 16.66
C LYS B 1419 -41.39 -36.53 16.17
N GLN B 1420 -41.98 -35.36 16.45
CA GLN B 1420 -43.34 -35.10 16.03
C GLN B 1420 -43.46 -34.50 14.64
N PHE B 1421 -42.43 -33.81 14.14
CA PHE B 1421 -42.47 -33.32 12.76
C PHE B 1421 -41.28 -33.75 11.92
N PHE B 1422 -40.07 -33.74 12.49
CA PHE B 1422 -38.86 -33.91 11.68
C PHE B 1422 -38.59 -35.39 11.43
N THR B 1423 -39.42 -35.96 10.57
CA THR B 1423 -39.21 -37.29 10.05
C THR B 1423 -38.12 -37.27 8.99
N PRO B 1424 -37.57 -38.43 8.61
CA PRO B 1424 -36.53 -38.44 7.59
C PRO B 1424 -36.94 -37.80 6.28
N LYS B 1425 -38.20 -37.94 5.89
CA LYS B 1425 -38.65 -37.37 4.61
C LYS B 1425 -38.57 -35.85 4.62
N VAL B 1426 -39.10 -35.22 5.68
CA VAL B 1426 -39.04 -33.77 5.74
C VAL B 1426 -37.61 -33.29 5.91
N LEU B 1427 -36.77 -34.07 6.59
CA LEU B 1427 -35.35 -33.73 6.66
C LEU B 1427 -34.73 -33.73 5.27
N GLN B 1428 -35.06 -34.74 4.46
CA GLN B 1428 -34.53 -34.77 3.09
C GLN B 1428 -35.03 -33.58 2.28
N ASP B 1429 -36.30 -33.23 2.44
CA ASP B 1429 -36.83 -32.07 1.71
C ASP B 1429 -36.11 -30.79 2.12
N TYR B 1430 -35.92 -30.60 3.43
CA TYR B 1430 -35.21 -29.41 3.89
C TYR B 1430 -33.77 -29.40 3.40
N ARG B 1431 -33.12 -30.56 3.38
CA ARG B 1431 -31.75 -30.65 2.89
C ARG B 1431 -31.69 -30.28 1.41
N LYS B 1432 -32.67 -30.74 0.62
CA LYS B 1432 -32.72 -30.38 -0.78
C LYS B 1432 -32.89 -28.87 -0.94
N LEU B 1433 -33.76 -28.27 -0.12
CA LEU B 1433 -33.92 -26.82 -0.18
C LEU B 1433 -32.63 -26.10 0.18
N LYS B 1434 -31.92 -26.57 1.21
CA LYS B 1434 -30.60 -26.03 1.51
C LYS B 1434 -29.70 -26.09 0.29
N ASN B 1435 -29.62 -27.27 -0.33
CA ASN B 1435 -28.69 -27.48 -1.43
C ASN B 1435 -29.01 -26.56 -2.60
N THR B 1436 -30.30 -26.29 -2.82
CA THR B 1436 -30.68 -25.44 -3.95
C THR B 1436 -29.99 -24.09 -3.90
N ALA B 1437 -29.67 -23.59 -2.71
CA ALA B 1437 -28.92 -22.34 -2.56
C ALA B 1437 -27.45 -22.57 -2.24
N GLU B 1438 -27.12 -23.72 -1.65
CA GLU B 1438 -25.73 -24.01 -1.35
C GLU B 1438 -24.92 -24.22 -2.61
N GLN B 1439 -25.55 -24.78 -3.65
CA GLN B 1439 -24.86 -24.95 -4.93
C GLN B 1439 -24.58 -23.61 -5.59
N PHE B 1440 -25.44 -22.62 -5.36
CA PHE B 1440 -25.14 -21.27 -5.81
C PHE B 1440 -24.07 -20.61 -4.95
N LEU B 1441 -24.06 -20.91 -3.65
CA LEU B 1441 -23.11 -20.30 -2.74
C LEU B 1441 -21.71 -20.87 -2.90
N SER B 1442 -21.60 -22.11 -3.37
CA SER B 1442 -20.28 -22.74 -3.50
C SER B 1442 -19.41 -21.98 -4.49
N ARG B 1443 -19.97 -21.58 -5.62
CA ARG B 1443 -19.27 -20.80 -6.62
C ARG B 1443 -19.37 -19.30 -6.38
N SER B 1444 -19.63 -18.89 -5.14
CA SER B 1444 -20.10 -17.53 -4.86
C SER B 1444 -18.93 -16.62 -4.48
N GLY B 1445 -18.14 -16.26 -5.49
CA GLY B 1445 -17.32 -15.06 -5.43
C GLY B 1445 -16.62 -14.80 -4.13
N TYR B 1446 -15.65 -15.63 -3.78
CA TYR B 1446 -14.84 -15.41 -2.58
C TYR B 1446 -15.71 -15.37 -1.32
N SER B 1447 -16.87 -16.02 -1.36
CA SER B 1447 -17.49 -16.42 -0.11
C SER B 1447 -16.58 -17.35 0.66
N GLU B 1448 -15.63 -17.99 -0.03
CA GLU B 1448 -14.53 -18.70 0.58
C GLU B 1448 -13.24 -17.96 0.28
N VAL B 1449 -12.35 -17.91 1.26
CA VAL B 1449 -11.09 -17.18 1.15
C VAL B 1449 -9.96 -18.17 0.91
N ASN B 1450 -9.10 -17.86 -0.05
CA ASN B 1450 -7.98 -18.73 -0.40
C ASN B 1450 -6.74 -18.29 0.37
N LEU B 1451 -6.25 -19.19 1.22
CA LEU B 1451 -5.11 -18.85 2.08
C LEU B 1451 -3.82 -18.70 1.27
N SER B 1452 -3.70 -19.43 0.16
CA SER B 1452 -2.47 -19.38 -0.62
C SER B 1452 -2.17 -17.96 -1.08
N LYS B 1453 -3.17 -17.28 -1.65
CA LYS B 1453 -2.98 -15.89 -2.06
C LYS B 1453 -2.74 -14.99 -0.86
N LEU B 1454 -3.46 -15.25 0.24
CA LEU B 1454 -3.37 -14.36 1.39
C LEU B 1454 -1.97 -14.37 1.99
N PHE B 1455 -1.36 -15.54 2.11
CA PHE B 1455 -0.06 -15.68 2.75
C PHE B 1455 1.09 -15.67 1.76
N ALA B 1456 0.82 -15.43 0.48
CA ALA B 1456 1.88 -15.39 -0.52
C ALA B 1456 2.81 -14.20 -0.27
N ALA C 155 -54.53 -30.48 -29.07
CA ALA C 155 -55.53 -29.51 -28.67
C ALA C 155 -55.08 -28.10 -29.01
N THR C 156 -55.63 -27.11 -28.32
CA THR C 156 -55.25 -25.72 -28.59
C THR C 156 -53.76 -25.45 -28.41
N PRO C 157 -53.06 -26.01 -27.42
CA PRO C 157 -51.65 -25.63 -27.25
C PRO C 157 -50.83 -25.98 -28.49
N SER C 158 -50.07 -24.99 -28.97
CA SER C 158 -49.24 -25.16 -30.16
C SER C 158 -50.06 -25.60 -31.37
N GLN C 159 -51.32 -25.16 -31.44
CA GLN C 159 -52.16 -25.53 -32.58
C GLN C 159 -51.61 -24.96 -33.89
N LYS C 160 -50.95 -23.80 -33.83
CA LYS C 160 -50.42 -23.21 -35.05
C LYS C 160 -49.38 -24.11 -35.70
N TYR C 161 -48.49 -24.71 -34.89
CA TYR C 161 -47.44 -25.55 -35.46
C TYR C 161 -48.01 -26.73 -36.23
N ASN C 162 -49.14 -27.26 -35.79
CA ASN C 162 -49.79 -28.34 -36.53
C ASN C 162 -50.57 -27.83 -37.73
N SER C 163 -50.68 -26.51 -37.90
CA SER C 163 -51.46 -25.92 -38.98
C SER C 163 -50.71 -24.76 -39.62
N ARG C 164 -49.42 -24.95 -39.90
CA ARG C 164 -48.61 -23.94 -40.57
C ARG C 164 -48.34 -24.40 -42.00
N SER C 165 -48.52 -23.48 -42.95
CA SER C 165 -48.38 -23.84 -44.36
C SER C 165 -46.95 -23.72 -44.87
N ASN C 166 -46.12 -22.94 -44.19
CA ASN C 166 -44.75 -22.69 -44.65
C ASN C 166 -43.78 -23.80 -44.30
N ARG C 167 -44.29 -24.98 -43.91
CA ARG C 167 -43.42 -26.07 -43.48
C ARG C 167 -42.37 -26.38 -44.53
N GLY C 168 -41.10 -26.22 -44.14
CA GLY C 168 -39.99 -26.65 -44.97
C GLY C 168 -39.65 -25.73 -46.12
N GLU C 169 -40.27 -24.57 -46.22
CA GLU C 169 -40.06 -23.67 -47.34
C GLU C 169 -38.91 -22.73 -47.05
N VAL C 170 -37.88 -22.77 -47.89
CA VAL C 170 -36.72 -21.89 -47.71
C VAL C 170 -37.17 -20.44 -47.81
N VAL C 171 -36.59 -19.58 -46.97
CA VAL C 171 -36.93 -18.17 -46.95
C VAL C 171 -35.83 -17.31 -47.54
N THR C 172 -34.56 -17.62 -47.28
CA THR C 172 -33.49 -16.82 -47.86
C THR C 172 -32.34 -17.72 -48.28
N SER C 173 -31.63 -17.27 -49.32
CA SER C 173 -30.48 -17.97 -49.86
C SER C 173 -29.34 -16.97 -50.06
N PHE C 174 -28.11 -17.48 -49.97
CA PHE C 174 -26.92 -16.67 -50.14
C PHE C 174 -25.81 -17.55 -50.70
N GLY C 175 -24.93 -16.94 -51.49
CA GLY C 175 -23.81 -17.65 -52.09
C GLY C 175 -24.12 -18.06 -53.53
N LEU C 176 -24.18 -19.37 -53.78
CA LEU C 176 -24.51 -19.91 -55.09
C LEU C 176 -25.79 -20.73 -54.99
N ALA C 177 -26.55 -20.74 -56.09
CA ALA C 177 -27.79 -21.50 -56.13
C ALA C 177 -27.49 -22.98 -55.86
N GLN C 178 -28.29 -23.58 -54.99
CA GLN C 178 -28.08 -24.95 -54.57
C GLN C 178 -29.41 -25.71 -54.64
N GLY C 179 -29.31 -27.00 -54.92
CA GLY C 179 -30.50 -27.82 -54.99
C GLY C 179 -31.21 -27.91 -53.66
N VAL C 180 -32.53 -28.05 -53.71
CA VAL C 180 -33.34 -28.11 -52.49
C VAL C 180 -32.97 -29.32 -51.64
N SER C 181 -32.47 -30.39 -52.25
CA SER C 181 -32.11 -31.61 -51.53
C SER C 181 -30.76 -31.43 -50.85
N TRP C 182 -30.77 -30.69 -49.75
CA TRP C 182 -29.57 -30.49 -48.95
C TRP C 182 -29.32 -31.72 -48.09
N SER C 183 -28.11 -32.26 -48.18
CA SER C 183 -27.73 -33.41 -47.37
C SER C 183 -26.22 -33.48 -47.27
N GLY C 184 -25.75 -34.16 -46.24
CA GLY C 184 -24.33 -34.37 -46.03
C GLY C 184 -24.00 -35.85 -45.89
N ARG C 185 -22.74 -36.16 -45.59
CA ARG C 185 -22.32 -37.54 -45.41
C ARG C 185 -22.44 -38.01 -43.97
N GLY C 186 -22.96 -37.17 -43.07
CA GLY C 186 -23.13 -37.59 -41.69
C GLY C 186 -21.80 -37.68 -40.97
N GLY C 187 -21.73 -38.60 -40.01
CA GLY C 187 -20.51 -38.81 -39.25
C GLY C 187 -19.38 -39.39 -40.07
N ALA C 188 -19.67 -39.95 -41.24
CA ALA C 188 -18.63 -40.50 -42.08
C ALA C 188 -17.68 -39.40 -42.56
N GLY C 189 -16.42 -39.77 -42.76
CA GLY C 189 -15.41 -38.83 -43.20
C GLY C 189 -14.70 -38.14 -42.06
N ASN C 190 -13.61 -37.48 -42.40
CA ASN C 190 -12.80 -36.76 -41.41
C ASN C 190 -13.50 -35.45 -41.06
N ILE C 191 -13.96 -35.34 -39.82
CA ILE C 191 -14.60 -34.14 -39.31
C ILE C 191 -13.80 -33.63 -38.13
N SER C 192 -13.34 -32.39 -38.22
CA SER C 192 -12.58 -31.75 -37.15
C SER C 192 -13.45 -30.71 -36.46
N LEU C 193 -13.40 -30.71 -35.13
CA LEU C 193 -14.26 -29.84 -34.32
C LEU C 193 -13.46 -29.46 -33.07
N LYS C 194 -12.82 -28.30 -33.10
CA LYS C 194 -11.88 -27.93 -32.05
C LYS C 194 -12.18 -26.53 -31.54
N VAL C 195 -12.34 -26.40 -30.22
CA VAL C 195 -12.39 -25.07 -29.62
C VAL C 195 -11.06 -24.38 -29.84
N LEU C 196 -11.10 -23.05 -29.93
CA LEU C 196 -9.93 -22.31 -30.39
C LEU C 196 -9.75 -21.02 -29.61
N GLY C 197 -8.48 -20.68 -29.35
CA GLY C 197 -8.10 -19.34 -28.96
C GLY C 197 -8.69 -18.85 -27.66
N CYS C 198 -8.25 -17.67 -27.23
CA CYS C 198 -8.83 -16.99 -26.08
C CYS C 198 -8.71 -17.88 -24.84
N PRO C 199 -7.48 -18.04 -24.29
CA PRO C 199 -7.22 -19.08 -23.28
C PRO C 199 -8.33 -20.10 -23.04
N GLU C 200 -8.61 -20.91 -24.05
CA GLU C 200 -9.43 -22.12 -23.96
C GLU C 200 -10.91 -21.84 -23.71
N ALA C 201 -11.31 -20.59 -23.49
CA ALA C 201 -12.72 -20.20 -23.40
C ALA C 201 -13.48 -21.10 -22.43
N LEU C 202 -13.07 -21.05 -21.16
CA LEU C 202 -13.80 -21.68 -20.07
C LEU C 202 -13.98 -23.18 -20.30
N THR C 203 -12.85 -23.89 -20.29
CA THR C 203 -12.91 -25.34 -20.21
C THR C 203 -13.59 -25.78 -18.92
N GLY C 204 -13.24 -25.14 -17.81
CA GLY C 204 -13.87 -25.39 -16.53
C GLY C 204 -15.14 -24.58 -16.35
N SER C 205 -15.66 -24.62 -15.14
CA SER C 205 -16.95 -23.96 -14.89
C SER C 205 -16.77 -22.46 -14.62
N TYR C 206 -16.14 -22.10 -13.51
CA TYR C 206 -15.98 -20.68 -13.19
C TYR C 206 -15.21 -20.50 -11.89
N LYS C 207 -15.03 -19.25 -11.48
CA LYS C 207 -14.37 -18.94 -10.21
C LYS C 207 -15.24 -18.18 -9.24
N SER C 208 -15.97 -17.15 -9.69
CA SER C 208 -16.50 -16.19 -8.74
C SER C 208 -17.72 -15.46 -9.32
N MET C 209 -18.50 -14.87 -8.43
CA MET C 209 -19.46 -13.83 -8.77
C MET C 209 -19.21 -12.58 -7.93
N PHE C 210 -17.94 -12.34 -7.58
CA PHE C 210 -17.54 -11.21 -6.76
C PHE C 210 -16.73 -10.23 -7.61
N GLN C 211 -17.15 -8.97 -7.61
CA GLN C 211 -16.56 -7.94 -8.46
C GLN C 211 -15.76 -6.96 -7.60
N LYS C 212 -14.71 -6.40 -8.21
CA LYS C 212 -13.92 -5.34 -7.59
C LYS C 212 -13.84 -4.17 -8.55
N LEU C 213 -14.24 -2.99 -8.10
CA LEU C 213 -14.25 -1.82 -8.97
C LEU C 213 -12.88 -1.52 -9.56
N PRO C 214 -11.80 -1.50 -8.78
CA PRO C 214 -10.49 -1.25 -9.40
C PRO C 214 -10.12 -2.24 -10.48
N ASP C 215 -10.48 -3.51 -10.30
CA ASP C 215 -10.14 -4.52 -11.30
C ASP C 215 -10.99 -4.36 -12.57
N ILE C 216 -12.26 -3.99 -12.42
CA ILE C 216 -13.08 -3.68 -13.59
C ILE C 216 -12.49 -2.48 -14.33
N ARG C 217 -12.02 -1.48 -13.57
CA ARG C 217 -11.37 -0.34 -14.20
C ARG C 217 -10.13 -0.78 -14.97
N GLU C 218 -9.34 -1.68 -14.39
CA GLU C 218 -8.16 -2.18 -15.08
C GLU C 218 -8.53 -2.88 -16.36
N VAL C 219 -9.59 -3.70 -16.33
CA VAL C 219 -10.02 -4.39 -17.54
C VAL C 219 -10.43 -3.38 -18.61
N LEU C 220 -11.22 -2.37 -18.22
CA LEU C 220 -11.71 -1.40 -19.18
C LEU C 220 -10.56 -0.62 -19.80
N THR C 221 -9.65 -0.12 -18.96
CA THR C 221 -8.53 0.66 -19.48
C THR C 221 -7.59 -0.20 -20.31
N CYS C 222 -7.41 -1.47 -19.94
CA CYS C 222 -6.60 -2.36 -20.76
C CYS C 222 -7.21 -2.56 -22.14
N LYS C 223 -8.53 -2.75 -22.20
CA LYS C 223 -9.20 -2.86 -23.50
C LYS C 223 -9.00 -1.60 -24.32
N ILE C 224 -9.22 -0.44 -23.71
CA ILE C 224 -9.06 0.82 -24.43
C ILE C 224 -7.65 0.96 -24.96
N GLU C 225 -6.66 0.67 -24.11
CA GLU C 225 -5.26 0.88 -24.49
C GLU C 225 -4.82 -0.11 -25.56
N GLU C 226 -5.30 -1.36 -25.50
CA GLU C 226 -4.95 -2.33 -26.52
C GLU C 226 -5.51 -1.93 -27.87
N LEU C 227 -6.80 -1.60 -27.91
CA LEU C 227 -7.39 -1.12 -29.16
C LEU C 227 -6.66 0.13 -29.65
N GLY C 228 -6.28 1.01 -28.74
CA GLY C 228 -5.60 2.23 -29.13
C GLY C 228 -4.23 1.97 -29.73
N SER C 229 -3.47 1.06 -29.11
CA SER C 229 -2.16 0.72 -29.67
C SER C 229 -2.30 0.11 -31.05
N GLU C 230 -3.27 -0.80 -31.22
CA GLU C 230 -3.47 -1.41 -32.53
C GLU C 230 -3.82 -0.35 -33.57
N LEU C 231 -4.77 0.52 -33.25
CA LEU C 231 -5.17 1.55 -34.22
C LEU C 231 -4.04 2.51 -34.51
N LYS C 232 -3.27 2.89 -33.48
CA LYS C 232 -2.17 3.82 -33.68
C LYS C 232 -1.10 3.22 -34.59
N GLU C 233 -0.76 1.95 -34.37
CA GLU C 233 0.26 1.33 -35.22
C GLU C 233 -0.25 1.11 -36.63
N HIS C 234 -1.55 0.82 -36.80
CA HIS C 234 -2.08 0.63 -38.14
C HIS C 234 -2.14 1.94 -38.91
N TYR C 235 -2.67 2.99 -38.27
CA TYR C 235 -2.89 4.27 -38.94
C TYR C 235 -1.68 5.17 -38.91
N LYS C 236 -0.59 4.74 -38.28
CA LYS C 236 0.64 5.55 -38.19
C LYS C 236 0.33 6.91 -37.57
N ILE C 237 -0.54 6.91 -36.56
CA ILE C 237 -0.89 8.16 -35.88
C ILE C 237 0.34 8.73 -35.19
N GLU C 238 0.53 10.04 -35.33
CA GLU C 238 1.70 10.68 -34.73
C GLU C 238 1.76 10.44 -33.23
N ALA C 239 0.81 11.00 -32.49
CA ALA C 239 0.75 10.80 -31.05
C ALA C 239 -0.56 11.34 -30.53
N PHE C 240 -1.15 10.64 -29.56
CA PHE C 240 -2.38 11.08 -28.94
C PHE C 240 -2.09 12.21 -27.95
N THR C 241 -3.15 12.92 -27.58
CA THR C 241 -3.05 14.03 -26.64
C THR C 241 -4.05 13.85 -25.51
N PRO C 242 -3.79 14.43 -24.34
CA PRO C 242 -4.78 14.34 -23.25
C PRO C 242 -6.09 15.00 -23.67
N LEU C 243 -7.19 14.44 -23.16
CA LEU C 243 -8.51 14.94 -23.52
C LEU C 243 -8.70 16.38 -23.07
N LEU C 244 -8.23 16.71 -21.88
CA LEU C 244 -8.49 18.02 -21.29
C LEU C 244 -7.49 19.08 -21.75
N ALA C 245 -6.51 18.75 -22.57
CA ALA C 245 -5.53 19.72 -23.02
C ALA C 245 -6.14 20.62 -24.09
N PRO C 246 -6.21 21.94 -23.89
CA PRO C 246 -6.73 22.82 -24.94
C PRO C 246 -5.70 23.03 -26.04
N ALA C 247 -5.95 22.44 -27.21
CA ALA C 247 -5.07 22.54 -28.36
C ALA C 247 -5.79 23.24 -29.49
N GLN C 248 -5.18 24.29 -30.03
CA GLN C 248 -5.80 25.05 -31.10
C GLN C 248 -5.86 24.23 -32.39
N GLU C 249 -4.75 23.62 -32.78
CA GLU C 249 -4.73 22.83 -33.99
C GLU C 249 -5.48 21.51 -33.77
N PRO C 250 -6.06 20.95 -34.84
CA PRO C 250 -6.71 19.64 -34.69
C PRO C 250 -5.75 18.61 -34.11
N VAL C 251 -6.21 17.87 -33.12
CA VAL C 251 -5.39 16.89 -32.40
C VAL C 251 -6.16 15.59 -32.29
N THR C 252 -5.53 14.49 -32.68
CA THR C 252 -6.15 13.18 -32.52
C THR C 252 -6.35 12.87 -31.04
N LEU C 253 -7.51 12.31 -30.73
CA LEU C 253 -7.89 11.96 -29.37
C LEU C 253 -8.40 10.53 -29.34
N LEU C 254 -7.99 9.79 -28.31
CA LEU C 254 -8.36 8.39 -28.17
C LEU C 254 -9.30 8.23 -26.99
N GLY C 255 -10.32 7.40 -27.15
CA GLY C 255 -11.16 7.09 -26.01
C GLY C 255 -12.39 6.33 -26.44
N GLN C 256 -13.17 5.93 -25.44
CA GLN C 256 -14.39 5.19 -25.67
C GLN C 256 -15.59 6.13 -25.57
N ILE C 257 -16.56 5.93 -26.47
CA ILE C 257 -17.76 6.74 -26.47
C ILE C 257 -18.66 6.34 -25.31
N GLY C 258 -19.46 7.28 -24.84
CA GLY C 258 -20.39 7.01 -23.76
C GLY C 258 -21.56 7.96 -23.82
N CYS C 259 -22.69 7.51 -23.29
CA CYS C 259 -23.88 8.35 -23.21
C CYS C 259 -23.81 9.24 -21.99
N ASP C 260 -24.16 10.51 -22.17
CA ASP C 260 -24.08 11.47 -21.07
C ASP C 260 -24.97 11.04 -19.91
N SER C 261 -26.24 10.81 -20.19
CA SER C 261 -27.20 10.40 -19.17
C SER C 261 -27.40 8.88 -19.22
N ASN C 262 -28.40 8.40 -18.50
CA ASN C 262 -28.67 6.97 -18.38
C ASN C 262 -29.59 6.44 -19.47
N GLY C 263 -30.01 7.28 -20.42
CA GLY C 263 -30.98 6.89 -21.42
C GLY C 263 -30.32 6.49 -22.74
N LYS C 264 -31.18 6.31 -23.75
CA LYS C 264 -30.71 5.93 -25.07
C LYS C 264 -29.84 7.02 -25.67
N LEU C 265 -28.77 6.61 -26.34
CA LEU C 265 -27.79 7.57 -26.84
C LEU C 265 -28.41 8.47 -27.90
N ASN C 266 -28.13 9.76 -27.80
CA ASN C 266 -28.61 10.76 -28.75
C ASN C 266 -27.44 11.39 -29.49
N ASN C 267 -27.73 11.96 -30.66
CA ASN C 267 -26.66 12.45 -31.52
C ASN C 267 -25.92 13.64 -30.91
N LYS C 268 -26.46 14.26 -29.87
CA LYS C 268 -25.79 15.36 -29.20
C LYS C 268 -25.81 15.18 -27.68
N SER C 269 -25.74 13.94 -27.22
CA SER C 269 -25.64 13.60 -25.81
C SER C 269 -24.53 12.59 -25.60
N VAL C 270 -23.38 12.86 -26.21
CA VAL C 270 -22.29 11.90 -26.31
C VAL C 270 -21.03 12.51 -25.70
N ILE C 271 -20.33 11.72 -24.89
CA ILE C 271 -19.07 12.12 -24.29
C ILE C 271 -18.01 11.09 -24.67
N LEU C 272 -16.77 11.53 -24.63
CA LEU C 272 -15.61 10.68 -24.88
C LEU C 272 -14.86 10.54 -23.56
N GLU C 273 -14.59 9.29 -23.17
CA GLU C 273 -13.84 9.00 -21.95
C GLU C 273 -12.50 8.40 -22.35
N GLY C 274 -11.42 9.05 -21.95
CA GLY C 274 -10.09 8.67 -22.38
C GLY C 274 -9.50 7.55 -21.55
N ASP C 275 -8.25 7.25 -21.87
CA ASP C 275 -7.49 6.23 -21.15
C ASP C 275 -6.64 6.88 -20.06
N ARG C 276 -6.18 6.06 -19.12
CA ARG C 276 -5.45 6.59 -17.97
C ARG C 276 -4.09 7.14 -18.38
N GLU C 277 -3.35 6.42 -19.23
CA GLU C 277 -1.97 6.80 -19.52
C GLU C 277 -1.87 8.04 -20.40
N HIS C 278 -2.97 8.51 -20.98
CA HIS C 278 -2.98 9.72 -21.79
C HIS C 278 -3.83 10.83 -21.19
N SER C 279 -5.07 10.53 -20.81
CA SER C 279 -6.00 11.54 -20.29
C SER C 279 -6.42 11.27 -18.86
N SER C 280 -5.84 10.28 -18.20
CA SER C 280 -6.15 9.98 -16.81
C SER C 280 -7.61 9.61 -16.61
N GLY C 281 -8.26 9.10 -17.66
CA GLY C 281 -9.64 8.70 -17.56
C GLY C 281 -10.64 9.83 -17.53
N ALA C 282 -10.24 11.02 -17.98
CA ALA C 282 -11.14 12.15 -17.97
C ALA C 282 -12.22 12.00 -19.04
N GLN C 283 -13.32 12.73 -18.86
CA GLN C 283 -14.44 12.72 -19.78
C GLN C 283 -14.60 14.10 -20.40
N ILE C 284 -15.10 14.15 -21.63
CA ILE C 284 -15.34 15.42 -22.28
C ILE C 284 -16.50 15.29 -23.27
N PRO C 285 -17.48 16.19 -23.27
CA PRO C 285 -18.54 16.11 -24.28
C PRO C 285 -17.98 16.31 -25.68
N VAL C 286 -18.61 15.64 -26.65
CA VAL C 286 -18.21 15.76 -28.05
C VAL C 286 -19.42 16.23 -28.86
N ASP C 287 -19.16 17.12 -29.80
CA ASP C 287 -20.18 17.70 -30.66
C ASP C 287 -20.02 17.14 -32.07
N LEU C 288 -21.09 16.55 -32.58
CA LEU C 288 -21.07 15.89 -33.88
C LEU C 288 -21.67 16.74 -34.99
N SER C 289 -21.92 18.03 -34.72
CA SER C 289 -22.54 18.87 -35.74
C SER C 289 -21.65 19.00 -36.97
N GLU C 290 -20.34 19.19 -36.77
CA GLU C 290 -19.44 19.34 -37.90
C GLU C 290 -19.14 18.01 -38.58
N LEU C 291 -19.17 16.91 -37.84
CA LEU C 291 -18.86 15.61 -38.41
C LEU C 291 -19.89 15.24 -39.46
N LYS C 292 -19.42 14.60 -40.55
CA LYS C 292 -20.28 14.31 -41.68
C LYS C 292 -20.88 12.90 -41.59
N GLU C 293 -20.02 11.88 -41.56
CA GLU C 293 -20.45 10.49 -41.51
C GLU C 293 -19.86 9.83 -40.28
N TYR C 294 -20.70 9.14 -39.51
CA TYR C 294 -20.25 8.48 -38.29
C TYR C 294 -21.23 7.36 -37.94
N SER C 295 -20.78 6.47 -37.07
CA SER C 295 -21.62 5.41 -36.55
C SER C 295 -21.06 5.02 -35.19
N LEU C 296 -21.75 5.40 -34.13
CA LEU C 296 -21.26 5.24 -32.77
C LEU C 296 -22.25 4.47 -31.91
N PHE C 297 -21.73 3.86 -30.86
CA PHE C 297 -22.52 3.24 -29.81
C PHE C 297 -21.72 3.30 -28.52
N PRO C 298 -22.39 3.22 -27.37
CA PRO C 298 -21.66 3.36 -26.10
C PRO C 298 -20.60 2.28 -25.95
N GLY C 299 -19.45 2.68 -25.40
CA GLY C 299 -18.40 1.74 -25.10
C GLY C 299 -17.58 1.26 -26.27
N GLN C 300 -17.57 1.99 -27.38
CA GLN C 300 -16.74 1.65 -28.53
C GLN C 300 -15.50 2.54 -28.52
N VAL C 301 -14.35 1.93 -28.75
CA VAL C 301 -13.08 2.67 -28.74
C VAL C 301 -12.89 3.35 -30.08
N VAL C 302 -12.64 4.65 -30.05
CA VAL C 302 -12.53 5.47 -31.26
C VAL C 302 -11.35 6.41 -31.13
N ILE C 303 -10.85 6.82 -32.30
CA ILE C 303 -9.85 7.87 -32.44
C ILE C 303 -10.51 8.96 -33.25
N MET C 304 -10.69 10.13 -32.63
CA MET C 304 -11.40 11.24 -33.23
C MET C 304 -10.44 12.41 -33.40
N GLU C 305 -10.42 12.98 -34.60
CA GLU C 305 -9.45 14.02 -34.96
C GLU C 305 -10.10 15.40 -34.93
N GLY C 306 -11.00 15.60 -33.97
CA GLY C 306 -11.68 16.87 -33.84
C GLY C 306 -10.77 17.95 -33.30
N ILE C 307 -11.30 19.18 -33.29
CA ILE C 307 -10.58 20.36 -32.84
C ILE C 307 -11.18 20.80 -31.52
N ASN C 308 -10.32 21.02 -30.53
CA ASN C 308 -10.74 21.37 -29.16
C ASN C 308 -9.89 22.54 -28.69
N THR C 309 -10.39 23.76 -28.94
CA THR C 309 -9.65 24.98 -28.63
C THR C 309 -9.93 25.50 -27.22
N THR C 310 -10.85 24.89 -26.47
CA THR C 310 -11.17 25.33 -25.13
C THR C 310 -10.85 24.33 -24.04
N GLY C 311 -10.74 23.05 -24.38
CA GLY C 311 -10.40 22.03 -23.40
C GLY C 311 -11.55 21.44 -22.65
N ARG C 312 -12.76 21.98 -22.82
CA ARG C 312 -13.94 21.51 -22.11
C ARG C 312 -14.96 20.82 -23.01
N LYS C 313 -14.87 20.99 -24.32
CA LYS C 313 -15.83 20.39 -25.24
C LYS C 313 -15.14 20.18 -26.58
N LEU C 314 -15.06 18.93 -27.03
CA LEU C 314 -14.46 18.62 -28.32
C LEU C 314 -15.52 18.71 -29.40
N VAL C 315 -15.10 19.11 -30.59
CA VAL C 315 -15.97 19.10 -31.77
C VAL C 315 -15.33 18.17 -32.79
N ALA C 316 -16.06 17.13 -33.19
CA ALA C 316 -15.51 16.12 -34.06
C ALA C 316 -15.33 16.67 -35.47
N THR C 317 -14.27 16.20 -36.14
CA THR C 317 -14.03 16.54 -37.54
C THR C 317 -13.75 15.35 -38.43
N LYS C 318 -13.44 14.17 -37.86
CA LYS C 318 -13.23 12.97 -38.65
C LYS C 318 -13.15 11.79 -37.70
N LEU C 319 -13.73 10.67 -38.11
CA LEU C 319 -13.71 9.43 -37.36
C LEU C 319 -12.91 8.38 -38.13
N TYR C 320 -12.11 7.61 -37.40
CA TYR C 320 -11.25 6.59 -38.01
C TYR C 320 -11.95 5.24 -37.92
N GLU C 321 -12.32 4.70 -39.08
CA GLU C 321 -12.93 3.37 -39.11
C GLU C 321 -11.98 2.35 -38.52
N GLY C 322 -12.45 1.65 -37.49
CA GLY C 322 -11.58 0.70 -36.82
C GLY C 322 -11.23 -0.48 -37.72
N VAL C 323 -10.04 -1.02 -37.52
CA VAL C 323 -9.49 -2.04 -38.40
C VAL C 323 -9.77 -3.43 -37.82
N PRO C 324 -10.27 -4.37 -38.62
CA PRO C 324 -10.55 -5.71 -38.09
C PRO C 324 -9.28 -6.53 -37.91
N LEU C 325 -9.41 -7.61 -37.15
CA LEU C 325 -8.30 -8.52 -36.96
C LEU C 325 -8.00 -9.26 -38.25
N PRO C 326 -6.77 -9.76 -38.41
CA PRO C 326 -6.47 -10.57 -39.58
C PRO C 326 -7.23 -11.89 -39.54
N PHE C 327 -7.55 -12.42 -40.72
CA PHE C 327 -8.29 -13.66 -40.79
C PHE C 327 -7.42 -14.81 -40.28
N TYR C 328 -8.03 -16.00 -40.24
CA TYR C 328 -7.33 -17.20 -39.80
C TYR C 328 -6.57 -17.79 -40.97
N GLN C 329 -5.25 -17.93 -40.81
CA GLN C 329 -4.42 -18.45 -41.89
C GLN C 329 -4.60 -19.96 -41.98
N PRO C 330 -5.11 -20.49 -43.10
CA PRO C 330 -5.32 -21.93 -43.22
C PRO C 330 -4.00 -22.67 -43.43
N THR C 331 -4.13 -23.97 -43.66
CA THR C 331 -2.99 -24.84 -43.96
C THR C 331 -3.43 -25.88 -44.97
N GLU C 332 -2.48 -26.72 -45.40
CA GLU C 332 -2.79 -27.71 -46.43
C GLU C 332 -3.87 -28.67 -45.95
N GLU C 333 -3.84 -29.04 -44.67
CA GLU C 333 -4.87 -29.94 -44.14
C GLU C 333 -6.24 -29.31 -44.24
N ASP C 334 -6.33 -28.00 -43.99
CA ASP C 334 -7.63 -27.32 -44.04
C ASP C 334 -8.23 -27.42 -45.44
N ALA C 335 -7.42 -27.20 -46.48
CA ALA C 335 -7.90 -27.35 -47.84
C ALA C 335 -8.16 -28.80 -48.20
N ASP C 336 -7.67 -29.75 -47.40
CA ASP C 336 -7.86 -31.17 -47.66
C ASP C 336 -9.22 -31.68 -47.17
N PHE C 337 -10.15 -30.79 -46.85
CA PHE C 337 -11.47 -31.16 -46.35
C PHE C 337 -12.50 -30.98 -47.45
N GLU C 338 -13.29 -32.02 -47.69
CA GLU C 338 -14.37 -31.93 -48.66
C GLU C 338 -15.51 -31.09 -48.09
N GLN C 339 -16.48 -30.78 -48.94
CA GLN C 339 -17.59 -29.94 -48.51
C GLN C 339 -18.38 -30.63 -47.40
N SER C 340 -18.76 -29.86 -46.39
CA SER C 340 -19.52 -30.34 -45.26
C SER C 340 -20.63 -29.36 -44.97
N MET C 341 -21.82 -29.87 -44.64
CA MET C 341 -22.97 -29.02 -44.35
C MET C 341 -23.09 -28.84 -42.85
N VAL C 342 -23.47 -27.63 -42.44
CA VAL C 342 -23.60 -27.26 -41.04
C VAL C 342 -25.02 -26.80 -40.80
N LEU C 343 -25.64 -27.31 -39.73
CA LEU C 343 -26.94 -26.85 -39.27
C LEU C 343 -26.74 -25.92 -38.09
N VAL C 344 -27.58 -24.89 -38.01
CA VAL C 344 -27.56 -24.00 -36.85
C VAL C 344 -28.98 -23.59 -36.53
N ALA C 345 -29.36 -23.77 -35.26
CA ALA C 345 -30.68 -23.39 -34.78
C ALA C 345 -30.54 -22.77 -33.40
N CYS C 346 -31.47 -21.87 -33.08
CA CYS C 346 -31.47 -21.18 -31.79
C CYS C 346 -32.85 -21.27 -31.17
N GLY C 347 -32.90 -21.60 -29.87
CA GLY C 347 -34.14 -21.72 -29.18
C GLY C 347 -34.84 -20.38 -29.03
N PRO C 348 -35.96 -20.38 -28.31
CA PRO C 348 -36.56 -21.51 -27.57
C PRO C 348 -37.13 -22.57 -28.49
N TYR C 349 -37.17 -23.81 -28.04
CA TYR C 349 -37.61 -24.94 -28.86
C TYR C 349 -39.05 -25.34 -28.57
N THR C 350 -39.78 -24.54 -27.81
CA THR C 350 -41.21 -24.77 -27.57
C THR C 350 -41.95 -23.45 -27.64
N THR C 351 -43.20 -23.51 -28.08
CA THR C 351 -44.00 -22.30 -28.21
C THR C 351 -44.17 -21.64 -26.83
N SER C 352 -44.70 -20.42 -26.86
CA SER C 352 -44.81 -19.63 -25.64
C SER C 352 -45.76 -20.24 -24.63
N ASP C 353 -46.63 -21.15 -25.05
CA ASP C 353 -47.65 -21.74 -24.18
C ASP C 353 -47.70 -23.25 -24.36
N SER C 354 -46.54 -23.89 -24.33
CA SER C 354 -46.47 -25.34 -24.50
C SER C 354 -45.22 -25.88 -23.81
N ILE C 355 -45.24 -27.18 -23.54
CA ILE C 355 -44.11 -27.88 -22.95
C ILE C 355 -43.82 -29.14 -23.79
N THR C 356 -44.69 -29.43 -24.75
CA THR C 356 -44.50 -30.62 -25.58
C THR C 356 -43.23 -30.56 -26.41
N TYR C 357 -42.65 -29.37 -26.59
CA TYR C 357 -41.42 -29.22 -27.36
C TYR C 357 -41.58 -29.76 -28.77
N ASP C 358 -42.71 -29.47 -29.40
CA ASP C 358 -42.92 -29.88 -30.78
C ASP C 358 -41.87 -29.29 -31.73
N PRO C 359 -41.50 -28.01 -31.64
CA PRO C 359 -40.44 -27.51 -32.52
C PRO C 359 -39.16 -28.31 -32.41
N LEU C 360 -38.82 -28.76 -31.19
CA LEU C 360 -37.64 -29.60 -31.03
C LEU C 360 -37.80 -30.93 -31.77
N LEU C 361 -38.99 -31.51 -31.73
CA LEU C 361 -39.22 -32.75 -32.46
C LEU C 361 -39.06 -32.54 -33.96
N ASP C 362 -39.60 -31.43 -34.48
CA ASP C 362 -39.44 -31.14 -35.90
C ASP C 362 -37.97 -30.93 -36.25
N LEU C 363 -37.23 -30.24 -35.39
CA LEU C 363 -35.81 -30.03 -35.63
C LEU C 363 -35.07 -31.36 -35.65
N ILE C 364 -35.40 -32.26 -34.71
CA ILE C 364 -34.77 -33.57 -34.69
C ILE C 364 -35.09 -34.33 -35.97
N ALA C 365 -36.34 -34.22 -36.44
CA ALA C 365 -36.72 -34.92 -37.67
C ALA C 365 -35.90 -34.41 -38.85
N VAL C 366 -35.75 -33.09 -38.98
CA VAL C 366 -35.00 -32.56 -40.10
C VAL C 366 -33.52 -32.93 -39.97
N ILE C 367 -32.99 -32.94 -38.74
CA ILE C 367 -31.60 -33.35 -38.55
C ILE C 367 -31.40 -34.79 -39.01
N ASN C 368 -32.31 -35.68 -38.63
CA ASN C 368 -32.19 -37.06 -39.04
C ASN C 368 -32.31 -37.20 -40.56
N HIS C 369 -33.26 -36.48 -41.16
CA HIS C 369 -33.47 -36.61 -42.59
C HIS C 369 -32.28 -36.09 -43.39
N ASP C 370 -31.73 -34.93 -43.00
CA ASP C 370 -30.66 -34.32 -43.78
C ASP C 370 -29.30 -34.94 -43.47
N ARG C 371 -29.13 -35.49 -42.27
CA ARG C 371 -27.84 -36.07 -41.88
C ARG C 371 -26.72 -35.04 -42.02
N PRO C 372 -26.86 -33.86 -41.44
CA PRO C 372 -25.79 -32.86 -41.55
C PRO C 372 -24.56 -33.27 -40.76
N ASP C 373 -23.44 -32.62 -41.09
CA ASP C 373 -22.16 -32.95 -40.46
C ASP C 373 -22.16 -32.51 -39.00
N VAL C 374 -22.35 -31.22 -38.75
CA VAL C 374 -22.30 -30.66 -37.40
C VAL C 374 -23.53 -29.78 -37.21
N CYS C 375 -24.17 -29.92 -36.05
CA CYS C 375 -25.35 -29.16 -35.69
C CYS C 375 -25.06 -28.31 -34.46
N ILE C 376 -25.25 -27.00 -34.60
CA ILE C 376 -25.10 -26.05 -33.51
C ILE C 376 -26.50 -25.76 -32.96
N LEU C 377 -26.68 -25.95 -31.66
CA LEU C 377 -27.95 -25.69 -31.00
C LEU C 377 -27.71 -24.65 -29.91
N PHE C 378 -28.23 -23.45 -30.12
CA PHE C 378 -28.13 -22.39 -29.12
C PHE C 378 -29.26 -22.51 -28.10
N GLY C 379 -29.05 -21.91 -26.95
CA GLY C 379 -30.06 -21.83 -25.93
C GLY C 379 -30.98 -20.65 -26.15
N PRO C 380 -31.94 -20.44 -25.25
CA PRO C 380 -32.24 -21.24 -24.06
C PRO C 380 -32.98 -22.52 -24.41
N PHE C 381 -32.83 -23.58 -23.62
CA PHE C 381 -33.56 -24.82 -23.84
C PHE C 381 -34.84 -24.91 -23.04
N LEU C 382 -34.89 -24.28 -21.87
CA LEU C 382 -36.13 -23.98 -21.17
C LEU C 382 -36.05 -22.50 -20.79
N ASP C 383 -36.68 -21.65 -21.60
CA ASP C 383 -36.50 -20.22 -21.47
C ASP C 383 -36.89 -19.74 -20.09
N ALA C 384 -36.06 -18.85 -19.52
CA ALA C 384 -36.39 -18.25 -18.23
C ALA C 384 -37.57 -17.30 -18.35
N LYS C 385 -37.74 -16.67 -19.51
CA LYS C 385 -38.86 -15.77 -19.73
C LYS C 385 -40.14 -16.51 -20.09
N HIS C 386 -40.09 -17.82 -20.25
CA HIS C 386 -41.30 -18.59 -20.54
C HIS C 386 -42.34 -18.36 -19.46
N GLU C 387 -43.59 -18.13 -19.88
CA GLU C 387 -44.65 -17.91 -18.90
C GLU C 387 -44.87 -19.13 -18.02
N GLN C 388 -44.60 -20.33 -18.55
CA GLN C 388 -44.79 -21.53 -17.75
C GLN C 388 -43.84 -21.55 -16.56
N VAL C 389 -42.57 -21.20 -16.77
CA VAL C 389 -41.60 -21.20 -15.68
C VAL C 389 -41.60 -19.87 -14.93
N GLU C 390 -41.89 -18.76 -15.61
CA GLU C 390 -41.96 -17.47 -14.92
C GLU C 390 -43.00 -17.49 -13.83
N ASN C 391 -44.05 -18.30 -13.99
CA ASN C 391 -45.06 -18.49 -12.96
C ASN C 391 -44.81 -19.74 -12.13
N CYS C 392 -43.69 -20.42 -12.34
CA CYS C 392 -43.31 -21.62 -11.58
C CYS C 392 -44.46 -22.60 -11.45
N LEU C 393 -45.09 -22.92 -12.57
CA LEU C 393 -46.12 -23.95 -12.64
C LEU C 393 -45.54 -25.34 -12.87
N LEU C 394 -44.24 -25.45 -13.15
CA LEU C 394 -43.66 -26.74 -13.48
C LEU C 394 -43.74 -27.69 -12.28
N THR C 395 -43.95 -28.97 -12.58
CA THR C 395 -44.01 -30.00 -11.56
C THR C 395 -42.70 -30.76 -11.39
N SER C 396 -41.66 -30.36 -12.10
CA SER C 396 -40.36 -31.01 -12.03
C SER C 396 -39.28 -29.95 -11.88
N PRO C 397 -38.12 -30.32 -11.32
CA PRO C 397 -37.03 -29.34 -11.18
C PRO C 397 -36.52 -28.88 -12.53
N PHE C 398 -36.00 -27.65 -12.56
CA PHE C 398 -35.43 -27.12 -13.79
C PHE C 398 -34.35 -28.05 -14.33
N GLU C 399 -33.48 -28.54 -13.45
CA GLU C 399 -32.40 -29.41 -13.88
C GLU C 399 -32.94 -30.69 -14.52
N ASP C 400 -33.97 -31.27 -13.91
CA ASP C 400 -34.54 -32.50 -14.46
C ASP C 400 -35.12 -32.26 -15.86
N ILE C 401 -35.84 -31.15 -16.03
CA ILE C 401 -36.44 -30.86 -17.33
C ILE C 401 -35.35 -30.63 -18.37
N PHE C 402 -34.31 -29.88 -18.01
CA PHE C 402 -33.22 -29.64 -18.95
C PHE C 402 -32.53 -30.95 -19.31
N LYS C 403 -32.31 -31.83 -18.33
CA LYS C 403 -31.70 -33.12 -18.62
C LYS C 403 -32.58 -33.94 -19.55
N GLN C 404 -33.90 -33.92 -19.33
CA GLN C 404 -34.80 -34.65 -20.20
C GLN C 404 -34.72 -34.13 -21.63
N CYS C 405 -34.72 -32.80 -21.79
CA CYS C 405 -34.64 -32.23 -23.13
C CYS C 405 -33.33 -32.59 -23.81
N LEU C 406 -32.21 -32.47 -23.09
CA LEU C 406 -30.93 -32.82 -23.68
C LEU C 406 -30.87 -34.29 -24.06
N ARG C 407 -31.38 -35.17 -23.20
CA ARG C 407 -31.33 -36.59 -23.52
C ARG C 407 -32.21 -36.91 -24.72
N THR C 408 -33.35 -36.24 -24.83
CA THR C 408 -34.18 -36.43 -26.02
C THR C 408 -33.43 -35.99 -27.27
N ILE C 409 -32.76 -34.85 -27.21
CA ILE C 409 -32.00 -34.39 -28.37
C ILE C 409 -30.92 -35.40 -28.73
N ILE C 410 -30.19 -35.89 -27.73
CA ILE C 410 -29.08 -36.81 -28.00
C ILE C 410 -29.59 -38.12 -28.58
N GLU C 411 -30.65 -38.68 -27.99
CA GLU C 411 -31.14 -39.97 -28.46
C GLU C 411 -31.80 -39.85 -29.83
N GLY C 412 -32.37 -38.69 -30.14
CA GLY C 412 -33.04 -38.53 -31.42
C GLY C 412 -32.09 -38.61 -32.60
N THR C 413 -30.88 -38.06 -32.44
CA THR C 413 -29.93 -37.95 -33.54
C THR C 413 -28.87 -39.04 -33.53
N ARG C 414 -29.11 -40.13 -32.78
CA ARG C 414 -28.14 -41.22 -32.75
C ARG C 414 -27.95 -41.83 -34.14
N SER C 415 -29.05 -42.06 -34.86
CA SER C 415 -28.95 -42.69 -36.18
C SER C 415 -28.28 -41.77 -37.19
N SER C 416 -28.47 -40.46 -37.06
CA SER C 416 -27.91 -39.54 -38.04
C SER C 416 -26.39 -39.60 -38.06
N GLY C 417 -25.77 -39.84 -36.91
CA GLY C 417 -24.33 -39.80 -36.82
C GLY C 417 -23.74 -38.41 -36.91
N SER C 418 -24.55 -37.38 -36.76
CA SER C 418 -24.09 -36.01 -36.90
C SER C 418 -23.46 -35.52 -35.60
N HIS C 419 -22.33 -34.83 -35.72
CA HIS C 419 -21.74 -34.18 -34.57
C HIS C 419 -22.67 -33.10 -34.05
N LEU C 420 -22.67 -32.92 -32.74
CA LEU C 420 -23.64 -32.07 -32.06
C LEU C 420 -22.91 -31.17 -31.08
N VAL C 421 -23.25 -29.89 -31.07
CA VAL C 421 -22.66 -28.94 -30.12
C VAL C 421 -23.77 -28.06 -29.56
N PHE C 422 -23.72 -27.84 -28.24
CA PHE C 422 -24.70 -27.05 -27.53
C PHE C 422 -24.06 -25.79 -27.00
N VAL C 423 -24.62 -24.63 -27.36
CA VAL C 423 -24.11 -23.33 -26.95
C VAL C 423 -25.09 -22.75 -25.92
N PRO C 424 -24.67 -22.51 -24.69
CA PRO C 424 -25.61 -21.98 -23.69
C PRO C 424 -26.02 -20.55 -23.99
N SER C 425 -27.14 -20.15 -23.40
CA SER C 425 -27.68 -18.80 -23.53
C SER C 425 -28.04 -18.25 -22.17
N LEU C 426 -27.99 -16.92 -22.07
CA LEU C 426 -28.26 -16.27 -20.79
C LEU C 426 -29.66 -16.57 -20.28
N ARG C 427 -30.58 -16.92 -21.17
CA ARG C 427 -31.95 -17.21 -20.78
C ARG C 427 -32.13 -18.60 -20.18
N ASP C 428 -31.11 -19.45 -20.24
CA ASP C 428 -31.19 -20.77 -19.61
C ASP C 428 -31.42 -20.59 -18.12
N VAL C 429 -32.53 -21.13 -17.62
CA VAL C 429 -32.93 -20.87 -16.24
C VAL C 429 -31.99 -21.60 -15.27
N HIS C 430 -31.64 -22.84 -15.57
CA HIS C 430 -30.87 -23.65 -14.62
C HIS C 430 -29.42 -23.20 -14.56
N HIS C 431 -28.82 -22.90 -15.71
CA HIS C 431 -27.40 -22.62 -15.77
C HIS C 431 -27.08 -21.29 -15.08
N GLU C 432 -25.78 -21.01 -14.96
CA GLU C 432 -25.35 -19.78 -14.32
C GLU C 432 -25.77 -18.58 -15.16
N PRO C 433 -26.39 -17.55 -14.57
CA PRO C 433 -26.83 -16.38 -15.34
C PRO C 433 -25.78 -15.28 -15.46
N VAL C 434 -24.59 -15.64 -15.93
CA VAL C 434 -23.49 -14.70 -16.04
C VAL C 434 -22.81 -14.88 -17.39
N TYR C 435 -22.26 -13.79 -17.91
CA TYR C 435 -21.59 -13.78 -19.20
C TYR C 435 -20.11 -13.48 -19.00
N PRO C 436 -19.19 -14.29 -19.56
CA PRO C 436 -19.38 -15.47 -20.42
C PRO C 436 -19.90 -16.67 -19.64
N GLN C 437 -20.55 -17.61 -20.33
CA GLN C 437 -21.12 -18.77 -19.67
C GLN C 437 -20.23 -19.98 -19.91
N PRO C 438 -19.95 -20.80 -18.89
CA PRO C 438 -19.20 -22.03 -19.11
C PRO C 438 -20.05 -23.06 -19.83
N PRO C 439 -19.45 -24.15 -20.31
CA PRO C 439 -20.24 -25.17 -21.00
C PRO C 439 -21.23 -25.84 -20.07
N PHE C 440 -22.31 -26.35 -20.66
CA PHE C 440 -23.30 -27.08 -19.90
C PHE C 440 -22.65 -28.27 -19.19
N SER C 441 -23.39 -28.85 -18.26
CA SER C 441 -22.96 -30.00 -17.49
C SER C 441 -23.89 -31.18 -17.78
N TYR C 442 -23.29 -32.32 -18.11
CA TYR C 442 -24.07 -33.53 -18.36
C TYR C 442 -23.22 -34.74 -18.00
N SER C 443 -23.86 -35.75 -17.43
CA SER C 443 -23.17 -36.92 -16.91
C SER C 443 -23.46 -38.18 -17.71
N ASP C 444 -24.73 -38.43 -18.03
CA ASP C 444 -25.13 -39.68 -18.69
C ASP C 444 -24.70 -39.62 -20.15
N LEU C 445 -23.44 -39.97 -20.39
CA LEU C 445 -22.89 -40.03 -21.73
C LEU C 445 -22.17 -41.36 -21.93
N SER C 446 -22.50 -42.05 -23.03
CA SER C 446 -21.77 -43.25 -23.40
C SER C 446 -20.50 -42.86 -24.13
N ARG C 447 -19.75 -43.87 -24.58
CA ARG C 447 -18.53 -43.60 -25.33
C ARG C 447 -18.86 -42.96 -26.67
N GLU C 448 -19.78 -43.57 -27.43
CA GLU C 448 -20.18 -43.00 -28.71
C GLU C 448 -20.84 -41.64 -28.52
N ASP C 449 -21.71 -41.50 -27.53
CA ASP C 449 -22.34 -40.22 -27.28
C ASP C 449 -21.32 -39.16 -26.90
N LYS C 450 -20.37 -39.53 -26.03
CA LYS C 450 -19.31 -38.58 -25.67
C LYS C 450 -18.51 -38.16 -26.89
N LYS C 451 -18.27 -39.11 -27.81
CA LYS C 451 -17.53 -38.78 -29.02
C LYS C 451 -18.35 -37.89 -29.97
N GLN C 452 -19.67 -38.01 -29.96
CA GLN C 452 -20.51 -37.30 -30.91
C GLN C 452 -21.04 -35.97 -30.39
N VAL C 453 -21.02 -35.74 -29.09
CA VAL C 453 -21.61 -34.53 -28.49
C VAL C 453 -20.52 -33.75 -27.78
N GLN C 454 -20.49 -32.44 -28.01
CA GLN C 454 -19.57 -31.53 -27.35
C GLN C 454 -20.35 -30.40 -26.72
N PHE C 455 -19.95 -30.00 -25.51
CA PHE C 455 -20.52 -28.86 -24.83
C PHE C 455 -19.48 -27.75 -24.82
N VAL C 456 -19.84 -26.59 -25.36
CA VAL C 456 -18.91 -25.48 -25.49
C VAL C 456 -19.44 -24.28 -24.71
N SER C 457 -18.52 -23.39 -24.35
CA SER C 457 -18.88 -22.19 -23.61
C SER C 457 -19.60 -21.21 -24.53
N GLU C 458 -19.95 -20.06 -23.98
CA GLU C 458 -20.58 -19.00 -24.76
C GLU C 458 -20.13 -17.65 -24.22
N PRO C 459 -19.54 -16.78 -25.04
CA PRO C 459 -19.28 -16.93 -26.47
C PRO C 459 -18.17 -17.92 -26.75
N CYS C 460 -18.26 -18.65 -27.85
CA CYS C 460 -17.25 -19.64 -28.21
C CYS C 460 -16.77 -19.38 -29.62
N SER C 461 -15.50 -19.71 -29.86
CA SER C 461 -14.88 -19.57 -31.18
C SER C 461 -14.29 -20.94 -31.52
N LEU C 462 -15.11 -21.81 -32.08
CA LEU C 462 -14.68 -23.14 -32.47
C LEU C 462 -14.43 -23.20 -33.97
N SER C 463 -13.60 -24.16 -34.37
CA SER C 463 -13.25 -24.37 -35.77
C SER C 463 -13.77 -25.72 -36.20
N ILE C 464 -14.53 -25.72 -37.29
CA ILE C 464 -15.02 -26.94 -37.93
C ILE C 464 -14.24 -27.12 -39.23
N ASN C 465 -13.47 -28.20 -39.32
CA ASN C 465 -12.68 -28.48 -40.52
C ASN C 465 -11.83 -27.26 -40.91
N GLY C 466 -11.24 -26.62 -39.91
CA GLY C 466 -10.35 -25.50 -40.18
C GLY C 466 -11.04 -24.22 -40.57
N VAL C 467 -12.31 -24.05 -40.23
CA VAL C 467 -13.05 -22.82 -40.50
C VAL C 467 -13.44 -22.21 -39.16
N ILE C 468 -13.03 -20.97 -38.93
CA ILE C 468 -13.30 -20.32 -37.65
C ILE C 468 -14.76 -19.92 -37.59
N PHE C 469 -15.48 -20.43 -36.60
CA PHE C 469 -16.87 -20.10 -36.35
C PHE C 469 -16.95 -19.12 -35.18
N GLY C 470 -17.70 -18.04 -35.34
CA GLY C 470 -17.97 -17.14 -34.24
C GLY C 470 -19.35 -17.37 -33.67
N LEU C 471 -19.44 -18.06 -32.53
CA LEU C 471 -20.71 -18.41 -31.91
C LEU C 471 -20.99 -17.49 -30.74
N THR C 472 -22.16 -16.86 -30.75
CA THR C 472 -22.63 -16.05 -29.64
C THR C 472 -24.14 -16.14 -29.59
N SER C 473 -24.67 -16.58 -28.45
CA SER C 473 -26.10 -16.81 -28.33
C SER C 473 -26.86 -15.57 -27.90
N THR C 474 -26.21 -14.64 -27.21
CA THR C 474 -26.88 -13.42 -26.77
C THR C 474 -27.24 -12.56 -27.97
N ASP C 475 -28.40 -11.89 -27.88
CA ASP C 475 -28.91 -11.08 -28.99
C ASP C 475 -28.13 -9.77 -29.04
N LEU C 476 -26.88 -9.89 -29.50
CA LEU C 476 -26.01 -8.73 -29.58
C LEU C 476 -26.55 -7.71 -30.58
N LEU C 477 -27.07 -8.19 -31.71
CA LEU C 477 -27.56 -7.28 -32.74
C LEU C 477 -28.64 -6.37 -32.19
N PHE C 478 -29.60 -6.94 -31.46
CA PHE C 478 -30.69 -6.14 -30.91
C PHE C 478 -30.17 -5.11 -29.92
N HIS C 479 -29.29 -5.53 -29.02
CA HIS C 479 -28.77 -4.61 -28.01
C HIS C 479 -28.02 -3.45 -28.67
N LEU C 480 -27.17 -3.77 -29.66
CA LEU C 480 -26.41 -2.72 -30.34
C LEU C 480 -27.35 -1.79 -31.11
N GLY C 481 -28.30 -2.35 -31.85
CA GLY C 481 -29.22 -1.51 -32.60
C GLY C 481 -30.05 -0.62 -31.71
N ALA C 482 -30.34 -1.06 -30.50
CA ALA C 482 -31.10 -0.23 -29.57
C ALA C 482 -30.38 1.08 -29.27
N GLU C 483 -29.05 1.02 -29.11
CA GLU C 483 -28.27 2.17 -28.67
C GLU C 483 -27.15 2.51 -29.66
N GLU C 484 -27.46 2.55 -30.94
CA GLU C 484 -26.50 2.93 -31.97
C GLU C 484 -27.02 4.13 -32.74
N ILE C 485 -26.17 5.13 -32.93
CA ILE C 485 -26.52 6.33 -33.68
C ILE C 485 -25.64 6.41 -34.91
N SER C 486 -26.16 7.03 -35.96
CA SER C 486 -25.45 7.13 -37.22
C SER C 486 -25.95 8.34 -37.99
N SER C 487 -25.13 8.79 -38.94
CA SER C 487 -25.48 9.96 -39.73
C SER C 487 -26.69 9.68 -40.63
N SER C 488 -26.71 8.52 -41.28
CA SER C 488 -27.76 8.17 -42.23
C SER C 488 -28.37 6.83 -41.84
N SER C 489 -29.68 6.72 -41.99
CA SER C 489 -30.42 5.50 -41.66
C SER C 489 -30.75 4.67 -42.89
N GLY C 490 -31.43 5.27 -43.87
CA GLY C 490 -31.84 4.53 -45.05
C GLY C 490 -30.78 4.39 -46.12
N THR C 491 -29.74 5.24 -46.08
CA THR C 491 -28.68 5.16 -47.09
C THR C 491 -27.97 3.81 -47.02
N SER C 492 -27.68 3.33 -45.82
CA SER C 492 -27.02 2.06 -45.60
C SER C 492 -27.91 1.17 -44.73
N ASP C 493 -27.57 -0.11 -44.70
CA ASP C 493 -28.30 -1.07 -43.88
C ASP C 493 -27.81 -1.02 -42.44
N ARG C 494 -28.74 -1.01 -41.50
CA ARG C 494 -28.37 -1.01 -40.09
C ARG C 494 -27.56 -2.25 -39.74
N PHE C 495 -28.03 -3.42 -40.20
CA PHE C 495 -27.34 -4.67 -39.86
C PHE C 495 -25.91 -4.64 -40.36
N SER C 496 -25.67 -4.09 -41.54
CA SER C 496 -24.32 -4.06 -42.08
C SER C 496 -23.37 -3.32 -41.14
N ARG C 497 -23.77 -2.13 -40.68
CA ARG C 497 -22.86 -1.35 -39.84
C ARG C 497 -22.77 -1.92 -38.43
N ILE C 498 -23.84 -2.51 -37.91
CA ILE C 498 -23.74 -3.15 -36.59
C ILE C 498 -22.76 -4.32 -36.66
N LEU C 499 -22.87 -5.14 -37.71
CA LEU C 499 -21.91 -6.24 -37.87
C LEU C 499 -20.50 -5.71 -38.06
N LYS C 500 -20.38 -4.59 -38.77
CA LYS C 500 -19.07 -3.95 -38.92
C LYS C 500 -18.48 -3.61 -37.56
N HIS C 501 -19.30 -3.04 -36.68
CA HIS C 501 -18.83 -2.71 -35.34
C HIS C 501 -18.44 -3.96 -34.57
N ILE C 502 -19.24 -5.02 -34.66
CA ILE C 502 -18.93 -6.25 -33.94
C ILE C 502 -17.58 -6.80 -34.40
N LEU C 503 -17.36 -6.83 -35.71
CA LEU C 503 -16.11 -7.37 -36.23
C LEU C 503 -14.93 -6.46 -35.87
N THR C 504 -15.16 -5.14 -35.85
CA THR C 504 -14.07 -4.21 -35.64
C THR C 504 -13.61 -4.18 -34.19
N GLN C 505 -14.54 -4.19 -33.24
CA GLN C 505 -14.19 -3.97 -31.84
C GLN C 505 -13.42 -5.12 -31.21
N ARG C 506 -13.32 -6.26 -31.90
CA ARG C 506 -12.50 -7.40 -31.48
C ARG C 506 -13.04 -8.12 -30.24
N SER C 507 -14.31 -7.94 -29.90
CA SER C 507 -14.88 -8.61 -28.75
C SER C 507 -16.26 -9.15 -29.11
N TYR C 508 -16.70 -10.14 -28.34
CA TYR C 508 -18.00 -10.75 -28.55
C TYR C 508 -19.14 -9.99 -27.88
N TYR C 509 -18.84 -8.86 -27.25
CA TYR C 509 -19.88 -7.97 -26.74
C TYR C 509 -19.29 -6.59 -26.51
N PRO C 510 -19.15 -5.78 -27.56
CA PRO C 510 -18.45 -4.50 -27.41
C PRO C 510 -19.24 -3.43 -26.68
N LEU C 511 -20.56 -3.57 -26.56
CA LEU C 511 -21.37 -2.53 -25.94
C LEU C 511 -21.04 -2.42 -24.46
N TYR C 512 -20.92 -1.18 -23.98
CA TYR C 512 -20.68 -0.93 -22.57
C TYR C 512 -21.31 0.42 -22.19
N PRO C 513 -22.10 0.48 -21.12
CA PRO C 513 -22.52 -0.62 -20.24
C PRO C 513 -23.57 -1.49 -20.92
N PRO C 514 -23.57 -2.79 -20.65
CA PRO C 514 -24.49 -3.68 -21.38
C PRO C 514 -25.94 -3.39 -21.08
N GLN C 515 -26.85 -4.09 -21.76
CA GLN C 515 -28.27 -3.91 -21.48
C GLN C 515 -28.59 -4.41 -20.07
N GLU C 516 -29.71 -3.92 -19.54
CA GLU C 516 -30.05 -4.21 -18.15
C GLU C 516 -30.22 -5.71 -17.92
N ASP C 517 -30.88 -6.41 -18.84
CA ASP C 517 -31.12 -7.84 -18.71
C ASP C 517 -29.90 -8.63 -19.18
N MET C 518 -28.75 -8.33 -18.57
CA MET C 518 -27.51 -8.99 -18.92
C MET C 518 -26.50 -8.78 -17.82
N ALA C 519 -25.82 -9.85 -17.42
CA ALA C 519 -24.78 -9.81 -16.39
C ALA C 519 -23.46 -10.22 -17.02
N ILE C 520 -22.47 -9.34 -16.94
CA ILE C 520 -21.15 -9.58 -17.51
C ILE C 520 -20.12 -9.52 -16.39
N ASP C 521 -19.33 -10.58 -16.26
CA ASP C 521 -18.21 -10.62 -15.32
C ASP C 521 -16.97 -10.21 -16.08
N TYR C 522 -16.43 -9.03 -15.75
CA TYR C 522 -15.50 -8.36 -16.65
C TYR C 522 -14.12 -8.98 -16.68
N GLU C 523 -13.66 -9.59 -15.58
CA GLU C 523 -12.39 -10.30 -15.63
C GLU C 523 -12.50 -11.53 -16.52
N SER C 524 -13.51 -12.36 -16.29
CA SER C 524 -13.71 -13.52 -17.15
C SER C 524 -14.06 -13.11 -18.56
N PHE C 525 -14.81 -12.03 -18.72
CA PHE C 525 -15.11 -11.54 -20.07
C PHE C 525 -13.84 -11.11 -20.78
N TYR C 526 -12.96 -10.41 -20.09
CA TYR C 526 -11.72 -9.95 -20.69
C TYR C 526 -10.83 -11.13 -21.08
N VAL C 527 -10.79 -12.16 -20.24
CA VAL C 527 -9.88 -13.29 -20.49
C VAL C 527 -10.52 -14.40 -21.33
N TYR C 528 -11.81 -14.30 -21.65
CA TYR C 528 -12.49 -15.39 -22.36
C TYR C 528 -13.40 -14.93 -23.49
N ALA C 529 -13.72 -13.66 -23.64
CA ALA C 529 -14.69 -13.19 -24.61
C ALA C 529 -14.09 -12.16 -25.56
N GLN C 530 -12.87 -12.41 -26.02
CA GLN C 530 -12.23 -11.58 -27.03
C GLN C 530 -12.14 -12.35 -28.35
N LEU C 531 -12.28 -11.63 -29.45
CA LEU C 531 -12.18 -12.25 -30.77
C LEU C 531 -10.73 -12.65 -31.03
N PRO C 532 -10.44 -13.93 -31.30
CA PRO C 532 -9.06 -14.28 -31.67
C PRO C 532 -8.70 -13.81 -33.06
N VAL C 533 -9.61 -13.97 -34.03
CA VAL C 533 -9.38 -13.57 -35.41
C VAL C 533 -10.74 -13.34 -36.04
N THR C 534 -10.77 -12.49 -37.07
CA THR C 534 -12.03 -12.23 -37.76
C THR C 534 -12.63 -13.56 -38.23
N PRO C 535 -13.70 -14.04 -37.62
CA PRO C 535 -14.17 -15.39 -37.93
C PRO C 535 -14.60 -15.52 -39.38
N ASP C 536 -14.42 -16.73 -39.91
CA ASP C 536 -14.89 -17.02 -41.27
C ASP C 536 -16.40 -16.89 -41.36
N VAL C 537 -17.11 -17.40 -40.36
CA VAL C 537 -18.56 -17.30 -40.29
C VAL C 537 -18.96 -16.88 -38.88
N LEU C 538 -19.91 -15.95 -38.80
CA LEU C 538 -20.41 -15.43 -37.53
C LEU C 538 -21.86 -15.84 -37.36
N ILE C 539 -22.17 -16.49 -36.23
CA ILE C 539 -23.52 -16.95 -35.92
C ILE C 539 -24.04 -16.06 -34.80
N ILE C 540 -25.05 -15.26 -35.10
CA ILE C 540 -25.65 -14.37 -34.10
C ILE C 540 -27.17 -14.50 -34.16
N PRO C 541 -27.77 -15.54 -33.59
CA PRO C 541 -29.23 -15.61 -33.54
C PRO C 541 -29.80 -14.43 -32.75
N SER C 542 -30.63 -13.63 -33.41
CA SER C 542 -31.13 -12.40 -32.84
C SER C 542 -32.63 -12.29 -33.08
N GLU C 543 -33.30 -11.54 -32.20
CA GLU C 543 -34.73 -11.31 -32.37
C GLU C 543 -35.05 -10.60 -33.68
N LEU C 544 -34.11 -9.84 -34.22
CA LEU C 544 -34.33 -9.19 -35.49
C LEU C 544 -34.56 -10.24 -36.59
N ARG C 545 -34.98 -9.76 -37.75
CA ARG C 545 -35.32 -10.66 -38.84
C ARG C 545 -34.08 -11.43 -39.30
N TYR C 546 -34.32 -12.65 -39.76
CA TYR C 546 -33.23 -13.49 -40.26
C TYR C 546 -32.53 -12.82 -41.43
N PHE C 547 -31.23 -13.07 -41.55
CA PHE C 547 -30.50 -12.51 -42.69
C PHE C 547 -29.18 -13.25 -42.85
N VAL C 548 -28.56 -13.05 -44.01
CA VAL C 548 -27.23 -13.60 -44.28
C VAL C 548 -26.42 -12.57 -45.04
N LYS C 549 -25.52 -11.88 -44.34
CA LYS C 549 -24.72 -10.82 -44.93
C LYS C 549 -23.28 -11.28 -45.07
N ASP C 550 -22.53 -10.58 -45.93
CA ASP C 550 -21.10 -10.80 -46.10
C ASP C 550 -20.42 -9.46 -45.92
N VAL C 551 -19.83 -9.24 -44.74
CA VAL C 551 -19.23 -7.96 -44.37
C VAL C 551 -17.78 -8.20 -44.03
N LEU C 552 -16.90 -7.36 -44.58
CA LEU C 552 -15.45 -7.48 -44.33
C LEU C 552 -14.99 -8.91 -44.55
N GLY C 553 -15.52 -9.56 -45.58
CA GLY C 553 -15.18 -10.95 -45.86
C GLY C 553 -15.94 -11.95 -45.02
N CYS C 554 -16.11 -11.67 -43.73
CA CYS C 554 -16.80 -12.61 -42.85
C CYS C 554 -18.28 -12.69 -43.23
N VAL C 555 -18.80 -13.92 -43.31
CA VAL C 555 -20.21 -14.14 -43.60
C VAL C 555 -20.93 -14.27 -42.26
N CYS C 556 -21.79 -13.30 -41.97
CA CYS C 556 -22.55 -13.28 -40.73
C CYS C 556 -23.97 -13.72 -41.01
N VAL C 557 -24.43 -14.75 -40.28
CA VAL C 557 -25.75 -15.32 -40.48
C VAL C 557 -26.56 -15.13 -39.20
N ASN C 558 -27.76 -14.57 -39.35
CA ASN C 558 -28.76 -14.50 -38.28
C ASN C 558 -29.88 -15.46 -38.67
N PRO C 559 -29.83 -16.72 -38.23
CA PRO C 559 -30.90 -17.65 -38.60
C PRO C 559 -32.25 -17.25 -38.07
N GLY C 560 -32.31 -16.58 -36.94
CA GLY C 560 -33.56 -16.24 -36.31
C GLY C 560 -34.00 -17.30 -35.31
N ARG C 561 -34.85 -16.87 -34.37
CA ARG C 561 -35.34 -17.77 -33.34
C ARG C 561 -36.13 -18.91 -33.96
N LEU C 562 -35.95 -20.11 -33.40
CA LEU C 562 -36.65 -21.27 -33.94
C LEU C 562 -38.15 -21.22 -33.68
N THR C 563 -38.60 -20.34 -32.79
CA THR C 563 -40.03 -20.25 -32.48
C THR C 563 -40.32 -18.84 -31.98
N LYS C 564 -41.23 -18.16 -32.65
CA LYS C 564 -41.66 -16.81 -32.28
C LYS C 564 -43.06 -16.91 -31.69
N GLY C 565 -43.18 -16.65 -30.39
CA GLY C 565 -44.47 -16.77 -29.73
C GLY C 565 -45.05 -18.15 -29.90
N GLN C 566 -46.09 -18.26 -30.72
CA GLN C 566 -46.64 -19.55 -31.11
C GLN C 566 -46.44 -19.84 -32.59
N VAL C 567 -45.82 -18.93 -33.34
CA VAL C 567 -45.64 -19.08 -34.78
C VAL C 567 -44.33 -19.81 -35.05
N GLY C 568 -44.19 -20.36 -36.26
CA GLY C 568 -42.98 -21.07 -36.61
C GLY C 568 -41.79 -20.15 -36.79
N GLY C 569 -40.60 -20.74 -36.65
CA GLY C 569 -39.36 -20.01 -36.81
C GLY C 569 -38.54 -20.52 -37.98
N THR C 570 -37.24 -20.24 -37.97
CA THR C 570 -36.36 -20.63 -39.06
C THR C 570 -35.03 -21.11 -38.50
N PHE C 571 -34.35 -21.95 -39.28
CA PHE C 571 -33.01 -22.42 -38.96
C PHE C 571 -32.16 -22.33 -40.22
N ALA C 572 -30.85 -22.27 -40.04
CA ALA C 572 -29.94 -22.02 -41.16
C ALA C 572 -29.09 -23.24 -41.45
N ARG C 573 -29.16 -23.71 -42.69
CA ARG C 573 -28.22 -24.69 -43.22
C ARG C 573 -27.16 -23.94 -44.01
N LEU C 574 -25.96 -24.51 -44.08
CA LEU C 574 -24.92 -23.86 -44.88
C LEU C 574 -23.83 -24.86 -45.24
N TYR C 575 -23.52 -24.96 -46.54
CA TYR C 575 -22.39 -25.75 -46.97
C TYR C 575 -21.10 -25.00 -46.66
N LEU C 576 -20.00 -25.77 -46.57
CA LEU C 576 -18.73 -25.22 -46.15
C LEU C 576 -17.62 -26.04 -46.80
N ARG C 577 -16.81 -25.39 -47.62
CA ARG C 577 -15.75 -26.09 -48.36
C ARG C 577 -14.60 -25.13 -48.56
N ARG C 578 -13.46 -25.42 -47.95
CA ARG C 578 -12.28 -24.58 -48.12
C ARG C 578 -11.84 -24.65 -49.58
N PRO C 579 -11.79 -23.54 -50.31
CA PRO C 579 -11.46 -23.60 -51.74
C PRO C 579 -9.97 -23.74 -52.00
N ALA C 580 -9.57 -23.60 -53.27
CA ALA C 580 -8.17 -23.72 -53.66
C ALA C 580 -7.26 -22.91 -52.74
N ALA C 581 -6.07 -23.43 -52.46
CA ALA C 581 -5.17 -22.77 -51.52
C ALA C 581 -4.78 -21.38 -51.99
N ASP C 582 -4.67 -21.17 -53.30
CA ASP C 582 -4.23 -19.90 -53.84
C ASP C 582 -5.22 -19.36 -54.86
N GLY C 583 -4.88 -18.23 -55.49
CA GLY C 583 -5.76 -17.60 -56.44
C GLY C 583 -6.25 -16.25 -55.95
N ALA C 584 -7.56 -16.12 -55.74
CA ALA C 584 -8.11 -14.88 -55.23
C ALA C 584 -7.59 -14.62 -53.82
N GLU C 585 -7.37 -13.35 -53.50
CA GLU C 585 -6.80 -13.00 -52.20
C GLU C 585 -7.71 -13.43 -51.06
N ARG C 586 -9.01 -13.17 -51.19
CA ARG C 586 -10.00 -13.56 -50.20
C ARG C 586 -10.89 -14.64 -50.82
N GLN C 587 -10.99 -15.78 -50.14
CA GLN C 587 -11.78 -16.92 -50.62
C GLN C 587 -12.53 -17.49 -49.42
N SER C 588 -13.76 -17.02 -49.23
CA SER C 588 -14.53 -17.43 -48.06
C SER C 588 -14.79 -18.92 -48.11
N PRO C 589 -14.46 -19.68 -47.07
CA PRO C 589 -14.78 -21.12 -47.10
C PRO C 589 -16.27 -21.40 -47.23
N CYS C 590 -17.12 -20.49 -46.76
CA CYS C 590 -18.55 -20.68 -46.92
C CYS C 590 -18.92 -20.63 -48.40
N ILE C 591 -19.81 -21.52 -48.81
CA ILE C 591 -20.21 -21.66 -50.21
C ILE C 591 -21.66 -21.24 -50.40
N ALA C 592 -22.60 -21.92 -49.75
CA ALA C 592 -24.01 -21.59 -49.87
C ALA C 592 -24.63 -21.59 -48.48
N VAL C 593 -25.61 -20.71 -48.30
CA VAL C 593 -26.34 -20.58 -47.03
C VAL C 593 -27.82 -20.52 -47.35
N GLN C 594 -28.62 -21.25 -46.59
CA GLN C 594 -30.07 -21.29 -46.76
C GLN C 594 -30.71 -21.14 -45.38
N VAL C 595 -31.36 -20.00 -45.15
CA VAL C 595 -32.23 -19.86 -43.99
C VAL C 595 -33.61 -20.37 -44.40
N VAL C 596 -34.10 -21.39 -43.70
CA VAL C 596 -35.29 -22.12 -44.10
C VAL C 596 -36.25 -22.19 -42.93
N ARG C 597 -37.54 -22.08 -43.21
CA ARG C 597 -38.56 -22.15 -42.18
C ARG C 597 -38.71 -23.57 -41.66
N ILE C 598 -38.94 -23.70 -40.36
CA ILE C 598 -39.16 -24.99 -39.74
C ILE C 598 -40.63 -25.37 -39.88
N TYR D 22 -0.05 -32.22 10.17
CA TYR D 22 -0.07 -31.92 11.60
C TYR D 22 0.35 -33.14 12.41
N PRO D 23 1.64 -33.49 12.35
CA PRO D 23 2.11 -34.66 13.08
C PRO D 23 1.96 -34.56 14.58
N HIS D 24 2.04 -33.37 15.16
CA HIS D 24 2.10 -33.24 16.61
C HIS D 24 1.20 -32.09 17.07
N CYS D 25 0.85 -32.11 18.35
CA CYS D 25 -0.05 -31.10 18.90
C CYS D 25 0.67 -29.78 19.15
N LEU D 26 1.94 -29.84 19.56
CA LEU D 26 2.65 -28.62 19.93
C LEU D 26 3.00 -27.79 18.71
N GLN D 27 3.87 -28.31 17.85
CA GLN D 27 4.16 -27.70 16.55
C GLN D 27 4.85 -26.35 16.69
N PHE D 28 5.74 -26.04 15.75
CA PHE D 28 6.22 -24.69 15.52
C PHE D 28 5.54 -24.15 14.28
N TYR D 29 5.01 -22.93 14.38
CA TYR D 29 4.26 -22.33 13.28
C TYR D 29 5.25 -21.65 12.34
N LEU D 30 5.71 -22.38 11.33
CA LEU D 30 6.59 -21.80 10.33
C LEU D 30 6.26 -22.28 8.92
N GLN D 31 5.08 -22.84 8.68
CA GLN D 31 4.66 -23.29 7.35
C GLN D 31 3.22 -22.84 7.12
N PRO D 32 3.03 -21.69 6.48
CA PRO D 32 1.66 -21.17 6.30
C PRO D 32 0.80 -22.16 5.55
N PRO D 33 -0.48 -22.28 5.92
CA PRO D 33 -1.36 -23.19 5.20
C PRO D 33 -1.75 -22.62 3.84
N SER D 34 -2.17 -23.52 2.95
CA SER D 34 -2.56 -23.15 1.60
C SER D 34 -3.86 -23.86 1.20
N GLU D 35 -4.81 -23.90 2.12
CA GLU D 35 -6.11 -24.49 1.85
C GLU D 35 -7.10 -23.40 1.46
N ASN D 36 -8.37 -23.76 1.34
CA ASN D 36 -9.46 -22.81 1.12
C ASN D 36 -10.52 -23.03 2.18
N ILE D 37 -10.96 -21.94 2.81
CA ILE D 37 -11.95 -22.01 3.87
C ILE D 37 -13.02 -20.96 3.62
N SER D 38 -14.22 -21.23 4.13
CA SER D 38 -15.32 -20.29 3.98
C SER D 38 -15.06 -19.04 4.81
N LEU D 39 -15.70 -17.94 4.42
CA LEU D 39 -15.53 -16.69 5.15
C LEU D 39 -16.02 -16.83 6.57
N ILE D 40 -17.14 -17.53 6.78
CA ILE D 40 -17.65 -17.73 8.13
C ILE D 40 -16.63 -18.48 8.98
N GLU D 41 -16.01 -19.51 8.40
CA GLU D 41 -14.97 -20.24 9.13
C GLU D 41 -13.79 -19.34 9.45
N PHE D 42 -13.39 -18.50 8.49
CA PHE D 42 -12.32 -17.54 8.73
C PHE D 42 -12.62 -16.67 9.94
N GLU D 43 -13.80 -16.05 9.95
CA GLU D 43 -14.17 -15.16 11.05
C GLU D 43 -14.23 -15.92 12.37
N ASN D 44 -14.83 -17.11 12.36
CA ASN D 44 -14.96 -17.87 13.58
C ASN D 44 -13.60 -18.24 14.15
N LEU D 45 -12.67 -18.68 13.30
CA LEU D 45 -11.34 -19.02 13.77
C LEU D 45 -10.64 -17.81 14.35
N ALA D 46 -10.71 -16.67 13.64
CA ALA D 46 -10.04 -15.47 14.14
C ALA D 46 -10.60 -15.08 15.51
N ILE D 47 -11.92 -15.05 15.64
CA ILE D 47 -12.53 -14.62 16.90
C ILE D 47 -12.18 -15.60 18.01
N ASP D 48 -12.24 -16.91 17.73
CA ASP D 48 -11.95 -17.90 18.75
C ASP D 48 -10.52 -17.76 19.25
N ARG D 49 -9.56 -17.56 18.34
CA ARG D 49 -8.18 -17.45 18.78
C ARG D 49 -7.92 -16.16 19.54
N VAL D 50 -8.57 -15.06 19.12
CA VAL D 50 -8.43 -13.82 19.89
C VAL D 50 -8.97 -14.02 21.30
N LYS D 51 -10.12 -14.69 21.42
CA LYS D 51 -10.67 -14.96 22.74
C LYS D 51 -9.71 -15.81 23.57
N LEU D 52 -9.12 -16.84 22.95
CA LEU D 52 -8.18 -17.68 23.68
C LEU D 52 -6.99 -16.87 24.17
N LEU D 53 -6.43 -16.02 23.32
CA LEU D 53 -5.25 -15.25 23.71
C LEU D 53 -5.58 -14.27 24.82
N LYS D 54 -6.73 -13.58 24.72
CA LYS D 54 -7.10 -12.65 25.76
C LYS D 54 -7.34 -13.37 27.08
N SER D 55 -7.96 -14.55 27.02
CA SER D 55 -8.15 -15.34 28.23
C SER D 55 -6.81 -15.75 28.83
N VAL D 56 -5.87 -16.16 27.98
CA VAL D 56 -4.53 -16.52 28.47
C VAL D 56 -3.90 -15.34 29.20
N GLU D 57 -3.97 -14.16 28.59
CA GLU D 57 -3.38 -12.98 29.21
C GLU D 57 -4.01 -12.69 30.56
N ASN D 58 -5.34 -12.63 30.61
CA ASN D 58 -6.01 -12.28 31.86
C ASN D 58 -5.76 -13.32 32.92
N LEU D 59 -5.76 -14.61 32.54
CA LEU D 59 -5.55 -15.68 33.50
C LEU D 59 -4.14 -15.66 34.04
N GLY D 60 -3.15 -15.35 33.19
CA GLY D 60 -1.79 -15.21 33.69
C GLY D 60 -1.63 -14.00 34.60
N VAL D 61 -2.32 -12.91 34.29
CA VAL D 61 -2.22 -11.72 35.13
C VAL D 61 -2.83 -11.97 36.50
N SER D 62 -4.02 -12.55 36.54
CA SER D 62 -4.73 -12.72 37.81
C SER D 62 -4.05 -13.75 38.69
N TYR D 63 -3.72 -14.91 38.13
CA TYR D 63 -3.13 -16.02 38.86
C TYR D 63 -1.63 -16.08 38.61
N VAL D 64 -1.00 -17.11 39.15
CA VAL D 64 0.42 -17.37 38.91
C VAL D 64 0.54 -18.43 37.83
N LYS D 65 1.60 -18.34 37.04
CA LYS D 65 1.71 -19.11 35.81
C LYS D 65 1.88 -20.61 36.05
N GLY D 66 2.13 -21.03 37.29
CA GLY D 66 2.41 -22.43 37.54
C GLY D 66 1.39 -23.14 38.39
N THR D 67 0.54 -22.39 39.10
CA THR D 67 -0.41 -22.99 40.02
C THR D 67 -1.37 -23.91 39.26
N GLU D 68 -1.75 -25.02 39.92
CA GLU D 68 -2.67 -25.96 39.30
C GLU D 68 -3.98 -25.30 38.91
N GLN D 69 -4.39 -24.26 39.64
CA GLN D 69 -5.61 -23.54 39.28
C GLN D 69 -5.50 -22.94 37.88
N TYR D 70 -4.35 -22.31 37.60
CA TYR D 70 -4.15 -21.69 36.30
C TYR D 70 -4.19 -22.74 35.19
N GLN D 71 -3.52 -23.87 35.39
CA GLN D 71 -3.50 -24.91 34.38
C GLN D 71 -4.89 -25.47 34.15
N SER D 72 -5.64 -25.72 35.23
CA SER D 72 -6.99 -26.26 35.08
C SER D 72 -7.91 -25.27 34.36
N LYS D 73 -7.83 -23.99 34.72
CA LYS D 73 -8.70 -23.00 34.08
C LYS D 73 -8.37 -22.87 32.60
N LEU D 74 -7.07 -22.88 32.25
CA LEU D 74 -6.71 -22.82 30.84
C LEU D 74 -7.08 -24.09 30.10
N GLU D 75 -7.01 -25.25 30.76
CA GLU D 75 -7.53 -26.47 30.17
C GLU D 75 -9.00 -26.31 29.82
N SER D 76 -9.80 -25.79 30.75
CA SER D 76 -11.22 -25.62 30.50
C SER D 76 -11.45 -24.65 29.34
N GLU D 77 -10.68 -23.56 29.30
CA GLU D 77 -10.83 -22.62 28.20
C GLU D 77 -10.52 -23.27 26.86
N LEU D 78 -9.44 -24.04 26.79
CA LEU D 78 -9.09 -24.70 25.54
C LEU D 78 -10.13 -25.72 25.14
N ARG D 79 -10.68 -26.46 26.11
CA ARG D 79 -11.73 -27.42 25.78
C ARG D 79 -12.95 -26.72 25.22
N LYS D 80 -13.34 -25.59 25.83
CA LYS D 80 -14.55 -24.91 25.35
C LYS D 80 -14.31 -24.25 23.99
N LEU D 81 -13.09 -23.81 23.71
CA LEU D 81 -12.76 -23.24 22.41
C LEU D 81 -12.26 -24.29 21.42
N LYS D 82 -12.14 -25.55 21.84
CA LYS D 82 -11.71 -26.65 20.99
C LYS D 82 -10.55 -26.24 20.08
N PHE D 83 -9.43 -25.89 20.72
CA PHE D 83 -8.24 -25.47 19.99
C PHE D 83 -7.12 -26.50 20.01
N SER D 84 -7.03 -27.35 21.03
CA SER D 84 -5.97 -28.35 21.08
C SER D 84 -6.39 -29.46 22.04
N TYR D 85 -5.72 -30.60 21.91
CA TYR D 85 -5.99 -31.78 22.72
C TYR D 85 -4.98 -32.85 22.34
N ARG D 86 -4.83 -33.84 23.23
CA ARG D 86 -3.93 -34.95 22.93
C ARG D 86 -4.45 -35.75 21.75
N GLU D 87 -3.55 -36.47 21.10
CA GLU D 87 -3.86 -37.12 19.83
C GLU D 87 -5.06 -38.04 19.94
N ASN D 88 -5.94 -37.95 18.94
CA ASN D 88 -7.08 -38.85 18.79
C ASN D 88 -7.70 -38.55 17.43
N LEU D 89 -8.82 -39.21 17.12
CA LEU D 89 -9.46 -39.02 15.82
C LEU D 89 -9.85 -37.57 15.61
N GLU D 90 -10.51 -36.96 16.61
CA GLU D 90 -10.94 -35.57 16.48
C GLU D 90 -9.74 -34.63 16.42
N ASP D 91 -8.71 -34.90 17.24
CA ASP D 91 -7.56 -34.02 17.29
C ASP D 91 -6.84 -33.97 15.95
N GLU D 92 -6.70 -35.13 15.30
CA GLU D 92 -5.98 -35.18 14.03
C GLU D 92 -6.53 -34.14 13.06
N TYR D 93 -7.84 -34.14 12.86
CA TYR D 93 -8.43 -33.25 11.85
C TYR D 93 -8.67 -31.85 12.39
N GLU D 94 -9.58 -31.70 13.36
CA GLU D 94 -10.17 -30.37 13.57
C GLU D 94 -9.32 -29.46 14.45
N PRO D 95 -9.00 -29.81 15.69
CA PRO D 95 -8.32 -28.82 16.55
C PRO D 95 -6.99 -28.35 15.99
N ARG D 96 -6.22 -29.24 15.37
CA ARG D 96 -4.88 -28.87 14.93
C ARG D 96 -4.92 -27.92 13.74
N ARG D 97 -5.78 -28.21 12.75
CA ARG D 97 -5.92 -27.28 11.64
C ARG D 97 -6.48 -25.96 12.13
N ARG D 98 -7.45 -26.01 13.05
CA ARG D 98 -7.98 -24.76 13.60
C ARG D 98 -6.86 -23.95 14.22
N ASP D 99 -6.02 -24.58 15.04
CA ASP D 99 -4.91 -23.87 15.66
C ASP D 99 -4.00 -23.26 14.62
N HIS D 100 -3.65 -24.04 13.59
CA HIS D 100 -2.74 -23.56 12.55
C HIS D 100 -3.29 -22.31 11.86
N ILE D 101 -4.46 -22.43 11.23
CA ILE D 101 -4.97 -21.31 10.47
C ILE D 101 -5.28 -20.14 11.38
N SER D 102 -5.74 -20.39 12.61
CA SER D 102 -6.01 -19.30 13.53
C SER D 102 -4.74 -18.54 13.86
N HIS D 103 -3.65 -19.26 14.13
CA HIS D 103 -2.39 -18.60 14.43
C HIS D 103 -1.94 -17.73 13.28
N PHE D 104 -2.10 -18.22 12.05
CA PHE D 104 -1.61 -17.43 10.92
C PHE D 104 -2.51 -16.24 10.64
N ILE D 105 -3.83 -16.38 10.85
CA ILE D 105 -4.71 -15.22 10.72
C ILE D 105 -4.35 -14.17 11.76
N LEU D 106 -4.08 -14.59 12.99
CA LEU D 106 -3.66 -13.62 14.00
C LEU D 106 -2.31 -13.01 13.65
N ARG D 107 -1.42 -13.78 13.01
CA ARG D 107 -0.19 -13.19 12.50
C ARG D 107 -0.50 -12.03 11.57
N LEU D 108 -1.44 -12.24 10.65
CA LEU D 108 -1.85 -11.16 9.77
C LEU D 108 -2.39 -9.98 10.56
N ALA D 109 -3.16 -10.27 11.62
CA ALA D 109 -3.82 -9.20 12.36
C ALA D 109 -2.83 -8.35 13.16
N TYR D 110 -1.83 -9.00 13.77
CA TYR D 110 -1.00 -8.36 14.78
C TYR D 110 0.31 -7.79 14.27
N CYS D 111 0.70 -8.10 13.02
CA CYS D 111 1.98 -7.62 12.52
C CYS D 111 1.96 -6.13 12.19
N GLN D 112 0.89 -5.41 12.50
CA GLN D 112 0.79 -4.02 12.08
C GLN D 112 1.68 -3.11 12.90
N SER D 113 1.75 -3.32 14.22
CA SER D 113 2.45 -2.43 15.12
C SER D 113 3.36 -3.21 16.05
N GLU D 114 4.40 -2.52 16.54
CA GLU D 114 5.36 -3.17 17.43
C GLU D 114 4.73 -3.59 18.75
N GLU D 115 3.86 -2.76 19.32
CA GLU D 115 3.20 -3.12 20.56
C GLU D 115 2.34 -4.37 20.38
N LEU D 116 1.59 -4.42 19.28
CA LEU D 116 0.80 -5.61 19.00
C LEU D 116 1.68 -6.84 18.84
N ARG D 117 2.82 -6.68 18.16
CA ARG D 117 3.73 -7.80 17.99
C ARG D 117 4.23 -8.30 19.35
N ARG D 118 4.63 -7.38 20.22
CA ARG D 118 5.14 -7.79 21.53
C ARG D 118 4.05 -8.50 22.35
N TRP D 119 2.84 -7.96 22.32
CA TRP D 119 1.74 -8.60 23.05
C TRP D 119 1.46 -9.99 22.51
N PHE D 120 1.40 -10.13 21.18
CA PHE D 120 1.17 -11.43 20.58
C PHE D 120 2.27 -12.41 20.95
N ILE D 121 3.52 -11.95 20.92
CA ILE D 121 4.64 -12.82 21.27
C ILE D 121 4.50 -13.29 22.72
N GLN D 122 4.22 -12.36 23.63
CA GLN D 122 4.11 -12.74 25.05
C GLN D 122 3.03 -13.80 25.24
N GLN D 123 1.84 -13.56 24.70
CA GLN D 123 0.74 -14.49 24.95
C GLN D 123 0.95 -15.81 24.23
N GLU D 124 1.53 -15.79 23.03
CA GLU D 124 1.83 -17.03 22.34
C GLU D 124 2.89 -17.83 23.09
N MET D 125 3.86 -17.15 23.68
CA MET D 125 4.86 -17.84 24.51
C MET D 125 4.18 -18.50 25.71
N ASP D 126 3.28 -17.78 26.37
CA ASP D 126 2.58 -18.37 27.51
C ASP D 126 1.81 -19.60 27.07
N LEU D 127 1.10 -19.51 25.95
CA LEU D 127 0.33 -20.65 25.47
C LEU D 127 1.22 -21.83 25.13
N LEU D 128 2.35 -21.56 24.47
CA LEU D 128 3.27 -22.64 24.11
C LEU D 128 3.86 -23.30 25.34
N ARG D 129 4.23 -22.50 26.34
CA ARG D 129 4.75 -23.05 27.59
C ARG D 129 3.72 -23.94 28.26
N PHE D 130 2.47 -23.48 28.30
CA PHE D 130 1.41 -24.30 28.89
C PHE D 130 1.26 -25.61 28.13
N ARG D 131 1.18 -25.54 26.81
CA ARG D 131 0.99 -26.74 26.01
C ARG D 131 2.16 -27.71 26.19
N PHE D 132 3.37 -27.18 26.29
CA PHE D 132 4.53 -28.01 26.57
C PHE D 132 4.41 -28.70 27.92
N SER D 133 3.96 -27.97 28.94
CA SER D 133 3.78 -28.58 30.25
C SER D 133 2.75 -29.70 30.18
N ILE D 134 1.68 -29.51 29.39
CA ILE D 134 0.69 -30.57 29.23
C ILE D 134 1.33 -31.80 28.60
N LEU D 135 2.20 -31.60 27.61
CA LEU D 135 2.67 -32.70 26.80
C LEU D 135 3.34 -33.75 27.67
N PRO D 136 2.95 -35.02 27.57
CA PRO D 136 3.63 -36.06 28.35
C PRO D 136 5.07 -36.23 27.90
N LYS D 137 5.93 -36.64 28.85
CA LYS D 137 7.36 -36.73 28.56
C LYS D 137 7.66 -37.74 27.46
N ASP D 138 6.96 -38.88 27.46
CA ASP D 138 7.31 -39.95 26.54
C ASP D 138 7.32 -39.48 25.09
N LYS D 139 6.49 -38.48 24.76
CA LYS D 139 6.38 -38.00 23.39
C LYS D 139 7.33 -36.85 23.07
N ILE D 140 7.88 -36.16 24.08
CA ILE D 140 8.68 -34.97 23.79
C ILE D 140 9.72 -35.29 22.72
N GLN D 141 10.40 -36.44 22.85
CA GLN D 141 11.42 -36.81 21.87
C GLN D 141 10.90 -36.61 20.45
N ASP D 142 9.82 -37.30 20.09
CA ASP D 142 9.34 -37.20 18.72
C ASP D 142 9.00 -35.77 18.35
N PHE D 143 8.40 -35.02 19.28
CA PHE D 143 8.12 -33.61 19.01
C PHE D 143 9.41 -32.89 18.64
N LEU D 144 10.46 -33.08 19.43
CA LEU D 144 11.75 -32.48 19.09
C LEU D 144 12.22 -32.94 17.72
N LYS D 145 12.01 -34.21 17.41
CA LYS D 145 12.32 -34.70 16.06
C LYS D 145 11.39 -34.06 15.03
N ASP D 146 10.10 -33.92 15.38
CA ASP D 146 9.14 -33.34 14.46
C ASP D 146 9.29 -31.82 14.37
N SER D 147 9.96 -31.20 15.33
CA SER D 147 10.18 -29.75 15.29
C SER D 147 11.16 -29.35 14.20
N GLN D 148 11.85 -30.31 13.58
CA GLN D 148 12.81 -30.13 12.50
C GLN D 148 14.16 -29.63 13.01
N LEU D 149 14.40 -29.63 14.31
CA LEU D 149 15.72 -29.36 14.88
C LEU D 149 16.05 -30.47 15.86
N GLN D 150 17.34 -30.82 15.95
CA GLN D 150 17.75 -32.06 16.60
C GLN D 150 18.07 -31.82 18.07
N PHE D 151 17.38 -32.56 18.94
CA PHE D 151 17.77 -32.75 20.33
C PHE D 151 17.71 -34.24 20.61
N GLU D 152 18.75 -34.77 21.26
CA GLU D 152 18.88 -36.20 21.50
C GLU D 152 18.86 -36.48 22.99
N ALA D 153 18.13 -37.53 23.38
CA ALA D 153 18.05 -37.94 24.78
C ALA D 153 19.13 -38.96 25.08
N ILE D 154 19.79 -38.80 26.23
CA ILE D 154 20.84 -39.73 26.63
C ILE D 154 20.21 -41.01 27.19
N SER D 155 21.02 -42.07 27.21
CA SER D 155 20.55 -43.36 27.69
C SER D 155 20.67 -43.43 29.21
N ASP D 156 19.96 -44.40 29.79
CA ASP D 156 20.03 -44.59 31.23
C ASP D 156 21.43 -44.97 31.68
N GLU D 157 22.12 -45.81 30.89
CA GLU D 157 23.50 -46.16 31.23
C GLU D 157 24.41 -44.93 31.18
N GLU D 158 24.25 -44.10 30.13
CA GLU D 158 25.04 -42.88 30.04
C GLU D 158 24.71 -41.92 31.17
N LYS D 159 23.42 -41.79 31.50
CA LYS D 159 23.02 -40.93 32.60
C LYS D 159 23.64 -41.40 33.90
N THR D 160 23.63 -42.71 34.16
CA THR D 160 24.26 -43.23 35.37
C THR D 160 25.76 -42.95 35.37
N LEU D 161 26.42 -43.13 34.22
CA LEU D 161 27.85 -42.92 34.15
C LEU D 161 28.22 -41.46 34.42
N ARG D 162 27.46 -40.53 33.85
CA ARG D 162 27.81 -39.11 33.91
C ARG D 162 26.95 -38.34 34.91
N GLU D 163 26.28 -39.04 35.83
CA GLU D 163 25.51 -38.35 36.87
C GLU D 163 26.40 -37.41 37.69
N GLN D 164 27.59 -37.87 38.07
CA GLN D 164 28.46 -37.01 38.87
C GLN D 164 28.86 -35.77 38.09
N GLU D 165 29.20 -35.91 36.81
CA GLU D 165 29.55 -34.76 36.00
C GLU D 165 28.39 -33.80 35.85
N ILE D 166 27.18 -34.33 35.61
CA ILE D 166 26.02 -33.48 35.44
C ILE D 166 25.74 -32.72 36.73
N VAL D 167 25.81 -33.40 37.87
CA VAL D 167 25.57 -32.75 39.16
C VAL D 167 26.62 -31.66 39.40
N ALA D 168 27.88 -31.95 39.12
CA ALA D 168 28.93 -30.97 39.33
C ALA D 168 28.73 -29.74 38.45
N SER D 169 28.39 -29.94 37.18
CA SER D 169 28.14 -28.83 36.28
C SER D 169 26.77 -28.23 36.45
N SER D 170 25.90 -28.85 37.23
CA SER D 170 24.52 -28.41 37.33
C SER D 170 24.44 -27.04 37.97
N PRO D 171 23.34 -26.31 37.74
CA PRO D 171 23.19 -24.98 38.35
C PRO D 171 23.05 -25.07 39.86
N SER D 172 22.74 -23.94 40.50
CA SER D 172 22.66 -23.88 41.96
C SER D 172 21.62 -24.84 42.53
N LEU D 173 20.92 -25.58 41.66
CA LEU D 173 20.05 -26.68 42.08
C LEU D 173 20.70 -27.47 43.21
N SER D 174 19.99 -27.54 44.34
CA SER D 174 20.57 -28.10 45.55
C SER D 174 20.62 -29.62 45.51
N GLY D 175 21.66 -30.17 46.12
CA GLY D 175 21.78 -31.61 46.28
C GLY D 175 22.32 -32.30 45.05
N LEU D 176 22.69 -33.56 45.22
CA LEU D 176 23.16 -34.41 44.14
C LEU D 176 22.02 -35.20 43.49
N LYS D 177 20.79 -34.99 43.93
CA LYS D 177 19.65 -35.74 43.41
C LYS D 177 19.45 -35.48 41.92
N LEU D 178 19.73 -36.48 41.09
CA LEU D 178 19.43 -36.43 39.66
C LEU D 178 18.18 -37.30 39.46
N GLY D 179 17.02 -36.67 39.59
CA GLY D 179 15.76 -37.39 39.59
C GLY D 179 15.41 -37.98 38.24
N PHE D 180 14.12 -38.19 38.01
CA PHE D 180 13.64 -38.79 36.77
C PHE D 180 13.65 -37.82 35.60
N GLU D 181 13.96 -36.55 35.82
CA GLU D 181 14.02 -35.59 34.73
C GLU D 181 14.96 -36.09 33.64
N SER D 182 14.46 -36.15 32.41
CA SER D 182 15.27 -36.65 31.31
C SER D 182 16.38 -35.66 30.97
N ILE D 183 17.52 -36.20 30.54
CA ILE D 183 18.67 -35.41 30.17
C ILE D 183 18.93 -35.62 28.69
N TYR D 184 19.28 -34.56 27.98
CA TYR D 184 19.41 -34.59 26.53
C TYR D 184 20.79 -34.11 26.10
N LYS D 185 21.23 -34.65 24.97
CA LYS D 185 22.52 -34.32 24.36
C LYS D 185 22.28 -33.34 23.22
N ILE D 186 22.82 -32.13 23.36
CA ILE D 186 22.55 -31.04 22.42
C ILE D 186 23.86 -30.36 22.05
N PRO D 187 24.03 -29.89 20.81
CA PRO D 187 25.23 -29.13 20.47
C PRO D 187 25.34 -27.87 21.33
N PHE D 188 26.58 -27.52 21.68
CA PHE D 188 26.80 -26.35 22.50
C PHE D 188 26.29 -25.08 21.83
N ALA D 189 26.20 -25.08 20.50
CA ALA D 189 25.72 -23.89 19.79
C ALA D 189 24.31 -23.51 20.19
N ASP D 190 23.44 -24.50 20.40
CA ASP D 190 22.04 -24.25 20.73
C ASP D 190 21.85 -23.83 22.18
N ALA D 191 22.88 -23.88 23.01
CA ALA D 191 22.80 -23.51 24.42
C ALA D 191 23.77 -22.37 24.73
N LEU D 192 23.94 -21.47 23.77
CA LEU D 192 24.86 -20.35 23.93
C LEU D 192 24.64 -19.65 25.26
N ASP D 193 23.44 -19.08 25.45
CA ASP D 193 23.14 -18.36 26.68
C ASP D 193 23.19 -19.26 27.91
N LEU D 194 23.10 -20.58 27.72
CA LEU D 194 23.08 -21.50 28.86
C LEU D 194 24.49 -21.90 29.27
N PHE D 195 25.28 -22.40 28.33
CA PHE D 195 26.64 -22.85 28.65
C PHE D 195 27.64 -21.71 28.76
N ARG D 196 27.29 -20.52 28.27
CA ARG D 196 28.20 -19.39 28.40
C ARG D 196 28.51 -19.04 29.85
N GLY D 197 27.57 -19.28 30.76
CA GLY D 197 27.77 -19.03 32.17
C GLY D 197 28.44 -20.14 32.94
N ARG D 198 28.84 -21.23 32.27
CA ARG D 198 29.51 -22.35 32.92
C ARG D 198 28.58 -23.08 33.87
N LYS D 199 27.29 -23.14 33.53
CA LYS D 199 26.28 -23.78 34.37
C LYS D 199 25.71 -25.03 33.70
N VAL D 200 26.54 -25.78 33.00
CA VAL D 200 26.10 -27.00 32.32
C VAL D 200 27.33 -27.81 31.95
N TYR D 201 27.15 -29.11 31.76
CA TYR D 201 28.25 -29.99 31.41
C TYR D 201 28.35 -30.17 29.91
N LEU D 202 29.60 -30.17 29.42
CA LEU D 202 29.90 -30.32 28.00
C LEU D 202 30.75 -31.56 27.79
N GLU D 203 30.57 -32.20 26.64
CA GLU D 203 31.36 -33.36 26.26
C GLU D 203 31.40 -33.42 24.75
N ASP D 204 32.60 -33.32 24.17
CA ASP D 204 32.78 -33.39 22.73
C ASP D 204 31.89 -32.38 22.02
N GLY D 205 31.75 -31.20 22.62
CA GLY D 205 30.97 -30.14 22.02
C GLY D 205 29.47 -30.26 22.20
N PHE D 206 28.99 -31.27 22.91
CA PHE D 206 27.56 -31.49 23.14
C PHE D 206 27.26 -31.28 24.62
N ALA D 207 26.21 -30.51 24.90
CA ALA D 207 25.87 -30.13 26.26
C ALA D 207 24.75 -31.01 26.81
N TYR D 208 24.80 -31.25 28.11
CA TYR D 208 23.80 -32.04 28.81
C TYR D 208 22.96 -31.12 29.69
N VAL D 209 21.66 -31.08 29.44
CA VAL D 209 20.78 -30.07 30.04
C VAL D 209 19.54 -30.71 30.64
N PRO D 210 18.96 -30.16 31.70
CA PRO D 210 17.71 -30.69 32.24
C PRO D 210 16.50 -30.20 31.46
N LEU D 211 15.32 -30.55 31.97
CA LEU D 211 14.07 -30.26 31.26
C LEU D 211 13.73 -28.78 31.30
N LYS D 212 13.88 -28.14 32.45
CA LYS D 212 13.50 -26.73 32.56
C LYS D 212 14.31 -25.86 31.61
N ASP D 213 15.62 -26.08 31.57
CA ASP D 213 16.45 -25.33 30.64
C ASP D 213 16.14 -25.70 29.19
N ILE D 214 15.74 -26.96 28.96
CA ILE D 214 15.37 -27.37 27.61
C ILE D 214 14.16 -26.58 27.11
N VAL D 215 13.14 -26.47 27.97
CA VAL D 215 11.95 -25.72 27.57
C VAL D 215 12.30 -24.25 27.42
N ALA D 216 13.19 -23.73 28.26
CA ALA D 216 13.63 -22.36 28.08
C ALA D 216 14.25 -22.15 26.70
N ILE D 217 15.14 -23.06 26.29
CA ILE D 217 15.78 -22.96 24.98
C ILE D 217 14.74 -23.04 23.88
N ILE D 218 13.79 -23.97 24.02
CA ILE D 218 12.77 -24.17 23.00
C ILE D 218 11.97 -22.89 22.82
N LEU D 219 11.52 -22.29 23.93
CA LEU D 219 10.72 -21.07 23.81
C LEU D 219 11.55 -19.92 23.25
N ASN D 220 12.84 -19.84 23.61
CA ASN D 220 13.67 -18.76 23.06
C ASN D 220 13.77 -18.86 21.54
N GLU D 221 14.06 -20.07 21.04
CA GLU D 221 14.16 -20.23 19.58
C GLU D 221 12.82 -19.97 18.92
N PHE D 222 11.74 -20.44 19.53
CA PHE D 222 10.41 -20.19 18.97
C PHE D 222 10.12 -18.70 18.91
N ARG D 223 10.55 -17.96 19.93
CA ARG D 223 10.37 -16.51 19.94
C ARG D 223 11.15 -15.85 18.80
N ALA D 224 12.39 -16.29 18.57
CA ALA D 224 13.15 -15.73 17.47
C ALA D 224 12.44 -15.97 16.14
N LYS D 225 11.98 -17.21 15.93
CA LYS D 225 11.28 -17.53 14.69
C LYS D 225 10.03 -16.68 14.53
N LEU D 226 9.25 -16.55 15.61
CA LEU D 226 8.02 -15.76 15.55
C LEU D 226 8.32 -14.30 15.24
N SER D 227 9.36 -13.74 15.85
CA SER D 227 9.69 -12.34 15.58
C SER D 227 10.03 -12.15 14.11
N LYS D 228 10.84 -13.05 13.54
CA LYS D 228 11.20 -12.93 12.13
C LYS D 228 9.97 -13.06 11.25
N ALA D 229 9.11 -14.03 11.54
CA ALA D 229 7.91 -14.22 10.73
C ALA D 229 6.99 -13.01 10.80
N LEU D 230 6.83 -12.43 11.99
CA LEU D 230 5.98 -11.26 12.13
C LEU D 230 6.55 -10.07 11.38
N ALA D 231 7.88 -9.90 11.40
CA ALA D 231 8.47 -8.83 10.60
C ALA D 231 8.18 -9.02 9.12
N LEU D 232 8.33 -10.25 8.63
CA LEU D 232 8.06 -10.51 7.21
C LEU D 232 6.60 -10.23 6.87
N THR D 233 5.68 -10.66 7.73
CA THR D 233 4.26 -10.41 7.47
C THR D 233 3.95 -8.92 7.50
N ALA D 234 4.59 -8.18 8.42
CA ALA D 234 4.41 -6.74 8.45
C ALA D 234 4.86 -6.11 7.14
N ARG D 235 5.98 -6.57 6.59
CA ARG D 235 6.41 -6.07 5.29
C ARG D 235 5.43 -6.44 4.19
N SER D 236 4.85 -7.64 4.26
CA SER D 236 3.99 -8.13 3.19
C SER D 236 2.54 -7.63 3.29
N LEU D 237 2.17 -6.99 4.38
CA LEU D 237 0.78 -6.55 4.56
C LEU D 237 0.22 -5.74 3.39
N PRO D 238 0.93 -4.77 2.82
CA PRO D 238 0.28 -3.90 1.82
C PRO D 238 -0.35 -4.67 0.66
N ALA D 239 0.23 -5.82 0.30
CA ALA D 239 -0.36 -6.61 -0.78
C ALA D 239 -1.73 -7.17 -0.37
N VAL D 240 -1.86 -7.61 0.89
CA VAL D 240 -3.07 -8.30 1.33
C VAL D 240 -4.12 -7.37 1.90
N GLN D 241 -3.77 -6.14 2.25
CA GLN D 241 -4.74 -5.21 2.81
C GLN D 241 -5.75 -4.72 1.78
N SER D 242 -5.54 -5.01 0.49
CA SER D 242 -6.44 -4.50 -0.54
C SER D 242 -7.84 -5.08 -0.41
N ASP D 243 -7.95 -6.33 0.04
CA ASP D 243 -9.26 -6.96 0.15
C ASP D 243 -10.17 -6.14 1.06
N GLU D 244 -11.42 -5.98 0.62
CA GLU D 244 -12.37 -5.16 1.36
C GLU D 244 -13.19 -5.95 2.38
N ARG D 245 -13.35 -7.26 2.18
CA ARG D 245 -14.13 -8.07 3.11
C ARG D 245 -13.32 -8.60 4.27
N LEU D 246 -12.03 -8.28 4.34
CA LEU D 246 -11.19 -8.64 5.47
C LEU D 246 -10.55 -7.44 6.15
N GLN D 247 -10.59 -6.26 5.53
CA GLN D 247 -10.07 -5.06 6.19
C GLN D 247 -10.79 -4.78 7.50
N PRO D 248 -12.12 -4.68 7.54
CA PRO D 248 -12.78 -4.32 8.82
C PRO D 248 -12.60 -5.35 9.91
N LEU D 249 -12.29 -6.60 9.57
CA LEU D 249 -12.09 -7.63 10.57
C LEU D 249 -10.65 -7.65 11.07
N LEU D 250 -9.68 -7.69 10.15
CA LEU D 250 -8.29 -7.80 10.55
C LEU D 250 -7.73 -6.50 11.10
N ASN D 251 -8.23 -5.35 10.66
CA ASN D 251 -7.70 -4.08 11.16
C ASN D 251 -7.90 -3.96 12.66
N HIS D 252 -9.08 -4.33 13.15
CA HIS D 252 -9.45 -4.14 14.55
C HIS D 252 -9.76 -5.46 15.21
N LEU D 253 -9.02 -6.52 14.84
CA LEU D 253 -9.29 -7.84 15.40
C LEU D 253 -9.15 -7.85 16.92
N SER D 254 -8.11 -7.19 17.43
CA SER D 254 -7.89 -7.08 18.86
C SER D 254 -8.25 -5.70 19.40
N HIS D 255 -7.88 -4.65 18.66
CA HIS D 255 -8.07 -3.29 19.15
C HIS D 255 -9.50 -3.04 19.57
N SER D 256 -10.46 -3.36 18.71
CA SER D 256 -11.86 -2.99 18.97
C SER D 256 -12.82 -4.09 18.57
N TYR D 257 -12.53 -5.34 18.96
CA TYR D 257 -13.48 -6.43 18.79
C TYR D 257 -13.69 -7.11 20.13
N THR D 258 -14.96 -7.31 20.49
CA THR D 258 -15.33 -7.86 21.78
C THR D 258 -15.52 -9.36 21.68
N GLY D 259 -15.06 -10.07 22.70
CA GLY D 259 -15.11 -11.52 22.69
C GLY D 259 -16.46 -12.07 23.09
N GLN D 260 -17.45 -11.93 22.22
CA GLN D 260 -18.78 -12.51 22.43
C GLN D 260 -19.40 -11.99 23.73
N ASP D 261 -19.64 -10.67 23.75
CA ASP D 261 -20.27 -10.05 24.91
C ASP D 261 -21.60 -10.72 25.22
N TYR D 262 -22.45 -10.87 24.20
CA TYR D 262 -23.67 -11.67 24.29
C TYR D 262 -24.76 -10.97 25.12
N SER D 263 -24.42 -9.86 25.78
CA SER D 263 -25.39 -9.10 26.55
C SER D 263 -26.06 -8.04 25.68
N THR D 264 -26.58 -8.48 24.54
CA THR D 264 -27.13 -7.58 23.54
C THR D 264 -28.54 -7.14 23.94
N GLN D 265 -29.12 -6.25 23.15
CA GLN D 265 -30.50 -5.84 23.35
C GLN D 265 -31.44 -7.01 23.13
N GLY D 266 -32.53 -7.04 23.89
CA GLY D 266 -33.52 -8.08 23.80
C GLY D 266 -33.62 -8.98 25.01
N ASN D 267 -33.05 -8.59 26.14
CA ASN D 267 -33.12 -9.41 27.35
C ASN D 267 -34.45 -9.22 28.05
N VAL D 268 -34.76 -10.12 28.98
CA VAL D 268 -36.01 -10.13 29.71
C VAL D 268 -35.71 -10.15 31.21
N GLY D 269 -36.67 -9.65 31.98
CA GLY D 269 -36.52 -9.61 33.42
C GLY D 269 -37.59 -8.75 34.03
N LYS D 270 -37.61 -8.75 35.36
CA LYS D 270 -38.57 -7.96 36.14
C LYS D 270 -37.79 -7.02 37.04
N ILE D 271 -37.76 -5.75 36.66
CA ILE D 271 -37.05 -4.71 37.41
C ILE D 271 -38.08 -3.68 37.88
N SER D 272 -38.07 -3.39 39.17
CA SER D 272 -38.96 -2.38 39.73
C SER D 272 -38.23 -1.04 39.75
N LEU D 273 -38.90 0.00 39.25
CA LEU D 273 -38.25 1.30 39.13
C LEU D 273 -37.77 1.80 40.49
N ASP D 274 -38.58 1.62 41.53
CA ASP D 274 -38.19 2.09 42.86
C ASP D 274 -36.93 1.38 43.34
N GLN D 275 -36.84 0.07 43.12
CA GLN D 275 -35.68 -0.70 43.58
C GLN D 275 -34.38 -0.25 42.94
N ILE D 276 -34.43 0.43 41.79
CA ILE D 276 -33.20 0.77 41.07
C ILE D 276 -32.12 1.23 42.04
N ASP D 277 -32.47 2.14 42.95
CA ASP D 277 -31.46 2.74 43.81
C ASP D 277 -30.67 1.67 44.56
N LEU D 278 -31.36 0.76 45.26
CA LEU D 278 -30.61 -0.25 46.00
C LEU D 278 -29.78 -1.09 45.04
N LEU D 279 -30.36 -1.47 43.90
CA LEU D 279 -29.59 -2.21 42.91
C LEU D 279 -28.33 -1.45 42.54
N SER D 280 -28.44 -0.13 42.36
CA SER D 280 -27.28 0.65 41.96
C SER D 280 -26.16 0.53 42.97
N THR D 281 -26.50 0.42 44.25
CA THR D 281 -25.46 0.35 45.28
C THR D 281 -25.05 -1.08 45.58
N LYS D 282 -25.63 -2.07 44.90
CA LYS D 282 -25.40 -3.46 45.23
C LYS D 282 -24.94 -4.30 44.03
N SER D 283 -25.39 -3.99 42.83
CA SER D 283 -25.11 -4.84 41.68
C SER D 283 -24.75 -4.06 40.42
N PHE D 284 -24.22 -2.85 40.56
CA PHE D 284 -23.81 -2.10 39.38
C PHE D 284 -22.30 -2.03 39.30
N PRO D 285 -21.72 -2.06 38.10
CA PRO D 285 -20.28 -1.86 37.99
C PRO D 285 -19.92 -0.42 38.31
N PRO D 286 -18.66 -0.14 38.62
CA PRO D 286 -18.30 1.23 39.03
C PRO D 286 -18.70 2.29 38.04
N CYS D 287 -18.56 2.03 36.74
CA CYS D 287 -18.93 3.03 35.74
C CYS D 287 -20.41 3.40 35.89
N MET D 288 -21.28 2.39 35.86
CA MET D 288 -22.70 2.66 35.97
C MET D 288 -23.09 3.11 37.36
N ARG D 289 -22.40 2.61 38.38
CA ARG D 289 -22.68 3.06 39.75
C ARG D 289 -22.47 4.56 39.88
N GLN D 290 -21.30 5.05 39.45
CA GLN D 290 -21.02 6.47 39.59
C GLN D 290 -21.84 7.29 38.60
N LEU D 291 -22.15 6.76 37.42
CA LEU D 291 -23.04 7.47 36.51
C LEU D 291 -24.42 7.65 37.13
N HIS D 292 -24.94 6.60 37.77
CA HIS D 292 -26.24 6.70 38.42
C HIS D 292 -26.20 7.68 39.59
N LYS D 293 -25.11 7.66 40.37
CA LYS D 293 -25.01 8.62 41.47
C LYS D 293 -25.00 10.04 40.95
N ALA D 294 -24.23 10.30 39.88
CA ALA D 294 -24.21 11.63 39.30
C ALA D 294 -25.59 12.03 38.77
N LEU D 295 -26.28 11.10 38.13
CA LEU D 295 -27.63 11.38 37.65
C LEU D 295 -28.53 11.79 38.80
N ARG D 296 -28.57 10.97 39.86
CA ARG D 296 -29.46 11.24 40.98
C ARG D 296 -29.11 12.56 41.64
N GLU D 297 -27.82 12.86 41.80
CA GLU D 297 -27.41 14.06 42.50
C GLU D 297 -27.57 15.32 41.66
N ASN D 298 -27.51 15.22 40.33
CA ASN D 298 -27.51 16.38 39.47
C ASN D 298 -28.74 16.50 38.58
N HIS D 299 -29.50 15.43 38.40
CA HIS D 299 -30.71 15.46 37.58
C HIS D 299 -30.41 15.90 36.15
N HIS D 300 -29.26 15.49 35.62
CA HIS D 300 -28.89 15.85 34.26
C HIS D 300 -27.62 15.10 33.88
N LEU D 301 -27.52 14.75 32.60
CA LEU D 301 -26.32 14.11 32.06
C LEU D 301 -26.01 14.68 30.69
N ARG D 302 -24.72 14.72 30.36
CA ARG D 302 -24.30 15.09 29.02
C ARG D 302 -24.72 14.00 28.04
N HIS D 303 -24.42 14.23 26.77
CA HIS D 303 -24.87 13.31 25.73
C HIS D 303 -24.27 11.93 25.93
N GLY D 304 -22.94 11.85 26.09
CA GLY D 304 -22.30 10.55 26.17
C GLY D 304 -22.74 9.74 27.37
N GLY D 305 -22.75 10.38 28.55
CA GLY D 305 -23.17 9.68 29.74
C GLY D 305 -24.63 9.30 29.69
N ARG D 306 -25.47 10.19 29.15
CA ARG D 306 -26.88 9.87 29.00
C ARG D 306 -27.08 8.64 28.13
N MET D 307 -26.42 8.60 26.98
CA MET D 307 -26.55 7.45 26.10
C MET D 307 -26.04 6.19 26.77
N GLN D 308 -24.87 6.26 27.40
CA GLN D 308 -24.30 5.07 28.02
C GLN D 308 -25.23 4.51 29.09
N TYR D 309 -25.69 5.36 30.01
CA TYR D 309 -26.52 4.87 31.10
C TYR D 309 -27.88 4.40 30.60
N GLY D 310 -28.48 5.11 29.65
CA GLY D 310 -29.74 4.67 29.10
C GLY D 310 -29.63 3.31 28.43
N LEU D 311 -28.56 3.11 27.66
CA LEU D 311 -28.35 1.80 27.03
C LEU D 311 -28.14 0.73 28.09
N PHE D 312 -27.41 1.04 29.16
CA PHE D 312 -27.22 0.06 30.22
C PHE D 312 -28.56 -0.32 30.86
N LEU D 313 -29.38 0.68 31.16
CA LEU D 313 -30.68 0.41 31.77
C LEU D 313 -31.55 -0.42 30.83
N LYS D 314 -31.50 -0.12 29.54
CA LYS D 314 -32.20 -0.96 28.57
C LYS D 314 -31.69 -2.40 28.63
N GLY D 315 -30.37 -2.57 28.77
CA GLY D 315 -29.81 -3.90 28.79
C GLY D 315 -30.23 -4.71 30.00
N ILE D 316 -30.26 -4.07 31.18
CA ILE D 316 -30.58 -4.82 32.39
C ILE D 316 -32.01 -5.33 32.41
N GLY D 317 -32.91 -4.73 31.63
CA GLY D 317 -34.27 -5.24 31.53
C GLY D 317 -35.34 -4.17 31.65
N LEU D 318 -34.95 -2.90 31.62
CA LEU D 318 -35.92 -1.82 31.73
C LEU D 318 -36.70 -1.67 30.44
N THR D 319 -38.03 -1.77 30.52
CA THR D 319 -38.86 -1.67 29.33
C THR D 319 -39.01 -0.20 28.91
N LEU D 320 -39.51 -0.01 27.68
CA LEU D 320 -39.54 1.33 27.10
C LEU D 320 -40.35 2.30 27.96
N GLU D 321 -41.56 1.90 28.35
CA GLU D 321 -42.39 2.79 29.17
C GLU D 321 -41.70 3.07 30.50
N GLN D 322 -41.09 2.05 31.10
CA GLN D 322 -40.39 2.23 32.36
C GLN D 322 -39.24 3.23 32.19
N ALA D 323 -38.45 3.08 31.12
CA ALA D 323 -37.34 3.99 30.91
C ALA D 323 -37.82 5.41 30.68
N LEU D 324 -38.87 5.58 29.87
CA LEU D 324 -39.41 6.91 29.63
C LEU D 324 -39.88 7.54 30.93
N GLN D 325 -40.61 6.78 31.74
CA GLN D 325 -41.09 7.31 33.02
C GLN D 325 -39.91 7.66 33.93
N PHE D 326 -38.88 6.82 33.94
CA PHE D 326 -37.73 7.06 34.82
C PHE D 326 -37.04 8.37 34.43
N TRP D 327 -36.70 8.53 33.15
CA TRP D 327 -36.01 9.73 32.73
C TRP D 327 -36.89 10.96 32.89
N LYS D 328 -38.18 10.84 32.57
CA LYS D 328 -39.08 11.98 32.75
C LYS D 328 -39.18 12.38 34.21
N GLN D 329 -39.30 11.40 35.10
CA GLN D 329 -39.40 11.69 36.53
C GLN D 329 -38.15 12.38 37.02
N GLU D 330 -36.98 11.96 36.54
CA GLU D 330 -35.76 12.62 36.96
C GLU D 330 -35.66 14.02 36.38
N PHE D 331 -36.19 14.23 35.17
CA PHE D 331 -36.06 15.54 34.53
C PHE D 331 -37.09 16.55 35.02
N ILE D 332 -38.20 16.11 35.62
CA ILE D 332 -39.09 17.09 36.26
C ILE D 332 -38.33 17.85 37.33
N LYS D 333 -37.45 17.17 38.07
CA LYS D 333 -36.63 17.85 39.06
C LYS D 333 -35.60 18.79 38.44
N GLY D 334 -35.40 18.72 37.11
CA GLY D 334 -34.48 19.62 36.46
C GLY D 334 -35.03 21.00 36.20
N LYS D 335 -36.28 21.26 36.59
CA LYS D 335 -36.92 22.57 36.45
C LYS D 335 -37.07 22.97 34.99
N MET D 336 -37.51 22.04 34.14
CA MET D 336 -37.76 22.31 32.73
C MET D 336 -39.06 21.65 32.31
N ASP D 337 -39.68 22.23 31.28
CA ASP D 337 -41.06 21.90 30.95
C ASP D 337 -41.18 20.43 30.54
N PRO D 338 -42.13 19.67 31.10
CA PRO D 338 -42.29 18.28 30.66
C PRO D 338 -42.60 18.14 29.18
N ASP D 339 -43.38 19.07 28.60
CA ASP D 339 -43.63 19.01 27.17
C ASP D 339 -42.34 19.20 26.39
N LYS D 340 -41.47 20.09 26.86
CA LYS D 340 -40.15 20.22 26.27
C LYS D 340 -39.37 18.92 26.38
N PHE D 341 -39.46 18.25 27.54
CA PHE D 341 -38.82 16.96 27.67
C PHE D 341 -39.31 16.01 26.60
N ASP D 342 -40.62 15.89 26.45
CA ASP D 342 -41.17 15.01 25.44
C ASP D 342 -40.53 15.35 24.10
N LYS D 343 -40.80 16.56 23.60
CA LYS D 343 -40.44 16.90 22.24
C LYS D 343 -38.95 16.77 21.99
N GLY D 344 -38.13 17.00 23.01
CA GLY D 344 -36.69 16.97 22.82
C GLY D 344 -36.08 15.59 22.97
N TYR D 345 -36.30 14.95 24.13
CA TYR D 345 -35.57 13.74 24.49
C TYR D 345 -36.37 12.46 24.31
N SER D 346 -37.71 12.51 24.34
CA SER D 346 -38.46 11.28 24.17
C SER D 346 -38.18 10.65 22.81
N TYR D 347 -37.99 11.50 21.80
CA TYR D 347 -37.62 11.00 20.47
C TYR D 347 -36.33 10.20 20.54
N ASN D 348 -35.32 10.76 21.20
CA ASN D 348 -34.03 10.07 21.30
C ASN D 348 -34.15 8.77 22.07
N ILE D 349 -34.88 8.78 23.19
CA ILE D 349 -35.01 7.56 23.98
C ILE D 349 -35.74 6.48 23.17
N ARG D 350 -36.83 6.85 22.50
CA ARG D 350 -37.56 5.86 21.72
C ARG D 350 -36.72 5.33 20.56
N HIS D 351 -35.96 6.21 19.91
CA HIS D 351 -35.07 5.76 18.84
C HIS D 351 -34.04 4.78 19.39
N SER D 352 -33.48 5.07 20.57
CA SER D 352 -32.54 4.15 21.19
C SER D 352 -33.17 2.79 21.45
N PHE D 353 -34.41 2.79 21.94
CA PHE D 353 -35.12 1.54 22.20
C PHE D 353 -35.70 0.92 20.94
N GLY D 354 -35.63 1.60 19.79
CA GLY D 354 -36.40 1.20 18.64
C GLY D 354 -35.64 0.77 17.40
N LYS D 355 -35.69 1.61 16.37
CA LYS D 355 -35.42 1.22 14.99
C LYS D 355 -33.94 1.44 14.65
N GLU D 356 -33.63 1.46 13.34
CA GLU D 356 -32.28 1.37 12.81
C GLU D 356 -31.37 2.48 13.31
N GLY D 357 -30.11 2.43 12.88
CA GLY D 357 -29.06 3.20 13.51
C GLY D 357 -28.21 2.38 14.46
N LYS D 358 -28.22 1.06 14.31
CA LYS D 358 -27.72 0.16 15.34
C LYS D 358 -26.21 0.31 15.52
N ARG D 359 -25.69 -0.44 16.49
CA ARG D 359 -24.28 -0.49 16.85
C ARG D 359 -23.81 0.78 17.54
N THR D 360 -24.66 1.78 17.69
CA THR D 360 -24.31 2.99 18.42
C THR D 360 -25.44 3.37 19.37
N ASP D 361 -26.67 3.04 19.00
CA ASP D 361 -27.84 3.31 19.81
C ASP D 361 -28.61 2.06 20.19
N TYR D 362 -28.75 1.10 19.28
CA TYR D 362 -29.51 -0.11 19.56
C TYR D 362 -28.83 -1.01 20.59
N THR D 363 -27.50 -0.98 20.69
CA THR D 363 -26.77 -1.96 21.45
C THR D 363 -26.16 -1.36 22.71
N PRO D 364 -26.26 -2.02 23.86
CA PRO D 364 -25.57 -1.53 25.06
C PRO D 364 -24.07 -1.57 24.90
N PHE D 365 -23.40 -0.64 25.58
CA PHE D 365 -21.96 -0.51 25.45
C PHE D 365 -21.26 -1.67 26.16
N SER D 366 -19.97 -1.82 25.84
CA SER D 366 -19.13 -2.85 26.41
C SER D 366 -17.92 -2.21 27.10
N CYS D 367 -17.35 -2.94 28.05
CA CYS D 367 -16.19 -2.42 28.78
C CYS D 367 -15.11 -1.95 27.82
N LEU D 368 -14.87 -2.71 26.75
CA LEU D 368 -13.85 -2.31 25.79
C LEU D 368 -14.23 -0.99 25.11
N LYS D 369 -15.49 -0.84 24.72
CA LYS D 369 -15.92 0.40 24.10
C LYS D 369 -15.88 1.55 25.09
N ILE D 370 -16.31 1.31 26.32
CA ILE D 370 -16.26 2.36 27.34
C ILE D 370 -14.83 2.84 27.54
N ILE D 371 -13.89 1.90 27.62
CA ILE D 371 -12.49 2.25 27.84
C ILE D 371 -11.92 3.00 26.65
N LEU D 372 -12.12 2.47 25.44
CA LEU D 372 -11.37 2.91 24.28
C LEU D 372 -12.05 4.02 23.49
N SER D 373 -13.28 4.38 23.83
CA SER D 373 -14.05 5.34 23.03
C SER D 373 -14.57 6.47 23.90
N ASN D 374 -14.50 7.69 23.37
CA ASN D 374 -15.12 8.85 23.99
C ASN D 374 -14.61 9.05 25.41
N PRO D 375 -13.36 9.45 25.60
CA PRO D 375 -12.88 9.75 26.95
C PRO D 375 -13.68 10.88 27.55
N PRO D 376 -13.99 10.81 28.84
CA PRO D 376 -14.78 11.87 29.47
C PRO D 376 -13.97 13.16 29.59
N SER D 377 -14.71 14.26 29.70
CA SER D 377 -14.14 15.59 29.85
C SER D 377 -14.65 16.22 31.15
N GLN D 378 -14.31 17.49 31.35
CA GLN D 378 -14.78 18.20 32.53
C GLN D 378 -16.31 18.22 32.54
N GLY D 379 -16.88 17.90 33.70
CA GLY D 379 -18.32 17.86 33.83
C GLY D 379 -18.98 16.64 33.22
N ASP D 380 -18.21 15.68 32.75
CA ASP D 380 -18.72 14.45 32.18
C ASP D 380 -18.30 13.28 33.04
N TYR D 381 -19.26 12.42 33.38
CA TYR D 381 -19.05 11.35 34.35
C TYR D 381 -19.08 9.97 33.71
N HIS D 382 -19.04 9.88 32.38
CA HIS D 382 -19.05 8.60 31.71
C HIS D 382 -17.63 8.06 31.58
N GLY D 383 -17.51 6.82 31.13
CA GLY D 383 -16.22 6.17 31.00
C GLY D 383 -15.92 5.26 32.17
N CYS D 384 -14.98 4.35 31.93
CA CYS D 384 -14.57 3.42 32.99
C CYS D 384 -13.72 4.17 34.01
N PRO D 385 -14.09 4.15 35.30
CA PRO D 385 -13.32 4.94 36.27
C PRO D 385 -11.85 4.56 36.32
N PHE D 386 -11.54 3.27 36.18
CA PHE D 386 -10.15 2.84 36.29
C PHE D 386 -9.29 3.47 35.20
N ARG D 387 -9.78 3.48 33.97
CA ARG D 387 -9.00 4.01 32.86
C ARG D 387 -9.01 5.54 32.79
N HIS D 388 -10.08 6.18 33.24
CA HIS D 388 -10.30 7.58 32.95
C HIS D 388 -10.16 8.50 34.16
N SER D 389 -9.75 7.98 35.32
CA SER D 389 -9.56 8.79 36.51
C SER D 389 -8.26 8.41 37.18
N ASP D 390 -7.50 9.43 37.59
CA ASP D 390 -6.17 9.24 38.15
C ASP D 390 -6.22 8.53 39.50
N PRO D 391 -5.12 7.90 39.90
CA PRO D 391 -5.17 7.00 41.07
C PRO D 391 -5.70 7.65 42.34
N GLU D 392 -5.43 8.93 42.58
CA GLU D 392 -5.90 9.56 43.80
C GLU D 392 -7.43 9.51 43.87
N LEU D 393 -8.10 9.89 42.78
CA LEU D 393 -9.55 9.82 42.77
C LEU D 393 -10.07 8.40 42.76
N LEU D 394 -9.33 7.45 42.19
CA LEU D 394 -9.69 6.04 42.35
C LEU D 394 -9.72 5.65 43.81
N LYS D 395 -8.68 6.04 44.56
CA LYS D 395 -8.66 5.74 45.98
C LYS D 395 -9.81 6.42 46.71
N GLN D 396 -10.08 7.68 46.37
CA GLN D 396 -11.20 8.37 47.00
C GLN D 396 -12.51 7.63 46.77
N LYS D 397 -12.78 7.26 45.51
CA LYS D 397 -14.03 6.57 45.19
C LYS D 397 -14.10 5.23 45.88
N LEU D 398 -13.00 4.48 45.89
CA LEU D 398 -13.00 3.17 46.54
C LEU D 398 -13.25 3.30 48.02
N GLN D 399 -12.63 4.29 48.67
CA GLN D 399 -12.94 4.57 50.07
C GLN D 399 -14.42 4.85 50.25
N SER D 400 -14.99 5.70 49.39
CA SER D 400 -16.42 5.99 49.50
C SER D 400 -17.26 4.73 49.27
N TYR D 401 -16.71 3.74 48.58
CA TYR D 401 -17.38 2.47 48.37
C TYR D 401 -17.14 1.47 49.49
N LYS D 402 -16.33 1.83 50.49
CA LYS D 402 -16.10 0.99 51.67
C LYS D 402 -15.52 -0.37 51.27
N ILE D 403 -14.31 -0.32 50.71
CA ILE D 403 -13.57 -1.52 50.36
C ILE D 403 -12.29 -1.55 51.17
N SER D 404 -11.83 -2.75 51.51
CA SER D 404 -10.71 -2.91 52.43
C SER D 404 -9.44 -2.28 51.82
N PRO D 405 -8.56 -1.74 52.67
CA PRO D 405 -7.36 -1.08 52.12
C PRO D 405 -6.49 -1.99 51.28
N GLY D 406 -6.36 -3.26 51.66
CA GLY D 406 -5.59 -4.18 50.83
C GLY D 406 -6.21 -4.39 49.46
N GLY D 407 -7.54 -4.52 49.43
CA GLY D 407 -8.22 -4.58 48.15
C GLY D 407 -7.95 -3.37 47.30
N ILE D 408 -7.97 -2.18 47.91
CA ILE D 408 -7.70 -0.96 47.16
C ILE D 408 -6.27 -0.96 46.64
N SER D 409 -5.32 -1.41 47.47
CA SER D 409 -3.93 -1.45 47.03
C SER D 409 -3.76 -2.37 45.83
N GLN D 410 -4.37 -3.55 45.87
CA GLN D 410 -4.22 -4.46 44.72
C GLN D 410 -4.99 -3.95 43.50
N ILE D 411 -6.12 -3.28 43.71
CA ILE D 411 -6.81 -2.65 42.58
C ILE D 411 -5.92 -1.63 41.91
N LEU D 412 -5.27 -0.77 42.71
CA LEU D 412 -4.38 0.23 42.15
C LEU D 412 -3.20 -0.42 41.44
N ASP D 413 -2.67 -1.51 42.02
CA ASP D 413 -1.57 -2.22 41.38
C ASP D 413 -2.00 -2.74 40.01
N LEU D 414 -3.18 -3.36 39.94
CA LEU D 414 -3.66 -3.88 38.67
C LEU D 414 -3.88 -2.75 37.67
N VAL D 415 -4.42 -1.62 38.13
CA VAL D 415 -4.63 -0.49 37.23
C VAL D 415 -3.31 0.00 36.67
N LYS D 416 -2.29 0.12 37.52
CA LYS D 416 -0.97 0.50 37.04
C LYS D 416 -0.48 -0.45 35.95
N GLY D 417 -0.88 -1.72 36.04
CA GLY D 417 -0.59 -2.68 34.99
C GLY D 417 -1.55 -2.64 33.83
N THR D 418 -2.35 -1.59 33.74
CA THR D 418 -3.30 -1.36 32.64
C THR D 418 -4.22 -2.56 32.40
N HIS D 419 -4.47 -3.37 33.43
CA HIS D 419 -5.46 -4.44 33.36
C HIS D 419 -6.73 -3.93 34.03
N TYR D 420 -7.44 -3.05 33.34
CA TYR D 420 -8.60 -2.40 33.93
C TYR D 420 -9.72 -3.40 34.19
N GLN D 421 -9.98 -4.29 33.24
CA GLN D 421 -11.08 -5.25 33.43
C GLN D 421 -10.77 -6.22 34.55
N VAL D 422 -9.51 -6.64 34.69
CA VAL D 422 -9.15 -7.51 35.80
C VAL D 422 -9.33 -6.76 37.12
N ALA D 423 -9.03 -5.45 37.13
CA ALA D 423 -9.27 -4.65 38.32
C ALA D 423 -10.75 -4.61 38.66
N CYS D 424 -11.61 -4.45 37.65
CA CYS D 424 -13.05 -4.46 37.90
C CYS D 424 -13.50 -5.81 38.41
N GLN D 425 -12.90 -6.89 37.90
CA GLN D 425 -13.21 -8.22 38.39
C GLN D 425 -12.86 -8.36 39.87
N LYS D 426 -11.68 -7.87 40.25
CA LYS D 426 -11.28 -7.91 41.65
C LYS D 426 -12.21 -7.05 42.51
N TYR D 427 -12.63 -5.90 41.98
CA TYR D 427 -13.61 -5.07 42.70
C TYR D 427 -14.93 -5.82 42.89
N PHE D 428 -15.36 -6.55 41.86
CA PHE D 428 -16.54 -7.38 41.99
C PHE D 428 -16.38 -8.37 43.12
N GLU D 429 -15.24 -9.07 43.14
CA GLU D 429 -15.01 -10.04 44.21
C GLU D 429 -15.03 -9.37 45.57
N MET D 430 -14.43 -8.18 45.67
CA MET D 430 -14.37 -7.48 46.96
C MET D 430 -15.78 -7.11 47.44
N ILE D 431 -16.56 -6.44 46.58
CA ILE D 431 -17.86 -5.96 47.03
C ILE D 431 -18.81 -7.13 47.28
N HIS D 432 -18.72 -8.18 46.49
CA HIS D 432 -19.58 -9.35 46.68
C HIS D 432 -19.05 -10.29 47.75
N ASN D 433 -17.90 -9.99 48.36
CA ASN D 433 -17.37 -10.76 49.47
C ASN D 433 -17.17 -12.22 49.08
N VAL D 434 -16.59 -12.45 47.90
CA VAL D 434 -16.29 -13.78 47.40
C VAL D 434 -14.81 -13.83 47.02
N ASP D 435 -14.34 -15.05 46.72
CA ASP D 435 -12.94 -15.27 46.40
C ASP D 435 -12.70 -15.24 44.89
N ASP D 436 -13.49 -15.99 44.14
CA ASP D 436 -13.37 -16.07 42.68
C ASP D 436 -14.71 -15.71 42.06
N CYS D 437 -14.69 -14.77 41.12
CA CYS D 437 -15.94 -14.36 40.48
C CYS D 437 -16.47 -15.43 39.54
N GLY D 438 -15.59 -16.22 38.93
CA GLY D 438 -16.02 -17.32 38.10
C GLY D 438 -16.30 -16.98 36.65
N PHE D 439 -15.76 -15.89 36.15
CA PHE D 439 -15.96 -15.48 34.76
C PHE D 439 -14.90 -14.45 34.41
N SER D 440 -15.06 -13.80 33.27
CA SER D 440 -14.15 -12.75 32.81
C SER D 440 -15.01 -11.63 32.23
N LEU D 441 -15.22 -10.57 33.01
CA LEU D 441 -16.13 -9.52 32.60
C LEU D 441 -15.61 -8.81 31.36
N ASN D 442 -16.51 -8.57 30.41
CA ASN D 442 -16.21 -7.73 29.26
C ASN D 442 -17.35 -6.78 28.93
N HIS D 443 -18.42 -6.76 29.72
CA HIS D 443 -19.60 -5.98 29.45
C HIS D 443 -20.23 -5.61 30.78
N PRO D 444 -20.57 -4.34 31.01
CA PRO D 444 -21.20 -3.98 32.30
C PRO D 444 -22.47 -4.76 32.58
N ASN D 445 -23.29 -5.03 31.55
CA ASN D 445 -24.51 -5.79 31.78
C ASN D 445 -24.19 -7.20 32.25
N GLN D 446 -23.07 -7.77 31.81
CA GLN D 446 -22.63 -9.05 32.35
C GLN D 446 -22.28 -8.91 33.82
N PHE D 447 -21.64 -7.80 34.19
CA PHE D 447 -21.40 -7.52 35.60
C PHE D 447 -22.70 -7.58 36.39
N PHE D 448 -23.71 -6.85 35.93
CA PHE D 448 -24.98 -6.81 36.66
C PHE D 448 -25.65 -8.17 36.68
N CYS D 449 -25.61 -8.90 35.57
CA CYS D 449 -26.25 -10.20 35.51
C CYS D 449 -25.60 -11.17 36.49
N GLU D 450 -24.27 -11.20 36.54
CA GLU D 450 -23.59 -12.08 37.48
C GLU D 450 -23.89 -11.66 38.91
N SER D 451 -23.91 -10.35 39.18
CA SER D 451 -24.23 -9.89 40.52
C SER D 451 -25.62 -10.35 40.93
N GLN D 452 -26.61 -10.21 40.04
CA GLN D 452 -27.96 -10.67 40.34
C GLN D 452 -27.99 -12.18 40.54
N ARG D 453 -27.20 -12.92 39.75
CA ARG D 453 -27.09 -14.35 39.96
C ARG D 453 -26.58 -14.67 41.36
N ILE D 454 -25.66 -13.86 41.87
CA ILE D 454 -25.23 -13.99 43.26
C ILE D 454 -26.33 -13.52 44.20
N LEU D 455 -27.27 -12.74 43.71
CA LEU D 455 -28.34 -12.17 44.55
C LEU D 455 -27.74 -11.40 45.71
ZN ZN E . 61.07 -15.19 35.30
MN MN F . 49.32 -11.83 21.25
MN MN G . 47.04 -7.16 23.38
PG ATP H . 54.20 -10.83 22.49
O1G ATP H . 55.01 -9.83 23.28
O2G ATP H . 54.78 -12.22 22.64
O3G ATP H . 54.19 -10.44 21.03
PB ATP H . 51.41 -11.69 22.48
O1B ATP H . 51.60 -11.90 21.00
O2B ATP H . 51.31 -13.00 23.21
O3B ATP H . 52.66 -10.78 23.08
PA ATP H . 50.17 -9.24 23.33
O1A ATP H . 51.19 -8.46 22.53
O2A ATP H . 50.59 -9.27 24.78
O3A ATP H . 50.06 -10.77 22.72
O5' ATP H . 48.69 -8.53 23.16
C5' ATP H . 47.63 -9.38 22.77
C4' ATP H . 47.58 -9.63 21.30
O4' ATP H . 46.58 -8.97 20.81
C3' ATP H . 48.95 -9.11 20.48
O3' ATP H . 49.94 -10.19 20.37
C2' ATP H . 48.56 -8.79 19.35
O2' ATP H . 48.54 -9.99 18.44
C1' ATP H . 47.06 -8.24 19.58
N9 ATP H . 47.06 -6.93 19.78
C8 ATP H . 47.32 -6.49 21.02
N7 ATP H . 47.28 -5.16 21.00
C5 ATP H . 46.98 -4.77 19.76
C6 ATP H . 46.80 -3.53 19.20
N6 ATP H . 46.88 -2.21 19.80
N1 ATP H . 46.50 -3.42 17.92
C2 ATP H . 46.36 -4.52 17.15
N3 ATP H . 46.54 -5.75 17.70
C4 ATP H . 46.84 -5.86 19.01
H5'1 ATP H . 46.79 -8.99 23.05
H5'2 ATP H . 47.75 -10.23 23.24
H4' ATP H . 47.46 -10.58 21.13
H3' ATP H . 49.33 -8.34 20.91
HO3' ATP H . 49.62 -10.82 19.89
H2' ATP H . 49.11 -8.08 18.98
HO2' ATP H . 48.56 -9.73 17.64
H1' ATP H . 46.50 -8.47 18.82
H8 ATP H . 47.52 -7.02 21.76
HN61 ATP H . 46.47 -1.55 19.44
HN62 ATP H . 47.36 -2.09 20.51
H2 ATP H . 46.15 -4.44 16.25
ZN ZN I . -52.42 -22.67 0.65
ZN ZN J . -22.31 13.31 -6.95
FE1 SF4 K . -16.19 -2.49 32.40
FE2 SF4 K . -14.75 -0.43 33.48
FE3 SF4 K . -15.82 -2.36 35.10
FE4 SF4 K . -17.46 -0.55 33.85
S1 SF4 K . -15.88 -0.11 35.43
S2 SF4 K . -17.77 -2.81 34.01
S3 SF4 K . -16.36 -0.28 31.87
S4 SF4 K . -14.22 -2.64 33.51
#